data_7OZ0
#
_entry.id   7OZ0
#
_entity_poly.entity_id   1
_entity_poly.type   'polypeptide(L)'
_entity_poly.pdbx_seq_one_letter_code
;MAEAMDLGKDPNGPTHSSTLFVRDDGSSMSFYVRPSPAKRRLSTLILHGGGTVCRVQEPGAVLLAQPGEALAEASGDFIS
TQYILDCVERNERLELEAYRLGPASAADTGSEAK
;
_entity_poly.pdbx_strand_id   A
#
# COMPACT_ATOMS: atom_id res chain seq x y z
N MET A 1 20.64 44.74 -19.43
CA MET A 1 19.58 43.98 -18.73
C MET A 1 19.59 42.54 -19.21
N ALA A 2 19.19 41.63 -18.35
CA ALA A 2 19.18 40.23 -18.69
C ALA A 2 18.13 39.49 -17.90
N GLU A 3 17.76 38.32 -18.37
CA GLU A 3 16.78 37.49 -17.73
C GLU A 3 17.00 36.04 -18.08
N ALA A 4 16.92 35.18 -17.10
CA ALA A 4 17.11 33.77 -17.32
C ALA A 4 15.95 32.98 -16.74
N MET A 5 15.25 32.28 -17.60
CA MET A 5 14.10 31.50 -17.18
C MET A 5 14.36 30.01 -17.40
N ASP A 6 14.31 29.26 -16.32
CA ASP A 6 14.51 27.82 -16.39
C ASP A 6 13.15 27.14 -16.36
N LEU A 7 12.95 26.18 -17.24
CA LEU A 7 11.68 25.50 -17.32
C LEU A 7 11.84 24.05 -17.71
N GLY A 8 10.93 23.22 -17.25
CA GLY A 8 10.95 21.82 -17.59
C GLY A 8 9.79 21.47 -18.49
N LYS A 9 9.12 20.37 -18.20
CA LYS A 9 7.97 19.96 -19.00
C LYS A 9 7.02 19.11 -18.16
N ASP A 10 5.76 19.12 -18.54
CA ASP A 10 4.75 18.35 -17.84
C ASP A 10 4.81 16.90 -18.29
N PRO A 11 4.46 15.96 -17.39
CA PRO A 11 4.50 14.52 -17.71
C PRO A 11 3.57 14.16 -18.86
N ASN A 12 4.16 13.65 -19.93
CA ASN A 12 3.39 13.26 -21.10
C ASN A 12 2.96 11.80 -20.98
N GLY A 13 3.45 11.15 -19.94
CA GLY A 13 3.13 9.77 -19.70
C GLY A 13 1.78 9.60 -19.01
N PRO A 14 1.56 8.44 -18.38
CA PRO A 14 0.30 8.14 -17.70
C PRO A 14 0.15 8.90 -16.37
N THR A 15 -1.00 8.74 -15.73
CA THR A 15 -1.29 9.40 -14.48
C THR A 15 -0.78 8.62 -13.26
N HIS A 16 -0.02 7.58 -13.51
CA HIS A 16 0.53 6.78 -12.43
C HIS A 16 1.89 7.33 -12.04
N SER A 17 2.00 7.80 -10.81
CA SER A 17 3.22 8.42 -10.33
C SER A 17 4.22 7.38 -9.83
N SER A 18 5.49 7.68 -9.99
CA SER A 18 6.55 6.80 -9.53
C SER A 18 6.88 7.08 -8.06
N THR A 19 6.32 8.18 -7.53
CA THR A 19 6.52 8.56 -6.14
C THR A 19 5.18 8.63 -5.41
N LEU A 20 4.22 7.85 -5.90
CA LEU A 20 2.88 7.82 -5.35
C LEU A 20 2.86 7.19 -3.94
N PHE A 21 3.66 6.14 -3.78
CA PHE A 21 3.72 5.41 -2.51
C PHE A 21 4.82 5.96 -1.60
N VAL A 22 5.47 7.00 -2.06
CA VAL A 22 6.53 7.61 -1.29
C VAL A 22 6.00 8.78 -0.46
N ARG A 23 6.41 8.85 0.79
CA ARG A 23 5.97 9.92 1.69
C ARG A 23 6.78 11.19 1.44
N ASP A 24 6.38 12.29 2.09
CA ASP A 24 7.04 13.59 1.90
C ASP A 24 8.50 13.53 2.32
N ASP A 25 8.78 12.77 3.36
CA ASP A 25 10.14 12.62 3.88
C ASP A 25 10.98 11.74 2.96
N GLY A 26 10.34 11.17 1.95
CA GLY A 26 11.03 10.29 1.04
C GLY A 26 11.00 8.86 1.52
N SER A 27 10.43 8.67 2.70
CA SER A 27 10.33 7.36 3.29
C SER A 27 9.39 6.47 2.49
N SER A 28 9.91 5.36 2.01
CA SER A 28 9.12 4.39 1.31
C SER A 28 8.56 3.38 2.31
N MET A 29 7.25 3.36 2.45
CA MET A 29 6.63 2.47 3.42
C MET A 29 6.54 1.04 2.92
N SER A 30 6.50 0.11 3.86
CA SER A 30 6.44 -1.30 3.54
C SER A 30 5.03 -1.83 3.77
N PHE A 31 4.48 -2.43 2.74
CA PHE A 31 3.14 -2.96 2.80
C PHE A 31 3.15 -4.47 2.66
N TYR A 32 2.58 -5.15 3.64
CA TYR A 32 2.54 -6.59 3.67
C TYR A 32 1.27 -7.11 3.04
N VAL A 33 1.43 -7.95 2.06
CA VAL A 33 0.31 -8.52 1.35
C VAL A 33 0.04 -9.95 1.81
N ARG A 34 -1.21 -10.22 2.16
CA ARG A 34 -1.60 -11.55 2.58
C ARG A 34 -1.51 -12.52 1.40
N PRO A 35 -0.86 -13.69 1.61
CA PRO A 35 -0.73 -14.72 0.57
C PRO A 35 -2.06 -15.04 -0.10
N SER A 36 -2.21 -14.61 -1.34
CA SER A 36 -3.43 -14.79 -2.11
C SER A 36 -3.15 -14.49 -3.58
N PRO A 37 -4.05 -14.90 -4.51
CA PRO A 37 -3.87 -14.64 -5.95
C PRO A 37 -3.89 -13.14 -6.31
N ALA A 38 -4.32 -12.31 -5.36
CA ALA A 38 -4.39 -10.87 -5.58
C ALA A 38 -3.06 -10.21 -5.24
N LYS A 39 -2.21 -10.97 -4.54
CA LYS A 39 -0.89 -10.50 -4.11
C LYS A 39 -0.06 -9.96 -5.28
N ARG A 40 -0.06 -10.67 -6.40
CA ARG A 40 0.72 -10.27 -7.57
C ARG A 40 0.22 -8.95 -8.13
N ARG A 41 -1.08 -8.73 -8.10
CA ARG A 41 -1.68 -7.52 -8.63
C ARG A 41 -1.35 -6.32 -7.74
N LEU A 42 -1.34 -6.54 -6.45
CA LEU A 42 -1.05 -5.47 -5.50
C LEU A 42 0.44 -5.12 -5.48
N SER A 43 1.28 -6.15 -5.41
CA SER A 43 2.74 -5.96 -5.33
C SER A 43 3.29 -5.13 -6.49
N THR A 44 2.86 -5.45 -7.72
CA THR A 44 3.33 -4.75 -8.90
C THR A 44 2.93 -3.27 -8.86
N LEU A 45 1.79 -2.97 -8.25
CA LEU A 45 1.32 -1.60 -8.12
C LEU A 45 2.10 -0.86 -7.04
N ILE A 46 2.31 -1.53 -5.92
CA ILE A 46 3.03 -0.96 -4.80
C ILE A 46 4.45 -0.55 -5.18
N LEU A 47 5.17 -1.47 -5.78
CA LEU A 47 6.55 -1.20 -6.20
C LEU A 47 6.61 -0.14 -7.29
N HIS A 48 5.62 -0.13 -8.16
CA HIS A 48 5.55 0.86 -9.24
C HIS A 48 5.32 2.25 -8.67
N GLY A 49 4.55 2.31 -7.59
CA GLY A 49 4.27 3.58 -6.95
C GLY A 49 5.43 4.08 -6.11
N GLY A 50 6.45 3.24 -5.98
CA GLY A 50 7.61 3.61 -5.20
C GLY A 50 7.56 3.08 -3.78
N GLY A 51 6.71 2.09 -3.55
CA GLY A 51 6.59 1.52 -2.22
C GLY A 51 7.27 0.18 -2.14
N THR A 52 7.41 -0.32 -0.93
CA THR A 52 8.05 -1.61 -0.71
C THR A 52 7.02 -2.64 -0.27
N VAL A 53 7.03 -3.80 -0.88
CA VAL A 53 6.09 -4.84 -0.54
C VAL A 53 6.76 -5.91 0.32
N CYS A 54 6.04 -6.37 1.32
CA CYS A 54 6.55 -7.40 2.20
C CYS A 54 5.86 -8.72 1.94
N ARG A 55 6.66 -9.77 1.82
CA ARG A 55 6.15 -11.11 1.57
C ARG A 55 5.68 -11.72 2.88
N VAL A 56 6.38 -11.37 3.94
CA VAL A 56 6.04 -11.82 5.27
C VAL A 56 5.77 -10.60 6.14
N GLN A 57 5.12 -10.80 7.27
CA GLN A 57 4.78 -9.69 8.14
C GLN A 57 6.05 -9.07 8.74
N GLU A 58 6.46 -7.95 8.19
CA GLU A 58 7.63 -7.25 8.66
C GLU A 58 7.27 -6.27 9.78
N PRO A 59 8.24 -5.94 10.64
CA PRO A 59 8.03 -5.01 11.74
C PRO A 59 7.68 -3.61 11.25
N GLY A 60 6.42 -3.23 11.41
CA GLY A 60 5.98 -1.93 10.99
C GLY A 60 5.37 -1.94 9.60
N ALA A 61 5.19 -3.14 9.06
CA ALA A 61 4.60 -3.27 7.74
C ALA A 61 3.09 -3.23 7.84
N VAL A 62 2.46 -2.59 6.87
CA VAL A 62 1.02 -2.46 6.84
C VAL A 62 0.39 -3.77 6.37
N LEU A 63 -0.59 -4.26 7.12
CA LEU A 63 -1.26 -5.51 6.76
C LEU A 63 -2.35 -5.27 5.72
N LEU A 64 -2.28 -5.99 4.61
CA LEU A 64 -3.25 -5.84 3.52
C LEU A 64 -4.08 -7.10 3.32
N ALA A 65 -5.36 -6.89 3.07
CA ALA A 65 -6.29 -7.98 2.82
C ALA A 65 -7.35 -7.54 1.85
N GLN A 66 -7.85 -8.48 1.09
CA GLN A 66 -8.88 -8.20 0.10
C GLN A 66 -10.24 -8.14 0.78
N PRO A 67 -11.14 -7.27 0.31
CA PRO A 67 -12.50 -7.16 0.86
C PRO A 67 -13.26 -8.49 0.70
N GLY A 68 -13.84 -8.70 -0.47
CA GLY A 68 -14.52 -9.96 -0.75
C GLY A 68 -15.92 -10.06 -0.18
N GLU A 69 -16.19 -9.29 0.85
CA GLU A 69 -17.47 -9.32 1.51
C GLU A 69 -17.82 -7.97 2.12
N ALA A 70 -18.97 -7.91 2.78
CA ALA A 70 -19.43 -6.68 3.40
C ALA A 70 -18.62 -6.38 4.66
N LEU A 71 -17.97 -7.40 5.19
CA LEU A 71 -17.13 -7.24 6.38
C LEU A 71 -15.66 -7.22 5.99
N ALA A 72 -15.02 -8.40 5.97
CA ALA A 72 -13.60 -8.53 5.60
C ALA A 72 -13.09 -9.94 5.84
N GLU A 73 -12.03 -10.31 5.11
CA GLU A 73 -11.37 -11.59 5.31
C GLU A 73 -10.29 -11.43 6.38
N ALA A 74 -10.20 -10.22 6.90
CA ALA A 74 -9.20 -9.85 7.87
C ALA A 74 -9.31 -10.64 9.16
N SER A 75 -8.19 -11.19 9.59
CA SER A 75 -8.11 -11.93 10.83
C SER A 75 -7.91 -10.94 12.00
N GLY A 76 -7.36 -9.78 11.66
CA GLY A 76 -7.12 -8.75 12.64
C GLY A 76 -7.21 -7.40 11.99
N ASP A 77 -6.21 -6.56 12.20
CA ASP A 77 -6.18 -5.26 11.58
C ASP A 77 -5.64 -5.39 10.18
N PHE A 78 -6.40 -4.94 9.21
CA PHE A 78 -6.01 -5.04 7.81
C PHE A 78 -6.56 -3.87 7.01
N ILE A 79 -5.81 -3.48 5.99
CA ILE A 79 -6.21 -2.39 5.11
C ILE A 79 -6.84 -2.96 3.84
N SER A 80 -7.81 -2.23 3.30
CA SER A 80 -8.47 -2.63 2.06
C SER A 80 -7.54 -2.45 0.88
N THR A 81 -7.54 -3.41 -0.01
CA THR A 81 -6.72 -3.37 -1.21
C THR A 81 -7.09 -2.19 -2.11
N GLN A 82 -8.33 -1.72 -1.94
CA GLN A 82 -8.86 -0.58 -2.71
C GLN A 82 -7.94 0.65 -2.62
N TYR A 83 -7.22 0.75 -1.51
CA TYR A 83 -6.31 1.87 -1.29
C TYR A 83 -5.31 2.02 -2.43
N ILE A 84 -4.92 0.88 -3.04
CA ILE A 84 -3.97 0.87 -4.14
C ILE A 84 -4.46 1.76 -5.28
N LEU A 85 -5.70 1.56 -5.68
CA LEU A 85 -6.26 2.28 -6.79
C LEU A 85 -6.65 3.70 -6.40
N ASP A 86 -7.18 3.86 -5.20
CA ASP A 86 -7.65 5.16 -4.74
C ASP A 86 -6.47 6.14 -4.61
N CYS A 87 -5.38 5.66 -4.03
CA CYS A 87 -4.20 6.50 -3.83
C CYS A 87 -3.65 7.02 -5.15
N VAL A 88 -3.53 6.13 -6.12
CA VAL A 88 -2.97 6.53 -7.40
C VAL A 88 -3.98 7.37 -8.19
N GLU A 89 -5.26 7.07 -8.04
CA GLU A 89 -6.31 7.81 -8.73
C GLU A 89 -6.30 9.27 -8.28
N ARG A 90 -6.07 9.48 -6.99
CA ARG A 90 -6.02 10.83 -6.44
C ARG A 90 -4.63 11.45 -6.63
N ASN A 91 -3.67 10.64 -7.07
CA ASN A 91 -2.28 11.09 -7.26
C ASN A 91 -1.71 11.64 -5.97
N GLU A 92 -2.07 11.00 -4.86
CA GLU A 92 -1.63 11.43 -3.55
C GLU A 92 -1.69 10.28 -2.57
N ARG A 93 -0.73 10.19 -1.67
CA ARG A 93 -0.76 9.19 -0.64
C ARG A 93 -1.88 9.55 0.34
N LEU A 94 -2.94 8.79 0.28
CA LEU A 94 -4.14 9.07 1.04
C LEU A 94 -4.09 8.44 2.41
N GLU A 95 -4.90 8.97 3.31
CA GLU A 95 -4.99 8.49 4.68
C GLU A 95 -5.30 7.00 4.74
N LEU A 96 -4.26 6.22 4.98
CA LEU A 96 -4.34 4.77 5.06
C LEU A 96 -5.36 4.32 6.10
N GLU A 97 -5.40 5.05 7.20
CA GLU A 97 -6.33 4.80 8.31
C GLU A 97 -7.80 4.73 7.85
N ALA A 98 -8.11 5.42 6.76
CA ALA A 98 -9.47 5.45 6.24
C ALA A 98 -9.79 4.18 5.45
N TYR A 99 -8.77 3.39 5.17
CA TYR A 99 -8.94 2.18 4.37
C TYR A 99 -8.92 0.93 5.22
N ARG A 100 -9.01 1.09 6.53
CA ARG A 100 -9.03 -0.06 7.43
C ARG A 100 -10.28 -0.89 7.23
N LEU A 101 -10.11 -2.19 7.13
CA LEU A 101 -11.22 -3.10 6.93
C LEU A 101 -11.73 -3.66 8.24
N GLY A 102 -10.98 -4.56 8.80
CA GLY A 102 -11.38 -5.19 10.04
C GLY A 102 -10.78 -4.53 11.25
N PRO A 103 -11.55 -4.41 12.33
CA PRO A 103 -11.07 -3.81 13.58
C PRO A 103 -10.20 -4.79 14.36
N ALA A 104 -9.51 -4.28 15.34
CA ALA A 104 -8.64 -5.11 16.16
C ALA A 104 -8.57 -4.60 17.57
N SER A 105 -8.13 -5.44 18.48
CA SER A 105 -7.96 -5.07 19.86
C SER A 105 -6.74 -4.14 20.00
N ALA A 106 -7.01 -2.86 20.14
CA ALA A 106 -5.94 -1.88 20.23
C ALA A 106 -5.26 -1.96 21.59
N ALA A 107 -4.00 -2.35 21.56
CA ALA A 107 -3.21 -2.46 22.77
C ALA A 107 -2.24 -1.29 22.86
N ASP A 108 -1.83 -0.96 24.08
CA ASP A 108 -0.90 0.14 24.29
C ASP A 108 0.46 -0.21 23.70
N THR A 109 0.80 -1.47 23.73
CA THR A 109 2.04 -1.95 23.17
C THR A 109 1.77 -3.10 22.21
N GLY A 110 1.78 -2.80 20.92
CA GLY A 110 1.53 -3.82 19.93
C GLY A 110 2.15 -3.49 18.59
N SER A 111 3.16 -2.64 18.60
CA SER A 111 3.84 -2.25 17.40
C SER A 111 5.26 -2.81 17.40
N GLU A 112 6.06 -2.42 16.44
CA GLU A 112 7.42 -2.88 16.33
C GLU A 112 8.31 -1.80 15.72
N ALA A 113 9.56 -1.78 16.13
CA ALA A 113 10.51 -0.80 15.65
C ALA A 113 11.88 -1.44 15.52
N LYS A 114 12.69 -0.92 14.63
CA LYS A 114 14.03 -1.46 14.42
C LYS A 114 15.08 -0.40 14.75
N MET A 1 29.89 15.19 -26.05
CA MET A 1 30.44 14.78 -24.73
C MET A 1 29.92 15.68 -23.62
N ALA A 2 29.54 15.07 -22.50
CA ALA A 2 29.08 15.79 -21.31
C ALA A 2 27.85 16.66 -21.61
N GLU A 3 27.01 16.20 -22.53
CA GLU A 3 25.81 16.93 -22.86
C GLU A 3 24.60 16.07 -22.59
N ALA A 4 23.87 16.42 -21.57
CA ALA A 4 22.70 15.67 -21.16
C ALA A 4 21.50 16.57 -21.00
N MET A 5 20.34 16.03 -21.30
CA MET A 5 19.10 16.76 -21.15
C MET A 5 18.38 16.28 -19.91
N ASP A 6 17.77 17.20 -19.18
CA ASP A 6 17.03 16.85 -17.98
C ASP A 6 15.85 15.95 -18.33
N LEU A 7 16.01 14.66 -18.05
CA LEU A 7 14.96 13.71 -18.32
C LEU A 7 13.93 13.72 -17.21
N GLY A 8 12.88 14.49 -17.38
CA GLY A 8 11.84 14.58 -16.39
C GLY A 8 10.54 15.04 -16.98
N LYS A 9 9.44 14.63 -16.36
CA LYS A 9 8.10 14.98 -16.83
C LYS A 9 7.92 14.57 -18.29
N ASP A 10 7.93 13.29 -18.54
CA ASP A 10 7.75 12.78 -19.88
C ASP A 10 6.28 12.76 -20.24
N PRO A 11 5.91 13.30 -21.41
CA PRO A 11 4.52 13.36 -21.86
C PRO A 11 3.88 11.97 -22.02
N ASN A 12 4.71 10.96 -22.19
CA ASN A 12 4.23 9.59 -22.35
C ASN A 12 4.32 8.85 -21.04
N GLY A 13 4.73 9.56 -19.99
CA GLY A 13 4.86 8.96 -18.69
C GLY A 13 3.54 8.46 -18.15
N PRO A 14 3.58 7.49 -17.23
CA PRO A 14 2.38 6.91 -16.64
C PRO A 14 1.61 7.89 -15.78
N THR A 15 0.29 7.77 -15.78
CA THR A 15 -0.57 8.61 -14.97
C THR A 15 -0.41 8.26 -13.50
N HIS A 16 -0.05 7.01 -13.26
CA HIS A 16 0.22 6.53 -11.93
C HIS A 16 1.55 7.02 -11.48
N SER A 17 1.54 7.80 -10.42
CA SER A 17 2.71 8.39 -9.86
C SER A 17 3.71 7.31 -9.41
N SER A 18 4.91 7.36 -9.98
CA SER A 18 5.97 6.41 -9.64
C SER A 18 6.59 6.75 -8.28
N THR A 19 6.10 7.82 -7.68
CA THR A 19 6.55 8.24 -6.36
C THR A 19 5.36 8.29 -5.41
N LEU A 20 4.26 7.67 -5.81
CA LEU A 20 3.00 7.68 -5.07
C LEU A 20 3.16 7.03 -3.69
N PHE A 21 3.94 5.96 -3.63
CA PHE A 21 4.13 5.23 -2.39
C PHE A 21 5.29 5.78 -1.58
N VAL A 22 5.87 6.86 -2.08
CA VAL A 22 6.95 7.52 -1.38
C VAL A 22 6.38 8.72 -0.65
N ARG A 23 6.57 8.75 0.65
CA ARG A 23 6.04 9.85 1.45
C ARG A 23 6.94 11.06 1.35
N ASP A 24 6.45 12.21 1.82
CA ASP A 24 7.21 13.47 1.77
C ASP A 24 8.47 13.37 2.62
N ASP A 25 8.50 12.37 3.50
CA ASP A 25 9.66 12.13 4.35
C ASP A 25 10.81 11.56 3.53
N GLY A 26 10.51 11.18 2.30
CA GLY A 26 11.52 10.60 1.44
C GLY A 26 11.61 9.10 1.59
N SER A 27 11.05 8.59 2.68
CA SER A 27 11.06 7.18 2.97
C SER A 27 9.87 6.48 2.33
N SER A 28 10.12 5.32 1.76
CA SER A 28 9.07 4.51 1.18
C SER A 28 8.49 3.57 2.23
N MET A 29 7.18 3.47 2.27
CA MET A 29 6.52 2.62 3.27
C MET A 29 6.43 1.18 2.78
N SER A 30 6.51 0.23 3.70
CA SER A 30 6.43 -1.18 3.37
C SER A 30 5.03 -1.71 3.68
N PHE A 31 4.47 -2.45 2.74
CA PHE A 31 3.14 -2.99 2.89
C PHE A 31 3.16 -4.51 2.73
N TYR A 32 2.59 -5.20 3.71
CA TYR A 32 2.53 -6.65 3.69
C TYR A 32 1.22 -7.13 3.09
N VAL A 33 1.33 -7.92 2.05
CA VAL A 33 0.17 -8.45 1.38
C VAL A 33 -0.09 -9.89 1.83
N ARG A 34 -1.34 -10.18 2.19
CA ARG A 34 -1.71 -11.52 2.62
C ARG A 34 -1.58 -12.50 1.46
N PRO A 35 -1.27 -13.78 1.76
CA PRO A 35 -1.16 -14.83 0.72
C PRO A 35 -2.45 -14.93 -0.09
N SER A 36 -2.40 -14.43 -1.31
CA SER A 36 -3.53 -14.41 -2.20
C SER A 36 -3.07 -14.08 -3.61
N PRO A 37 -3.79 -14.53 -4.65
CA PRO A 37 -3.43 -14.24 -6.05
C PRO A 37 -3.41 -12.74 -6.34
N ALA A 38 -4.29 -12.01 -5.65
CA ALA A 38 -4.42 -10.57 -5.84
C ALA A 38 -3.18 -9.81 -5.42
N LYS A 39 -2.39 -10.40 -4.50
CA LYS A 39 -1.18 -9.74 -4.01
C LYS A 39 -0.21 -9.45 -5.15
N ARG A 40 -0.22 -10.33 -6.16
CA ARG A 40 0.64 -10.18 -7.32
C ARG A 40 0.28 -8.90 -8.07
N ARG A 41 -1.02 -8.64 -8.15
CA ARG A 41 -1.54 -7.47 -8.85
C ARG A 41 -1.20 -6.21 -8.08
N LEU A 42 -1.20 -6.31 -6.76
CA LEU A 42 -0.90 -5.20 -5.89
C LEU A 42 0.59 -4.89 -5.89
N SER A 43 1.41 -5.93 -5.80
CA SER A 43 2.86 -5.80 -5.70
C SER A 43 3.45 -4.94 -6.81
N THR A 44 3.06 -5.21 -8.05
CA THR A 44 3.57 -4.43 -9.18
C THR A 44 3.24 -2.94 -9.03
N LEU A 45 2.03 -2.64 -8.58
CA LEU A 45 1.62 -1.25 -8.38
C LEU A 45 2.36 -0.63 -7.20
N ILE A 46 2.57 -1.42 -6.15
CA ILE A 46 3.29 -0.96 -4.96
C ILE A 46 4.72 -0.57 -5.32
N LEU A 47 5.39 -1.44 -6.05
CA LEU A 47 6.76 -1.18 -6.47
C LEU A 47 6.82 -0.07 -7.51
N HIS A 48 5.80 0.03 -8.35
CA HIS A 48 5.73 1.10 -9.34
C HIS A 48 5.62 2.45 -8.66
N GLY A 49 4.89 2.47 -7.54
CA GLY A 49 4.72 3.69 -6.79
C GLY A 49 5.93 4.05 -5.97
N GLY A 50 6.95 3.20 -6.03
CA GLY A 50 8.17 3.46 -5.30
C GLY A 50 8.14 2.91 -3.89
N GLY A 51 7.19 2.04 -3.62
CA GLY A 51 7.07 1.46 -2.30
C GLY A 51 7.73 0.11 -2.23
N THR A 52 7.49 -0.60 -1.15
CA THR A 52 8.04 -1.93 -0.97
C THR A 52 6.99 -2.88 -0.42
N VAL A 53 6.90 -4.04 -1.01
CA VAL A 53 5.94 -5.02 -0.58
C VAL A 53 6.61 -6.11 0.26
N CYS A 54 5.97 -6.51 1.32
CA CYS A 54 6.49 -7.52 2.20
C CYS A 54 5.81 -8.86 1.92
N ARG A 55 6.62 -9.91 1.78
CA ARG A 55 6.10 -11.24 1.50
C ARG A 55 5.51 -11.85 2.75
N VAL A 56 6.05 -11.46 3.88
CA VAL A 56 5.60 -11.92 5.17
C VAL A 56 5.36 -10.71 6.07
N GLN A 57 4.66 -10.92 7.17
CA GLN A 57 4.35 -9.84 8.07
C GLN A 57 5.64 -9.30 8.70
N GLU A 58 6.07 -8.14 8.24
CA GLU A 58 7.29 -7.54 8.72
C GLU A 58 7.02 -6.49 9.79
N PRO A 59 7.97 -6.30 10.71
CA PRO A 59 7.85 -5.32 11.78
C PRO A 59 7.79 -3.89 11.23
N GLY A 60 6.63 -3.28 11.34
CA GLY A 60 6.46 -1.92 10.87
C GLY A 60 5.77 -1.87 9.53
N ALA A 61 5.43 -3.02 8.99
CA ALA A 61 4.76 -3.10 7.71
C ALA A 61 3.25 -3.13 7.90
N VAL A 62 2.55 -2.41 7.04
CA VAL A 62 1.09 -2.38 7.10
C VAL A 62 0.51 -3.69 6.57
N LEU A 63 -0.48 -4.23 7.26
CA LEU A 63 -1.08 -5.48 6.86
C LEU A 63 -2.20 -5.26 5.84
N LEU A 64 -2.08 -5.90 4.68
CA LEU A 64 -3.06 -5.75 3.61
C LEU A 64 -3.86 -7.02 3.36
N ALA A 65 -5.15 -6.83 3.14
CA ALA A 65 -6.05 -7.92 2.86
C ALA A 65 -7.13 -7.47 1.91
N GLN A 66 -7.78 -8.40 1.28
CA GLN A 66 -8.86 -8.08 0.38
C GLN A 66 -10.12 -7.88 1.17
N PRO A 67 -10.92 -6.85 0.84
CA PRO A 67 -12.19 -6.58 1.52
C PRO A 67 -13.13 -7.75 1.34
N GLY A 68 -13.33 -8.15 0.09
CA GLY A 68 -14.15 -9.29 -0.19
C GLY A 68 -15.62 -8.96 -0.21
N GLU A 69 -15.98 -7.78 0.31
CA GLU A 69 -17.37 -7.32 0.39
C GLU A 69 -18.15 -8.28 1.27
N ALA A 70 -17.45 -8.84 2.23
CA ALA A 70 -18.01 -9.80 3.14
C ALA A 70 -17.40 -9.59 4.52
N LEU A 71 -17.67 -10.50 5.43
CA LEU A 71 -17.12 -10.41 6.78
C LEU A 71 -15.61 -10.54 6.77
N ALA A 72 -14.95 -9.66 7.48
CA ALA A 72 -13.49 -9.64 7.54
C ALA A 72 -12.97 -10.83 8.34
N GLU A 73 -12.36 -11.77 7.64
CA GLU A 73 -11.81 -12.95 8.26
C GLU A 73 -10.33 -12.79 8.51
N ALA A 74 -9.81 -11.62 8.19
CA ALA A 74 -8.41 -11.29 8.37
C ALA A 74 -7.97 -11.50 9.82
N SER A 75 -6.66 -11.71 10.01
CA SER A 75 -6.09 -11.98 11.33
C SER A 75 -6.46 -10.88 12.35
N GLY A 76 -6.31 -9.63 11.94
CA GLY A 76 -6.63 -8.53 12.82
C GLY A 76 -6.73 -7.22 12.07
N ASP A 77 -5.91 -6.26 12.46
CA ASP A 77 -5.89 -4.97 11.79
C ASP A 77 -5.35 -5.13 10.38
N PHE A 78 -6.15 -4.73 9.40
CA PHE A 78 -5.79 -4.88 8.01
C PHE A 78 -6.35 -3.75 7.18
N ILE A 79 -5.71 -3.48 6.06
CA ILE A 79 -6.13 -2.44 5.15
C ILE A 79 -6.69 -3.05 3.86
N SER A 80 -7.68 -2.38 3.27
CA SER A 80 -8.30 -2.84 2.03
C SER A 80 -7.36 -2.64 0.84
N THR A 81 -7.34 -3.64 -0.04
CA THR A 81 -6.53 -3.62 -1.25
C THR A 81 -6.91 -2.46 -2.17
N GLN A 82 -8.14 -1.98 -2.05
CA GLN A 82 -8.65 -0.87 -2.86
C GLN A 82 -7.74 0.36 -2.79
N TYR A 83 -7.06 0.51 -1.67
CA TYR A 83 -6.18 1.66 -1.44
C TYR A 83 -5.15 1.81 -2.56
N ILE A 84 -4.71 0.68 -3.13
CA ILE A 84 -3.73 0.73 -4.20
C ILE A 84 -4.22 1.59 -5.36
N LEU A 85 -5.42 1.30 -5.82
CA LEU A 85 -5.98 2.00 -6.95
C LEU A 85 -6.50 3.37 -6.55
N ASP A 86 -7.06 3.44 -5.35
CA ASP A 86 -7.68 4.66 -4.84
C ASP A 86 -6.63 5.75 -4.63
N CYS A 87 -5.54 5.39 -3.98
CA CYS A 87 -4.48 6.33 -3.69
C CYS A 87 -3.83 6.84 -4.97
N VAL A 88 -3.58 5.94 -5.90
CA VAL A 88 -2.91 6.32 -7.12
C VAL A 88 -3.85 7.06 -8.09
N GLU A 89 -5.13 6.70 -8.07
CA GLU A 89 -6.11 7.34 -8.94
C GLU A 89 -6.23 8.82 -8.62
N ARG A 90 -6.13 9.14 -7.34
CA ARG A 90 -6.20 10.52 -6.89
C ARG A 90 -4.83 11.17 -6.97
N ASN A 91 -3.79 10.33 -7.10
CA ASN A 91 -2.40 10.80 -7.17
C ASN A 91 -2.07 11.62 -5.92
N GLU A 92 -2.64 11.21 -4.81
CA GLU A 92 -2.47 11.93 -3.58
C GLU A 92 -2.30 10.97 -2.42
N ARG A 93 -1.65 11.42 -1.36
CA ARG A 93 -1.47 10.62 -0.18
C ARG A 93 -2.76 10.67 0.61
N LEU A 94 -3.50 9.59 0.60
CA LEU A 94 -4.78 9.55 1.27
C LEU A 94 -4.68 8.86 2.61
N GLU A 95 -5.64 9.14 3.48
CA GLU A 95 -5.67 8.56 4.81
C GLU A 95 -5.68 7.04 4.75
N LEU A 96 -4.52 6.45 5.02
CA LEU A 96 -4.32 5.00 4.99
C LEU A 96 -5.29 4.30 5.94
N GLU A 97 -5.54 4.91 7.09
CA GLU A 97 -6.41 4.33 8.10
C GLU A 97 -7.88 4.25 7.65
N ALA A 98 -8.22 5.06 6.67
CA ALA A 98 -9.60 5.11 6.17
C ALA A 98 -9.95 3.85 5.38
N TYR A 99 -8.93 3.08 5.03
CA TYR A 99 -9.13 1.85 4.27
C TYR A 99 -9.12 0.64 5.22
N ARG A 100 -9.29 0.89 6.50
CA ARG A 100 -9.27 -0.17 7.51
C ARG A 100 -10.38 -1.20 7.30
N LEU A 101 -10.03 -2.47 7.38
CA LEU A 101 -11.00 -3.55 7.25
C LEU A 101 -11.40 -4.09 8.61
N GLY A 102 -10.43 -4.18 9.51
CA GLY A 102 -10.72 -4.71 10.82
C GLY A 102 -10.76 -3.62 11.88
N PRO A 103 -11.87 -3.55 12.64
CA PRO A 103 -12.02 -2.57 13.69
C PRO A 103 -11.42 -3.04 15.01
N ALA A 104 -10.37 -2.38 15.44
CA ALA A 104 -9.70 -2.72 16.68
C ALA A 104 -10.02 -1.69 17.76
N SER A 105 -11.07 -0.94 17.53
CA SER A 105 -11.47 0.12 18.45
C SER A 105 -12.53 -0.37 19.45
N ALA A 106 -12.38 -1.60 19.92
CA ALA A 106 -13.32 -2.16 20.88
C ALA A 106 -12.96 -1.71 22.29
N ALA A 107 -13.94 -1.74 23.19
CA ALA A 107 -13.72 -1.34 24.58
C ALA A 107 -12.68 -2.21 25.27
N ASP A 108 -12.63 -3.48 24.89
CA ASP A 108 -11.68 -4.42 25.45
C ASP A 108 -10.28 -4.17 24.90
N THR A 109 -10.21 -3.47 23.78
CA THR A 109 -8.95 -3.19 23.13
C THR A 109 -8.40 -1.82 23.57
N GLY A 110 -9.28 -0.96 24.06
CA GLY A 110 -8.89 0.37 24.46
C GLY A 110 -8.34 0.41 25.88
N SER A 111 -7.21 -0.22 26.09
CA SER A 111 -6.57 -0.23 27.39
C SER A 111 -5.70 1.01 27.58
N GLU A 112 -5.75 1.59 28.78
CA GLU A 112 -4.98 2.80 29.08
C GLU A 112 -3.60 2.47 29.63
N ALA A 113 -3.32 1.18 29.78
CA ALA A 113 -2.03 0.73 30.30
C ALA A 113 -0.90 1.17 29.39
N LYS A 114 0.22 1.53 29.98
CA LYS A 114 1.37 1.99 29.22
C LYS A 114 2.60 1.16 29.55
N MET A 1 27.19 4.14 -38.16
CA MET A 1 25.77 3.95 -37.81
C MET A 1 25.21 5.21 -37.19
N ALA A 2 24.27 5.83 -37.88
CA ALA A 2 23.66 7.06 -37.40
C ALA A 2 22.31 6.78 -36.77
N GLU A 3 22.09 7.35 -35.59
CA GLU A 3 20.84 7.14 -34.88
C GLU A 3 20.60 8.27 -33.89
N ALA A 4 19.65 9.11 -34.20
CA ALA A 4 19.27 10.22 -33.34
C ALA A 4 17.87 9.99 -32.80
N MET A 5 17.77 9.69 -31.53
CA MET A 5 16.49 9.41 -30.91
C MET A 5 15.84 10.69 -30.41
N ASP A 6 14.52 10.70 -30.43
CA ASP A 6 13.76 11.85 -29.94
C ASP A 6 13.46 11.67 -28.47
N LEU A 7 13.23 12.77 -27.78
CA LEU A 7 12.97 12.72 -26.35
C LEU A 7 11.59 13.28 -26.05
N GLY A 8 10.85 12.57 -25.24
CA GLY A 8 9.52 13.00 -24.86
C GLY A 8 9.54 13.65 -23.50
N LYS A 9 9.48 14.97 -23.48
CA LYS A 9 9.55 15.71 -22.23
C LYS A 9 8.22 15.64 -21.49
N ASP A 10 7.14 15.51 -22.25
CA ASP A 10 5.83 15.31 -21.66
C ASP A 10 5.75 13.87 -21.17
N PRO A 11 5.29 13.66 -19.92
CA PRO A 11 5.17 12.32 -19.31
C PRO A 11 4.58 11.28 -20.26
N ASN A 12 5.46 10.49 -20.87
CA ASN A 12 5.05 9.46 -21.82
C ASN A 12 4.70 8.17 -21.08
N GLY A 13 5.15 8.09 -19.84
CA GLY A 13 4.91 6.91 -19.03
C GLY A 13 3.51 6.89 -18.45
N PRO A 14 3.24 6.02 -17.47
CA PRO A 14 1.93 5.89 -16.86
C PRO A 14 1.59 7.09 -15.96
N THR A 15 0.31 7.31 -15.74
CA THR A 15 -0.16 8.39 -14.89
C THR A 15 0.11 8.04 -13.43
N HIS A 16 0.26 6.75 -13.15
CA HIS A 16 0.57 6.26 -11.81
C HIS A 16 1.89 6.84 -11.36
N SER A 17 1.83 7.59 -10.30
CA SER A 17 2.99 8.26 -9.76
C SER A 17 4.01 7.26 -9.21
N SER A 18 5.26 7.48 -9.56
CA SER A 18 6.34 6.59 -9.16
C SER A 18 6.82 6.90 -7.74
N THR A 19 6.34 8.00 -7.19
CA THR A 19 6.67 8.37 -5.82
C THR A 19 5.40 8.47 -4.98
N LEU A 20 4.35 7.82 -5.47
CA LEU A 20 3.05 7.82 -4.80
C LEU A 20 3.15 7.14 -3.44
N PHE A 21 3.89 6.05 -3.40
CA PHE A 21 4.08 5.27 -2.18
C PHE A 21 5.35 5.71 -1.45
N VAL A 22 5.90 6.82 -1.86
CA VAL A 22 7.13 7.34 -1.30
C VAL A 22 6.84 8.60 -0.48
N ARG A 23 7.43 8.69 0.70
CA ARG A 23 7.29 9.87 1.53
C ARG A 23 8.15 11.00 0.98
N ASP A 24 7.95 12.21 1.49
CA ASP A 24 8.67 13.39 0.98
C ASP A 24 10.19 13.25 1.16
N ASP A 25 10.60 12.58 2.24
CA ASP A 25 12.04 12.38 2.50
C ASP A 25 12.62 11.30 1.59
N GLY A 26 11.75 10.59 0.90
CA GLY A 26 12.19 9.54 0.01
C GLY A 26 11.99 8.17 0.61
N SER A 27 11.50 8.13 1.84
CA SER A 27 11.23 6.88 2.52
C SER A 27 10.07 6.13 1.85
N SER A 28 10.35 4.91 1.43
CA SER A 28 9.34 4.09 0.79
C SER A 28 8.49 3.38 1.85
N MET A 29 7.18 3.48 1.70
CA MET A 29 6.27 2.85 2.64
C MET A 29 6.22 1.34 2.41
N SER A 30 6.23 0.57 3.49
CA SER A 30 6.20 -0.87 3.39
C SER A 30 4.82 -1.44 3.72
N PHE A 31 4.28 -2.20 2.79
CA PHE A 31 2.98 -2.81 2.96
C PHE A 31 3.09 -4.32 2.80
N TYR A 32 2.46 -5.05 3.71
CA TYR A 32 2.53 -6.50 3.72
C TYR A 32 1.29 -7.11 3.07
N VAL A 33 1.52 -8.09 2.24
CA VAL A 33 0.45 -8.75 1.53
C VAL A 33 0.27 -10.20 2.02
N ARG A 34 -0.89 -10.49 2.59
CA ARG A 34 -1.17 -11.85 3.05
C ARG A 34 -1.47 -12.73 1.83
N PRO A 35 -0.89 -13.95 1.79
CA PRO A 35 -1.03 -14.91 0.67
C PRO A 35 -2.40 -14.90 -0.04
N SER A 36 -2.41 -14.30 -1.23
CA SER A 36 -3.58 -14.26 -2.11
C SER A 36 -3.10 -13.95 -3.54
N PRO A 37 -3.72 -14.55 -4.56
CA PRO A 37 -3.34 -14.30 -5.96
C PRO A 37 -3.40 -12.81 -6.33
N ALA A 38 -4.38 -12.10 -5.78
CA ALA A 38 -4.57 -10.68 -6.06
C ALA A 38 -3.37 -9.84 -5.59
N LYS A 39 -2.64 -10.35 -4.59
CA LYS A 39 -1.48 -9.63 -4.04
C LYS A 39 -0.42 -9.40 -5.09
N ARG A 40 -0.33 -10.32 -6.03
CA ARG A 40 0.68 -10.24 -7.07
C ARG A 40 0.46 -9.00 -7.95
N ARG A 41 -0.80 -8.65 -8.18
CA ARG A 41 -1.14 -7.47 -8.96
C ARG A 41 -0.94 -6.20 -8.13
N LEU A 42 -1.24 -6.30 -6.85
CA LEU A 42 -1.13 -5.17 -5.95
C LEU A 42 0.34 -4.82 -5.70
N SER A 43 1.15 -5.83 -5.46
CA SER A 43 2.56 -5.66 -5.14
C SER A 43 3.31 -4.91 -6.24
N THR A 44 3.10 -5.31 -7.48
CA THR A 44 3.77 -4.65 -8.60
C THR A 44 3.37 -3.18 -8.70
N LEU A 45 2.10 -2.88 -8.35
CA LEU A 45 1.62 -1.51 -8.35
C LEU A 45 2.28 -0.72 -7.22
N ILE A 46 2.46 -1.36 -6.07
CA ILE A 46 3.11 -0.74 -4.93
C ILE A 46 4.54 -0.35 -5.28
N LEU A 47 5.28 -1.28 -5.87
CA LEU A 47 6.66 -1.05 -6.27
C LEU A 47 6.74 0.03 -7.35
N HIS A 48 5.72 0.10 -8.20
CA HIS A 48 5.64 1.14 -9.23
C HIS A 48 5.41 2.50 -8.58
N GLY A 49 4.72 2.48 -7.45
CA GLY A 49 4.48 3.68 -6.69
C GLY A 49 5.69 4.06 -5.87
N GLY A 50 6.69 3.20 -5.87
CA GLY A 50 7.90 3.45 -5.13
C GLY A 50 7.89 2.87 -3.74
N GLY A 51 6.85 2.11 -3.43
CA GLY A 51 6.73 1.52 -2.13
C GLY A 51 7.39 0.17 -2.04
N THR A 52 7.40 -0.39 -0.85
CA THR A 52 8.00 -1.69 -0.63
C THR A 52 6.94 -2.68 -0.18
N VAL A 53 6.96 -3.86 -0.74
CA VAL A 53 6.01 -4.88 -0.38
C VAL A 53 6.70 -5.96 0.43
N CYS A 54 6.25 -6.12 1.65
CA CYS A 54 6.81 -7.11 2.52
C CYS A 54 6.15 -8.45 2.29
N ARG A 55 6.93 -9.46 1.96
CA ARG A 55 6.40 -10.79 1.70
C ARG A 55 6.10 -11.48 3.03
N VAL A 56 6.72 -11.00 4.08
CA VAL A 56 6.46 -11.48 5.42
C VAL A 56 5.95 -10.34 6.28
N GLN A 57 5.33 -10.65 7.39
CA GLN A 57 4.77 -9.63 8.25
C GLN A 57 5.88 -8.88 8.98
N GLU A 58 6.35 -7.82 8.37
CA GLU A 58 7.41 -7.00 8.94
C GLU A 58 6.86 -5.99 9.93
N PRO A 59 7.65 -5.65 10.95
CA PRO A 59 7.27 -4.65 11.93
C PRO A 59 7.16 -3.27 11.29
N GLY A 60 5.96 -2.74 11.26
CA GLY A 60 5.75 -1.44 10.64
C GLY A 60 5.10 -1.57 9.29
N ALA A 61 5.07 -2.80 8.79
CA ALA A 61 4.45 -3.07 7.51
C ALA A 61 2.95 -3.23 7.70
N VAL A 62 2.20 -2.43 6.98
CA VAL A 62 0.76 -2.45 7.07
C VAL A 62 0.19 -3.75 6.48
N LEU A 63 -0.76 -4.34 7.18
CA LEU A 63 -1.35 -5.61 6.75
C LEU A 63 -2.44 -5.38 5.69
N LEU A 64 -2.30 -6.05 4.56
CA LEU A 64 -3.25 -5.92 3.46
C LEU A 64 -3.98 -7.22 3.17
N ALA A 65 -5.28 -7.11 3.03
CA ALA A 65 -6.13 -8.26 2.75
C ALA A 65 -7.29 -7.84 1.88
N GLN A 66 -7.91 -8.80 1.23
CA GLN A 66 -9.08 -8.53 0.43
C GLN A 66 -10.26 -8.26 1.36
N PRO A 67 -11.13 -7.32 1.00
CA PRO A 67 -12.27 -6.94 1.83
C PRO A 67 -13.26 -8.07 2.03
N GLY A 68 -13.61 -8.71 0.94
CA GLY A 68 -14.58 -9.77 0.97
C GLY A 68 -15.95 -9.26 0.63
N GLU A 69 -16.16 -7.96 0.90
CA GLU A 69 -17.39 -7.23 0.57
C GLU A 69 -18.60 -7.68 1.36
N ALA A 70 -18.83 -8.94 1.38
CA ALA A 70 -19.91 -9.51 2.11
C ALA A 70 -19.49 -9.82 3.52
N LEU A 71 -18.42 -10.58 3.64
CA LEU A 71 -17.86 -10.92 4.92
C LEU A 71 -16.40 -10.51 4.96
N ALA A 72 -15.99 -9.88 6.05
CA ALA A 72 -14.62 -9.41 6.21
C ALA A 72 -13.64 -10.57 6.24
N GLU A 73 -12.74 -10.60 5.27
CA GLU A 73 -11.72 -11.64 5.18
C GLU A 73 -10.53 -11.30 6.08
N ALA A 74 -10.63 -10.18 6.77
CA ALA A 74 -9.56 -9.73 7.64
C ALA A 74 -9.63 -10.38 9.01
N SER A 75 -8.65 -11.21 9.32
CA SER A 75 -8.59 -11.86 10.62
C SER A 75 -8.32 -10.79 11.68
N GLY A 76 -7.20 -10.11 11.52
CA GLY A 76 -6.87 -9.02 12.40
C GLY A 76 -7.19 -7.71 11.73
N ASP A 77 -6.50 -6.65 12.07
CA ASP A 77 -6.75 -5.39 11.43
C ASP A 77 -6.02 -5.33 10.09
N PHE A 78 -6.76 -5.10 9.04
CA PHE A 78 -6.23 -5.09 7.70
C PHE A 78 -6.76 -3.92 6.91
N ILE A 79 -6.02 -3.53 5.90
CA ILE A 79 -6.43 -2.45 5.02
C ILE A 79 -7.04 -3.04 3.75
N SER A 80 -8.03 -2.33 3.20
CA SER A 80 -8.67 -2.76 1.99
C SER A 80 -7.74 -2.59 0.79
N THR A 81 -7.78 -3.57 -0.11
CA THR A 81 -6.94 -3.55 -1.30
C THR A 81 -7.24 -2.33 -2.19
N GLN A 82 -8.45 -1.80 -2.05
CA GLN A 82 -8.91 -0.63 -2.80
C GLN A 82 -7.96 0.55 -2.65
N TYR A 83 -7.31 0.66 -1.52
CA TYR A 83 -6.41 1.77 -1.22
C TYR A 83 -5.37 1.95 -2.33
N ILE A 84 -4.94 0.85 -2.95
CA ILE A 84 -3.95 0.90 -4.02
C ILE A 84 -4.45 1.79 -5.16
N LEU A 85 -5.67 1.53 -5.58
CA LEU A 85 -6.25 2.23 -6.71
C LEU A 85 -6.72 3.63 -6.33
N ASP A 86 -7.31 3.76 -5.14
CA ASP A 86 -7.85 5.05 -4.71
C ASP A 86 -6.73 6.07 -4.52
N CYS A 87 -5.61 5.64 -3.94
CA CYS A 87 -4.48 6.51 -3.70
C CYS A 87 -3.84 6.98 -4.98
N VAL A 88 -3.60 6.05 -5.89
CA VAL A 88 -2.91 6.36 -7.13
C VAL A 88 -3.83 7.11 -8.10
N GLU A 89 -5.13 6.80 -8.05
CA GLU A 89 -6.12 7.45 -8.90
C GLU A 89 -6.03 8.96 -8.72
N ARG A 90 -6.05 9.38 -7.47
CA ARG A 90 -5.99 10.79 -7.14
C ARG A 90 -4.57 11.32 -7.19
N ASN A 91 -3.59 10.41 -7.08
CA ASN A 91 -2.17 10.79 -7.01
C ASN A 91 -1.94 11.66 -5.78
N GLU A 92 -2.69 11.34 -4.73
CA GLU A 92 -2.68 12.12 -3.52
C GLU A 92 -2.49 11.23 -2.31
N ARG A 93 -1.95 11.82 -1.24
CA ARG A 93 -1.80 11.12 0.02
C ARG A 93 -3.14 11.06 0.73
N LEU A 94 -3.69 9.87 0.83
CA LEU A 94 -4.99 9.69 1.42
C LEU A 94 -4.89 9.05 2.79
N GLU A 95 -5.91 9.24 3.61
CA GLU A 95 -5.94 8.67 4.94
C GLU A 95 -6.10 7.17 4.89
N LEU A 96 -5.02 6.47 5.17
CA LEU A 96 -4.99 5.01 5.17
C LEU A 96 -6.01 4.44 6.15
N GLU A 97 -6.18 5.13 7.26
CA GLU A 97 -7.13 4.74 8.30
C GLU A 97 -8.56 4.60 7.77
N ALA A 98 -8.88 5.28 6.69
CA ALA A 98 -10.21 5.21 6.10
C ALA A 98 -10.41 3.91 5.32
N TYR A 99 -9.33 3.18 5.12
CA TYR A 99 -9.36 1.94 4.38
C TYR A 99 -9.24 0.73 5.30
N ARG A 100 -9.41 0.94 6.60
CA ARG A 100 -9.31 -0.16 7.54
C ARG A 100 -10.54 -1.04 7.45
N LEU A 101 -10.31 -2.32 7.28
CA LEU A 101 -11.37 -3.29 7.13
C LEU A 101 -12.03 -3.61 8.47
N GLY A 102 -11.21 -4.00 9.43
CA GLY A 102 -11.72 -4.35 10.74
C GLY A 102 -11.53 -5.82 11.02
N PRO A 103 -10.98 -6.18 12.20
CA PRO A 103 -10.78 -7.57 12.59
C PRO A 103 -12.09 -8.32 12.69
N ALA A 104 -12.24 -9.35 11.87
CA ALA A 104 -13.43 -10.19 11.87
C ALA A 104 -13.58 -10.90 13.20
N SER A 105 -14.40 -10.34 14.06
CA SER A 105 -14.60 -10.87 15.38
C SER A 105 -15.82 -11.78 15.42
N ALA A 106 -15.74 -12.84 16.19
CA ALA A 106 -16.82 -13.80 16.30
C ALA A 106 -17.04 -14.20 17.74
N ALA A 107 -18.22 -13.91 18.26
CA ALA A 107 -18.54 -14.24 19.64
C ALA A 107 -18.89 -15.72 19.78
N ASP A 108 -17.92 -16.50 20.23
CA ASP A 108 -18.12 -17.93 20.42
C ASP A 108 -18.75 -18.17 21.78
N THR A 109 -18.39 -17.33 22.74
CA THR A 109 -18.90 -17.44 24.08
C THR A 109 -20.03 -16.45 24.31
N GLY A 110 -21.26 -16.94 24.18
CA GLY A 110 -22.41 -16.10 24.37
C GLY A 110 -23.65 -16.91 24.66
N SER A 111 -23.55 -17.82 25.61
CA SER A 111 -24.66 -18.66 25.99
C SER A 111 -25.04 -18.40 27.44
N GLU A 112 -26.32 -18.26 27.71
CA GLU A 112 -26.80 -17.99 29.05
C GLU A 112 -27.15 -19.31 29.73
N ALA A 113 -26.30 -19.76 30.63
CA ALA A 113 -26.51 -21.00 31.33
C ALA A 113 -26.49 -20.80 32.84
N LYS A 114 -25.38 -20.29 33.35
CA LYS A 114 -25.23 -20.07 34.77
C LYS A 114 -25.42 -18.60 35.11
N MET A 1 15.47 -7.10 -15.07
CA MET A 1 15.60 -7.13 -16.54
C MET A 1 16.43 -5.97 -17.02
N ALA A 2 17.59 -6.26 -17.57
CA ALA A 2 18.43 -5.23 -18.13
C ALA A 2 18.11 -5.05 -19.60
N GLU A 3 17.27 -4.08 -19.89
CA GLU A 3 16.84 -3.83 -21.25
C GLU A 3 16.34 -2.40 -21.37
N ALA A 4 16.65 -1.75 -22.47
CA ALA A 4 16.20 -0.41 -22.71
C ALA A 4 14.69 -0.39 -22.86
N MET A 5 14.17 -1.43 -23.53
CA MET A 5 12.73 -1.66 -23.69
C MET A 5 12.07 -0.68 -24.67
N ASP A 6 12.47 0.59 -24.59
CA ASP A 6 11.90 1.65 -25.42
C ASP A 6 11.94 1.32 -26.90
N LEU A 7 10.80 1.44 -27.55
CA LEU A 7 10.69 1.18 -28.98
C LEU A 7 9.47 1.91 -29.53
N GLY A 8 9.53 2.26 -30.80
CA GLY A 8 8.41 2.93 -31.43
C GLY A 8 8.15 4.29 -30.83
N LYS A 9 7.08 4.40 -30.07
CA LYS A 9 6.72 5.65 -29.43
C LYS A 9 6.09 5.38 -28.07
N ASP A 10 6.59 4.36 -27.40
CA ASP A 10 6.07 3.99 -26.09
C ASP A 10 6.60 4.95 -25.02
N PRO A 11 5.73 5.45 -24.13
CA PRO A 11 6.12 6.39 -23.06
C PRO A 11 7.23 5.83 -22.17
N ASN A 12 8.00 6.72 -21.56
CA ASN A 12 9.11 6.31 -20.72
C ASN A 12 8.65 5.98 -19.32
N GLY A 13 7.53 6.53 -18.92
CA GLY A 13 7.04 6.30 -17.59
C GLY A 13 5.57 5.95 -17.56
N PRO A 14 5.12 5.26 -16.49
CA PRO A 14 3.71 4.88 -16.32
C PRO A 14 2.86 6.04 -15.77
N THR A 15 1.56 5.81 -15.67
CA THR A 15 0.65 6.81 -15.14
C THR A 15 0.70 6.89 -13.62
N HIS A 16 1.18 5.83 -13.00
CA HIS A 16 1.30 5.79 -11.55
C HIS A 16 2.61 6.42 -11.12
N SER A 17 2.50 7.48 -10.33
CA SER A 17 3.68 8.20 -9.84
C SER A 17 4.59 7.27 -9.05
N SER A 18 5.89 7.40 -9.28
CA SER A 18 6.87 6.57 -8.61
C SER A 18 7.17 7.08 -7.21
N THR A 19 6.53 8.17 -6.84
CA THR A 19 6.67 8.73 -5.51
C THR A 19 5.32 8.78 -4.79
N LEU A 20 4.34 8.06 -5.36
CA LEU A 20 3.00 8.02 -4.78
C LEU A 20 2.99 7.18 -3.51
N PHE A 21 3.77 6.12 -3.52
CA PHE A 21 3.86 5.22 -2.39
C PHE A 21 5.07 5.57 -1.52
N VAL A 22 5.62 6.74 -1.77
CA VAL A 22 6.77 7.21 -1.06
C VAL A 22 6.43 8.46 -0.27
N ARG A 23 6.96 8.57 0.93
CA ARG A 23 6.76 9.77 1.70
C ARG A 23 7.62 10.86 1.08
N ASP A 24 7.14 12.09 1.09
CA ASP A 24 7.86 13.21 0.44
C ASP A 24 9.33 13.30 0.86
N ASP A 25 9.62 12.91 2.10
CA ASP A 25 10.99 12.97 2.62
C ASP A 25 11.88 11.87 2.00
N GLY A 26 11.29 11.04 1.16
CA GLY A 26 12.06 10.03 0.44
C GLY A 26 11.93 8.63 1.02
N SER A 27 11.40 8.53 2.23
CA SER A 27 11.24 7.22 2.85
C SER A 27 10.04 6.48 2.24
N SER A 28 10.31 5.29 1.76
CA SER A 28 9.28 4.44 1.20
C SER A 28 8.67 3.56 2.28
N MET A 29 7.36 3.52 2.36
CA MET A 29 6.69 2.72 3.36
C MET A 29 6.52 1.29 2.87
N SER A 30 6.58 0.34 3.78
CA SER A 30 6.45 -1.06 3.43
C SER A 30 5.06 -1.59 3.77
N PHE A 31 4.48 -2.33 2.84
CA PHE A 31 3.15 -2.89 3.01
C PHE A 31 3.18 -4.40 2.86
N TYR A 32 2.53 -5.08 3.78
CA TYR A 32 2.50 -6.53 3.79
C TYR A 32 1.29 -7.07 3.06
N VAL A 33 1.53 -7.99 2.17
CA VAL A 33 0.48 -8.62 1.41
C VAL A 33 0.27 -10.07 1.89
N ARG A 34 -0.91 -10.34 2.46
CA ARG A 34 -1.21 -11.69 2.91
C ARG A 34 -1.21 -12.65 1.72
N PRO A 35 -0.79 -13.91 1.93
CA PRO A 35 -0.71 -14.92 0.87
C PRO A 35 -2.05 -15.16 0.17
N SER A 36 -2.24 -14.50 -0.95
CA SER A 36 -3.44 -14.62 -1.75
C SER A 36 -3.14 -14.20 -3.19
N PRO A 37 -3.73 -14.90 -4.18
CA PRO A 37 -3.48 -14.64 -5.62
C PRO A 37 -3.58 -13.15 -6.02
N ALA A 38 -4.59 -12.46 -5.52
CA ALA A 38 -4.82 -11.05 -5.88
C ALA A 38 -3.69 -10.13 -5.41
N LYS A 39 -2.89 -10.59 -4.47
CA LYS A 39 -1.79 -9.80 -3.93
C LYS A 39 -0.66 -9.66 -4.95
N ARG A 40 -0.50 -10.67 -5.77
CA ARG A 40 0.51 -10.66 -6.80
C ARG A 40 0.24 -9.53 -7.81
N ARG A 41 -1.04 -9.25 -8.01
CA ARG A 41 -1.46 -8.20 -8.95
C ARG A 41 -1.20 -6.81 -8.34
N LEU A 42 -1.34 -6.72 -7.04
CA LEU A 42 -1.16 -5.45 -6.33
C LEU A 42 0.31 -5.07 -6.22
N SER A 43 1.16 -6.09 -6.12
CA SER A 43 2.59 -5.90 -5.93
C SER A 43 3.21 -4.96 -6.99
N THR A 44 2.77 -5.09 -8.23
CA THR A 44 3.32 -4.28 -9.31
C THR A 44 2.99 -2.79 -9.14
N LEU A 45 1.80 -2.47 -8.61
CA LEU A 45 1.42 -1.08 -8.42
C LEU A 45 2.16 -0.48 -7.24
N ILE A 46 2.40 -1.31 -6.23
CA ILE A 46 3.11 -0.87 -5.03
C ILE A 46 4.53 -0.45 -5.37
N LEU A 47 5.24 -1.31 -6.08
CA LEU A 47 6.62 -1.05 -6.46
C LEU A 47 6.70 0.06 -7.51
N HIS A 48 5.70 0.13 -8.38
CA HIS A 48 5.66 1.20 -9.39
C HIS A 48 5.41 2.54 -8.73
N GLY A 49 4.78 2.50 -7.57
CA GLY A 49 4.51 3.71 -6.83
C GLY A 49 5.69 4.12 -5.97
N GLY A 50 6.74 3.30 -5.99
CA GLY A 50 7.93 3.59 -5.22
C GLY A 50 7.91 2.96 -3.85
N GLY A 51 6.86 2.22 -3.55
CA GLY A 51 6.75 1.60 -2.26
C GLY A 51 7.42 0.25 -2.22
N THR A 52 7.49 -0.32 -1.06
CA THR A 52 8.11 -1.62 -0.90
C THR A 52 7.09 -2.62 -0.35
N VAL A 53 6.96 -3.75 -1.00
CA VAL A 53 6.01 -4.75 -0.59
C VAL A 53 6.70 -5.84 0.24
N CYS A 54 6.06 -6.23 1.31
CA CYS A 54 6.58 -7.26 2.17
C CYS A 54 5.81 -8.55 1.95
N ARG A 55 6.53 -9.60 1.59
CA ARG A 55 5.92 -10.90 1.34
C ARG A 55 5.61 -11.61 2.65
N VAL A 56 6.25 -11.16 3.72
CA VAL A 56 6.00 -11.68 5.05
C VAL A 56 5.61 -10.54 5.97
N GLN A 57 4.96 -10.88 7.08
CA GLN A 57 4.48 -9.87 8.00
C GLN A 57 5.64 -9.21 8.73
N GLU A 58 6.04 -8.06 8.24
CA GLU A 58 7.12 -7.31 8.84
C GLU A 58 6.61 -6.33 9.87
N PRO A 59 7.40 -6.11 10.94
CA PRO A 59 7.05 -5.14 11.98
C PRO A 59 7.09 -3.72 11.44
N GLY A 60 5.94 -3.08 11.38
CA GLY A 60 5.87 -1.74 10.86
C GLY A 60 5.31 -1.71 9.47
N ALA A 61 5.08 -2.88 8.90
CA ALA A 61 4.51 -3.00 7.58
C ALA A 61 3.01 -3.10 7.68
N VAL A 62 2.32 -2.28 6.92
CA VAL A 62 0.86 -2.26 6.94
C VAL A 62 0.30 -3.56 6.38
N LEU A 63 -0.61 -4.18 7.11
CA LEU A 63 -1.19 -5.45 6.70
C LEU A 63 -2.32 -5.25 5.69
N LEU A 64 -2.21 -5.90 4.53
CA LEU A 64 -3.21 -5.76 3.48
C LEU A 64 -3.96 -7.05 3.21
N ALA A 65 -5.25 -6.93 3.00
CA ALA A 65 -6.11 -8.07 2.73
C ALA A 65 -7.27 -7.67 1.83
N GLN A 66 -7.80 -8.64 1.11
CA GLN A 66 -8.97 -8.41 0.28
C GLN A 66 -10.20 -8.51 1.15
N PRO A 67 -11.18 -7.63 0.93
CA PRO A 67 -12.44 -7.67 1.68
C PRO A 67 -13.13 -9.00 1.45
N GLY A 68 -13.52 -9.24 0.20
CA GLY A 68 -14.14 -10.48 -0.17
C GLY A 68 -15.61 -10.52 0.16
N GLU A 69 -16.03 -9.70 1.14
CA GLU A 69 -17.43 -9.63 1.56
C GLU A 69 -17.90 -11.01 2.02
N ALA A 70 -16.95 -11.76 2.56
CA ALA A 70 -17.18 -13.12 2.97
C ALA A 70 -17.08 -13.25 4.48
N LEU A 71 -17.28 -14.46 4.98
CA LEU A 71 -17.19 -14.72 6.42
C LEU A 71 -15.78 -14.47 6.91
N ALA A 72 -14.81 -15.08 6.27
CA ALA A 72 -13.42 -14.90 6.63
C ALA A 72 -12.87 -13.64 5.97
N GLU A 73 -12.96 -12.53 6.66
CA GLU A 73 -12.54 -11.26 6.16
C GLU A 73 -11.04 -11.05 6.42
N ALA A 74 -10.63 -11.25 7.66
CA ALA A 74 -9.24 -11.06 8.06
C ALA A 74 -9.02 -11.53 9.48
N SER A 75 -7.77 -11.65 9.87
CA SER A 75 -7.42 -12.07 11.20
C SER A 75 -7.30 -10.86 12.13
N GLY A 76 -6.17 -10.16 12.06
CA GLY A 76 -5.98 -8.97 12.88
C GLY A 76 -6.47 -7.74 12.15
N ASP A 77 -5.77 -6.62 12.34
CA ASP A 77 -6.16 -5.40 11.65
C ASP A 77 -5.56 -5.37 10.26
N PHE A 78 -6.41 -5.19 9.28
CA PHE A 78 -5.98 -5.18 7.88
C PHE A 78 -6.58 -4.01 7.12
N ILE A 79 -5.91 -3.61 6.06
CA ILE A 79 -6.36 -2.53 5.20
C ILE A 79 -6.95 -3.10 3.90
N SER A 80 -7.92 -2.40 3.34
CA SER A 80 -8.58 -2.80 2.11
C SER A 80 -7.66 -2.55 0.91
N THR A 81 -7.61 -3.50 0.00
CA THR A 81 -6.75 -3.44 -1.18
C THR A 81 -7.09 -2.27 -2.10
N GLN A 82 -8.33 -1.80 -2.03
CA GLN A 82 -8.79 -0.66 -2.84
C GLN A 82 -7.90 0.57 -2.68
N TYR A 83 -7.23 0.66 -1.54
CA TYR A 83 -6.35 1.78 -1.24
C TYR A 83 -5.28 1.96 -2.32
N ILE A 84 -4.84 0.84 -2.90
CA ILE A 84 -3.80 0.87 -3.93
C ILE A 84 -4.23 1.77 -5.08
N LEU A 85 -5.43 1.52 -5.58
CA LEU A 85 -5.94 2.23 -6.71
C LEU A 85 -6.43 3.61 -6.34
N ASP A 86 -7.17 3.71 -5.23
CA ASP A 86 -7.78 4.96 -4.83
C ASP A 86 -6.75 6.04 -4.55
N CYS A 87 -5.62 5.64 -3.96
CA CYS A 87 -4.54 6.56 -3.64
C CYS A 87 -3.89 7.10 -4.92
N VAL A 88 -3.50 6.20 -5.81
CA VAL A 88 -2.82 6.60 -7.02
C VAL A 88 -3.78 7.28 -8.00
N GLU A 89 -5.04 6.87 -7.96
CA GLU A 89 -6.07 7.44 -8.81
C GLU A 89 -6.23 8.94 -8.55
N ARG A 90 -6.11 9.33 -7.28
CA ARG A 90 -6.22 10.74 -6.91
C ARG A 90 -4.86 11.42 -6.93
N ASN A 91 -3.80 10.61 -6.92
CA ASN A 91 -2.41 11.12 -6.89
C ASN A 91 -2.15 11.90 -5.61
N GLU A 92 -2.72 11.43 -4.52
CA GLU A 92 -2.58 12.09 -3.25
C GLU A 92 -2.53 11.09 -2.12
N ARG A 93 -1.86 11.46 -1.04
CA ARG A 93 -1.79 10.63 0.13
C ARG A 93 -3.13 10.68 0.86
N LEU A 94 -3.84 9.59 0.85
CA LEU A 94 -5.13 9.54 1.48
C LEU A 94 -5.06 8.77 2.78
N GLU A 95 -5.96 9.11 3.70
CA GLU A 95 -6.02 8.50 5.03
C GLU A 95 -6.06 6.98 4.95
N LEU A 96 -4.97 6.36 5.37
CA LEU A 96 -4.84 4.91 5.36
C LEU A 96 -5.89 4.27 6.26
N GLU A 97 -6.13 4.90 7.39
CA GLU A 97 -7.12 4.44 8.36
C GLU A 97 -8.52 4.37 7.75
N ALA A 98 -8.76 5.16 6.71
CA ALA A 98 -10.06 5.19 6.04
C ALA A 98 -10.26 3.96 5.18
N TYR A 99 -9.19 3.21 4.96
CA TYR A 99 -9.26 2.00 4.17
C TYR A 99 -9.25 0.78 5.07
N ARG A 100 -9.47 0.99 6.36
CA ARG A 100 -9.47 -0.11 7.31
C ARG A 100 -10.52 -1.15 6.94
N LEU A 101 -10.08 -2.38 6.79
CA LEU A 101 -10.98 -3.47 6.48
C LEU A 101 -11.54 -4.06 7.77
N GLY A 102 -10.66 -4.57 8.60
CA GLY A 102 -11.06 -5.14 9.86
C GLY A 102 -10.13 -4.76 10.97
N PRO A 103 -10.64 -4.58 12.20
CA PRO A 103 -9.83 -4.23 13.35
C PRO A 103 -9.21 -5.46 14.00
N ALA A 104 -8.23 -5.22 14.86
CA ALA A 104 -7.55 -6.30 15.56
C ALA A 104 -8.12 -6.46 16.95
N SER A 105 -8.71 -7.61 17.22
CA SER A 105 -9.25 -7.87 18.53
C SER A 105 -8.12 -8.21 19.50
N ALA A 106 -7.63 -7.19 20.19
CA ALA A 106 -6.53 -7.36 21.12
C ALA A 106 -6.82 -6.64 22.43
N ALA A 107 -5.89 -6.71 23.34
CA ALA A 107 -6.03 -6.07 24.64
C ALA A 107 -4.83 -5.19 24.92
N ASP A 108 -4.94 -4.33 25.92
CA ASP A 108 -3.86 -3.43 26.26
C ASP A 108 -2.89 -4.09 27.22
N THR A 109 -3.41 -4.94 28.07
CA THR A 109 -2.60 -5.63 29.04
C THR A 109 -3.04 -7.09 29.16
N GLY A 110 -2.12 -7.93 29.60
CA GLY A 110 -2.42 -9.33 29.78
C GLY A 110 -2.42 -9.71 31.23
N SER A 111 -3.53 -9.46 31.89
CA SER A 111 -3.67 -9.75 33.29
C SER A 111 -3.94 -11.24 33.52
N GLU A 112 -2.99 -11.91 34.15
CA GLU A 112 -3.11 -13.32 34.44
C GLU A 112 -2.92 -13.53 35.93
N ALA A 113 -3.97 -13.96 36.60
CA ALA A 113 -3.92 -14.20 38.03
C ALA A 113 -4.94 -15.26 38.43
N LYS A 114 -5.10 -15.45 39.72
CA LYS A 114 -6.04 -16.43 40.24
C LYS A 114 -7.29 -15.74 40.77
N MET A 1 23.62 38.34 -26.94
CA MET A 1 24.01 36.92 -27.06
C MET A 1 23.58 36.16 -25.80
N ALA A 2 22.64 35.26 -25.96
CA ALA A 2 22.17 34.46 -24.84
C ALA A 2 22.74 33.06 -24.91
N GLU A 3 23.60 32.75 -23.95
CA GLU A 3 24.23 31.45 -23.90
C GLU A 3 23.36 30.44 -23.16
N ALA A 4 22.59 30.92 -22.21
CA ALA A 4 21.68 30.07 -21.46
C ALA A 4 20.40 29.83 -22.26
N MET A 5 20.01 28.58 -22.36
CA MET A 5 18.83 28.22 -23.12
C MET A 5 17.92 27.32 -22.29
N ASP A 6 16.72 27.78 -22.04
CA ASP A 6 15.74 27.00 -21.29
C ASP A 6 14.81 26.28 -22.26
N LEU A 7 14.45 25.07 -21.93
CA LEU A 7 13.59 24.28 -22.80
C LEU A 7 12.31 23.89 -22.08
N GLY A 8 11.32 23.51 -22.86
CA GLY A 8 10.08 23.07 -22.30
C GLY A 8 9.99 21.57 -22.36
N LYS A 9 10.15 20.94 -21.20
CA LYS A 9 10.14 19.49 -21.12
C LYS A 9 8.82 18.97 -20.59
N ASP A 10 8.12 18.21 -21.42
CA ASP A 10 6.85 17.62 -21.03
C ASP A 10 7.08 16.45 -20.09
N PRO A 11 6.21 16.28 -19.08
CA PRO A 11 6.30 15.15 -18.16
C PRO A 11 6.07 13.83 -18.89
N ASN A 12 7.13 13.06 -19.06
CA ASN A 12 7.05 11.79 -19.78
C ASN A 12 6.58 10.66 -18.87
N GLY A 13 6.06 11.03 -17.70
CA GLY A 13 5.58 10.05 -16.76
C GLY A 13 4.20 9.54 -17.13
N PRO A 14 3.85 8.32 -16.69
CA PRO A 14 2.56 7.71 -16.99
C PRO A 14 1.51 8.01 -15.93
N THR A 15 0.45 7.20 -15.90
CA THR A 15 -0.64 7.37 -14.96
C THR A 15 -0.21 6.96 -13.55
N HIS A 16 0.63 5.96 -13.44
CA HIS A 16 1.11 5.50 -12.16
C HIS A 16 2.41 6.20 -11.82
N SER A 17 2.41 6.97 -10.75
CA SER A 17 3.58 7.72 -10.35
C SER A 17 4.49 6.87 -9.47
N SER A 18 5.78 6.99 -9.71
CA SER A 18 6.79 6.25 -8.97
C SER A 18 7.00 6.87 -7.57
N THR A 19 6.28 7.94 -7.29
CA THR A 19 6.35 8.58 -5.98
C THR A 19 4.98 8.55 -5.29
N LEU A 20 4.04 7.82 -5.89
CA LEU A 20 2.67 7.75 -5.40
C LEU A 20 2.59 6.99 -4.07
N PHE A 21 3.48 6.05 -3.87
CA PHE A 21 3.48 5.24 -2.67
C PHE A 21 4.54 5.68 -1.68
N VAL A 22 5.16 6.82 -1.96
CA VAL A 22 6.20 7.35 -1.10
C VAL A 22 5.68 8.54 -0.32
N ARG A 23 6.02 8.62 0.95
CA ARG A 23 5.64 9.75 1.75
C ARG A 23 6.27 11.00 1.18
N ASP A 24 5.61 12.13 1.33
CA ASP A 24 6.08 13.41 0.79
C ASP A 24 7.51 13.72 1.23
N ASP A 25 7.86 13.27 2.44
CA ASP A 25 9.20 13.48 2.99
C ASP A 25 10.26 12.58 2.30
N GLY A 26 9.80 11.61 1.52
CA GLY A 26 10.72 10.71 0.86
C GLY A 26 10.80 9.36 1.55
N SER A 27 9.99 9.17 2.57
CA SER A 27 9.98 7.93 3.32
C SER A 27 9.10 6.88 2.65
N SER A 28 9.67 5.73 2.36
CA SER A 28 8.93 4.64 1.78
C SER A 28 8.39 3.75 2.91
N MET A 29 7.31 3.05 2.66
CA MET A 29 6.71 2.20 3.66
C MET A 29 6.58 0.77 3.15
N SER A 30 6.61 -0.18 4.06
CA SER A 30 6.50 -1.58 3.69
C SER A 30 5.08 -2.10 3.91
N PHE A 31 4.53 -2.72 2.89
CA PHE A 31 3.18 -3.25 2.93
C PHE A 31 3.21 -4.76 2.71
N TYR A 32 2.64 -5.49 3.64
CA TYR A 32 2.62 -6.94 3.57
C TYR A 32 1.33 -7.45 2.94
N VAL A 33 1.49 -8.15 1.85
CA VAL A 33 0.38 -8.73 1.14
C VAL A 33 0.22 -10.19 1.53
N ARG A 34 -0.97 -10.57 1.94
CA ARG A 34 -1.25 -11.96 2.26
C ARG A 34 -1.18 -12.80 0.97
N PRO A 35 -0.44 -13.91 0.98
CA PRO A 35 -0.19 -14.75 -0.21
C PRO A 35 -1.46 -15.25 -0.93
N SER A 36 -1.82 -14.58 -2.03
CA SER A 36 -2.93 -14.97 -2.91
C SER A 36 -2.79 -14.24 -4.25
N PRO A 37 -3.30 -14.83 -5.36
CA PRO A 37 -3.20 -14.25 -6.71
C PRO A 37 -3.55 -12.75 -6.79
N ALA A 38 -4.70 -12.37 -6.24
CA ALA A 38 -5.15 -10.97 -6.31
C ALA A 38 -4.23 -10.04 -5.54
N LYS A 39 -3.86 -10.45 -4.34
CA LYS A 39 -2.96 -9.66 -3.50
C LYS A 39 -1.57 -9.54 -4.12
N ARG A 40 -1.16 -10.57 -4.86
CA ARG A 40 0.11 -10.55 -5.60
C ARG A 40 0.11 -9.41 -6.63
N ARG A 41 -1.04 -9.16 -7.24
CA ARG A 41 -1.19 -8.10 -8.25
C ARG A 41 -0.92 -6.73 -7.64
N LEU A 42 -1.23 -6.61 -6.38
CA LEU A 42 -1.07 -5.35 -5.66
C LEU A 42 0.41 -5.04 -5.43
N SER A 43 1.20 -6.10 -5.28
CA SER A 43 2.63 -5.97 -5.01
C SER A 43 3.35 -5.16 -6.10
N THR A 44 3.09 -5.47 -7.36
CA THR A 44 3.72 -4.76 -8.46
C THR A 44 3.28 -3.29 -8.51
N LEU A 45 2.04 -3.03 -8.08
CA LEU A 45 1.52 -1.66 -8.03
C LEU A 45 2.24 -0.86 -6.95
N ILE A 46 2.40 -1.49 -5.78
CA ILE A 46 3.08 -0.87 -4.65
C ILE A 46 4.50 -0.50 -5.01
N LEU A 47 5.21 -1.43 -5.64
CA LEU A 47 6.60 -1.22 -6.01
C LEU A 47 6.74 -0.14 -7.06
N HIS A 48 5.86 -0.12 -8.05
CA HIS A 48 5.93 0.91 -9.10
C HIS A 48 5.53 2.26 -8.54
N GLY A 49 4.82 2.25 -7.43
CA GLY A 49 4.43 3.47 -6.78
C GLY A 49 5.55 4.04 -5.94
N GLY A 50 6.58 3.25 -5.73
CA GLY A 50 7.73 3.70 -4.95
C GLY A 50 7.72 3.12 -3.55
N GLY A 51 6.76 2.27 -3.27
CA GLY A 51 6.67 1.66 -1.96
C GLY A 51 7.44 0.37 -1.91
N THR A 52 7.35 -0.31 -0.79
CA THR A 52 8.03 -1.56 -0.62
C THR A 52 7.04 -2.62 -0.17
N VAL A 53 7.02 -3.74 -0.85
CA VAL A 53 6.10 -4.80 -0.52
C VAL A 53 6.81 -5.88 0.29
N CYS A 54 6.11 -6.45 1.23
CA CYS A 54 6.65 -7.49 2.05
C CYS A 54 6.06 -8.83 1.67
N ARG A 55 6.92 -9.78 1.36
CA ARG A 55 6.48 -11.12 0.99
C ARG A 55 6.19 -11.93 2.25
N VAL A 56 6.70 -11.44 3.36
CA VAL A 56 6.47 -12.03 4.65
C VAL A 56 6.03 -10.95 5.63
N GLN A 57 5.29 -11.33 6.64
CA GLN A 57 4.79 -10.40 7.61
C GLN A 57 5.94 -9.83 8.44
N GLU A 58 6.29 -8.60 8.17
CA GLU A 58 7.36 -7.94 8.88
C GLU A 58 6.81 -7.06 9.99
N PRO A 59 7.53 -6.98 11.11
CA PRO A 59 7.14 -6.12 12.22
C PRO A 59 7.24 -4.65 11.83
N GLY A 60 6.11 -4.00 11.78
CA GLY A 60 6.07 -2.61 11.40
C GLY A 60 5.55 -2.43 9.99
N ALA A 61 5.31 -3.53 9.31
CA ALA A 61 4.78 -3.49 7.96
C ALA A 61 3.27 -3.45 8.01
N VAL A 62 2.68 -2.73 7.08
CA VAL A 62 1.24 -2.60 7.02
C VAL A 62 0.62 -3.87 6.42
N LEU A 63 -0.34 -4.45 7.10
CA LEU A 63 -0.98 -5.68 6.64
C LEU A 63 -2.09 -5.40 5.64
N LEU A 64 -2.06 -6.08 4.51
CA LEU A 64 -3.06 -5.90 3.46
C LEU A 64 -3.83 -7.18 3.16
N ALA A 65 -5.14 -7.04 3.01
CA ALA A 65 -6.02 -8.14 2.69
C ALA A 65 -7.27 -7.61 2.01
N GLN A 66 -7.88 -8.43 1.20
CA GLN A 66 -9.08 -8.03 0.50
C GLN A 66 -10.31 -8.25 1.34
N PRO A 67 -11.26 -7.30 1.30
CA PRO A 67 -12.51 -7.41 2.04
C PRO A 67 -13.32 -8.61 1.57
N GLY A 68 -13.62 -8.65 0.27
CA GLY A 68 -14.34 -9.77 -0.31
C GLY A 68 -15.84 -9.67 -0.12
N GLU A 69 -16.24 -8.93 0.88
CA GLU A 69 -17.64 -8.76 1.21
C GLU A 69 -17.93 -7.32 1.59
N ALA A 70 -19.14 -7.09 2.12
CA ALA A 70 -19.54 -5.77 2.55
C ALA A 70 -18.68 -5.30 3.72
N LEU A 71 -18.54 -6.15 4.70
CA LEU A 71 -17.71 -5.82 5.86
C LEU A 71 -16.25 -6.15 5.60
N ALA A 72 -15.80 -7.30 6.11
CA ALA A 72 -14.40 -7.68 5.94
C ALA A 72 -14.16 -9.13 6.34
N GLU A 73 -13.31 -9.80 5.59
CA GLU A 73 -12.89 -11.13 5.88
C GLU A 73 -11.53 -11.10 6.60
N ALA A 74 -10.98 -9.90 6.75
CA ALA A 74 -9.67 -9.70 7.36
C ALA A 74 -9.62 -10.27 8.78
N SER A 75 -8.65 -11.16 9.01
CA SER A 75 -8.47 -11.79 10.30
C SER A 75 -8.13 -10.74 11.38
N GLY A 76 -6.94 -10.19 11.30
CA GLY A 76 -6.52 -9.19 12.26
C GLY A 76 -6.60 -7.79 11.69
N ASP A 77 -5.68 -6.94 12.09
CA ASP A 77 -5.64 -5.58 11.58
C ASP A 77 -5.16 -5.57 10.15
N PHE A 78 -5.96 -5.00 9.27
CA PHE A 78 -5.63 -4.96 7.85
C PHE A 78 -6.13 -3.68 7.21
N ILE A 79 -5.50 -3.30 6.14
CA ILE A 79 -5.92 -2.16 5.34
C ILE A 79 -6.68 -2.66 4.12
N SER A 80 -7.66 -1.90 3.68
CA SER A 80 -8.43 -2.26 2.50
C SER A 80 -7.57 -2.12 1.25
N THR A 81 -7.59 -3.16 0.42
CA THR A 81 -6.82 -3.20 -0.82
C THR A 81 -7.19 -2.05 -1.76
N GLN A 82 -8.39 -1.50 -1.55
CA GLN A 82 -8.89 -0.37 -2.34
C GLN A 82 -7.90 0.80 -2.34
N TYR A 83 -7.11 0.90 -1.29
CA TYR A 83 -6.13 1.98 -1.14
C TYR A 83 -5.20 2.07 -2.35
N ILE A 84 -4.88 0.92 -2.93
CA ILE A 84 -4.00 0.87 -4.09
C ILE A 84 -4.57 1.71 -5.23
N LEU A 85 -5.85 1.46 -5.53
CA LEU A 85 -6.51 2.12 -6.64
C LEU A 85 -6.93 3.54 -6.29
N ASP A 86 -7.35 3.76 -5.06
CA ASP A 86 -7.83 5.08 -4.63
C ASP A 86 -6.69 6.09 -4.58
N CYS A 87 -5.55 5.65 -4.07
CA CYS A 87 -4.38 6.52 -3.98
C CYS A 87 -3.89 6.95 -5.36
N VAL A 88 -3.81 6.00 -6.28
CA VAL A 88 -3.32 6.30 -7.62
C VAL A 88 -4.38 7.07 -8.43
N GLU A 89 -5.65 6.78 -8.16
CA GLU A 89 -6.76 7.45 -8.83
C GLU A 89 -6.69 8.96 -8.60
N ARG A 90 -6.22 9.34 -7.43
CA ARG A 90 -6.10 10.74 -7.06
C ARG A 90 -4.69 11.27 -7.32
N ASN A 91 -3.71 10.35 -7.40
CA ASN A 91 -2.29 10.71 -7.62
C ASN A 91 -1.77 11.63 -6.52
N GLU A 92 -2.33 11.50 -5.32
CA GLU A 92 -1.94 12.36 -4.21
C GLU A 92 -1.80 11.57 -2.92
N ARG A 93 -1.39 12.26 -1.87
CA ARG A 93 -1.21 11.65 -0.58
C ARG A 93 -2.53 11.63 0.20
N LEU A 94 -3.07 10.45 0.33
CA LEU A 94 -4.30 10.26 1.08
C LEU A 94 -4.00 9.56 2.41
N GLU A 95 -4.90 9.70 3.37
CA GLU A 95 -4.71 9.11 4.70
C GLU A 95 -4.80 7.59 4.68
N LEU A 96 -3.72 6.95 5.09
CA LEU A 96 -3.63 5.48 5.11
C LEU A 96 -4.64 4.89 6.11
N GLU A 97 -4.87 5.60 7.21
CA GLU A 97 -5.79 5.13 8.25
C GLU A 97 -7.23 5.12 7.75
N ALA A 98 -7.51 5.95 6.75
CA ALA A 98 -8.85 6.06 6.17
C ALA A 98 -9.22 4.81 5.40
N TYR A 99 -8.25 3.94 5.19
CA TYR A 99 -8.46 2.71 4.46
C TYR A 99 -8.48 1.52 5.40
N ARG A 100 -8.52 1.77 6.70
CA ARG A 100 -8.49 0.68 7.67
C ARG A 100 -9.69 -0.25 7.48
N LEU A 101 -9.44 -1.53 7.53
CA LEU A 101 -10.47 -2.52 7.37
C LEU A 101 -10.79 -3.11 8.74
N GLY A 102 -12.06 -3.39 8.97
CA GLY A 102 -12.47 -3.93 10.27
C GLY A 102 -11.97 -5.35 10.49
N PRO A 103 -11.28 -5.60 11.60
CA PRO A 103 -10.75 -6.92 11.93
C PRO A 103 -11.84 -7.86 12.43
N ALA A 104 -11.73 -9.11 12.05
CA ALA A 104 -12.67 -10.13 12.48
C ALA A 104 -12.32 -10.64 13.87
N SER A 105 -11.11 -10.34 14.31
CA SER A 105 -10.65 -10.74 15.61
C SER A 105 -10.89 -9.64 16.65
N ALA A 106 -11.51 -10.00 17.75
CA ALA A 106 -11.80 -9.06 18.81
C ALA A 106 -11.26 -9.58 20.13
N ALA A 107 -11.23 -8.74 21.13
CA ALA A 107 -10.68 -9.12 22.42
C ALA A 107 -11.62 -8.78 23.56
N ASP A 108 -12.03 -9.80 24.31
CA ASP A 108 -12.88 -9.60 25.50
C ASP A 108 -12.03 -9.00 26.60
N THR A 109 -10.77 -9.37 26.60
CA THR A 109 -9.80 -8.83 27.50
C THR A 109 -8.71 -8.14 26.69
N GLY A 110 -8.89 -6.85 26.45
CA GLY A 110 -7.96 -6.10 25.63
C GLY A 110 -6.81 -5.52 26.41
N SER A 111 -5.92 -4.87 25.72
CA SER A 111 -4.76 -4.25 26.32
C SER A 111 -4.59 -2.86 25.71
N GLU A 112 -3.46 -2.24 25.99
CA GLU A 112 -3.17 -0.92 25.48
C GLU A 112 -1.73 -0.86 25.00
N ALA A 113 -1.39 0.15 24.22
CA ALA A 113 -0.05 0.30 23.68
C ALA A 113 0.89 1.00 24.66
N LYS A 114 0.39 1.29 25.86
CA LYS A 114 1.20 1.94 26.87
C LYS A 114 1.75 0.91 27.87
N MET A 1 29.42 19.70 -41.34
CA MET A 1 28.03 19.27 -41.09
C MET A 1 27.63 19.54 -39.66
N ALA A 2 26.86 20.60 -39.46
CA ALA A 2 26.39 20.94 -38.13
C ALA A 2 25.18 20.09 -37.78
N GLU A 3 25.45 18.94 -37.20
CA GLU A 3 24.40 18.02 -36.85
C GLU A 3 23.73 18.43 -35.56
N ALA A 4 22.42 18.37 -35.56
CA ALA A 4 21.61 18.76 -34.40
C ALA A 4 20.21 18.24 -34.56
N MET A 5 19.44 18.30 -33.49
CA MET A 5 18.07 17.84 -33.51
C MET A 5 17.21 18.65 -32.56
N ASP A 6 15.92 18.66 -32.82
CA ASP A 6 14.98 19.38 -31.98
C ASP A 6 14.54 18.51 -30.81
N LEU A 7 14.60 19.07 -29.62
CA LEU A 7 14.23 18.37 -28.42
C LEU A 7 12.78 18.64 -28.04
N GLY A 8 12.29 17.93 -27.05
CA GLY A 8 10.91 18.07 -26.63
C GLY A 8 10.27 16.71 -26.46
N LYS A 9 10.87 15.90 -25.61
CA LYS A 9 10.41 14.53 -25.38
C LYS A 9 9.05 14.51 -24.70
N ASP A 10 8.07 13.99 -25.42
CA ASP A 10 6.70 13.89 -24.90
C ASP A 10 6.64 12.83 -23.80
N PRO A 11 5.99 13.16 -22.69
CA PRO A 11 5.84 12.23 -21.56
C PRO A 11 4.83 11.12 -21.88
N ASN A 12 5.35 9.95 -22.16
CA ASN A 12 4.52 8.80 -22.48
C ASN A 12 4.56 7.80 -21.35
N GLY A 13 4.95 8.27 -20.17
CA GLY A 13 5.04 7.42 -19.01
C GLY A 13 3.68 6.92 -18.54
N PRO A 14 3.67 5.94 -17.62
CA PRO A 14 2.43 5.36 -17.10
C PRO A 14 1.62 6.34 -16.25
N THR A 15 0.35 6.02 -16.04
CA THR A 15 -0.54 6.86 -15.25
C THR A 15 -0.22 6.76 -13.77
N HIS A 16 0.35 5.63 -13.39
CA HIS A 16 0.72 5.42 -12.01
C HIS A 16 1.98 6.16 -11.70
N SER A 17 1.87 7.10 -10.80
CA SER A 17 2.96 7.92 -10.38
C SER A 17 4.04 7.08 -9.67
N SER A 18 5.29 7.34 -10.01
CA SER A 18 6.42 6.58 -9.50
C SER A 18 6.83 6.99 -8.09
N THR A 19 6.25 8.06 -7.59
CA THR A 19 6.55 8.52 -6.24
C THR A 19 5.28 8.63 -5.41
N LEU A 20 4.22 7.96 -5.89
CA LEU A 20 2.92 7.98 -5.25
C LEU A 20 2.95 7.27 -3.91
N PHE A 21 3.68 6.18 -3.86
CA PHE A 21 3.77 5.36 -2.66
C PHE A 21 4.94 5.80 -1.78
N VAL A 22 5.54 6.92 -2.14
CA VAL A 22 6.64 7.44 -1.38
C VAL A 22 6.18 8.64 -0.58
N ARG A 23 6.43 8.61 0.72
CA ARG A 23 6.04 9.71 1.58
C ARG A 23 6.88 10.94 1.26
N ASP A 24 6.35 12.13 1.54
CA ASP A 24 7.08 13.39 1.28
C ASP A 24 8.39 13.44 2.06
N ASP A 25 8.43 12.70 3.16
CA ASP A 25 9.61 12.60 4.01
C ASP A 25 10.70 11.76 3.32
N GLY A 26 10.34 11.07 2.25
CA GLY A 26 11.29 10.25 1.54
C GLY A 26 11.21 8.80 1.95
N SER A 27 10.50 8.54 3.02
CA SER A 27 10.35 7.20 3.54
C SER A 27 9.35 6.39 2.72
N SER A 28 9.81 5.26 2.19
CA SER A 28 8.96 4.36 1.45
C SER A 28 8.35 3.35 2.41
N MET A 29 7.03 3.38 2.54
CA MET A 29 6.34 2.51 3.48
C MET A 29 6.25 1.07 2.94
N SER A 30 6.37 0.11 3.84
CA SER A 30 6.28 -1.29 3.48
C SER A 30 4.88 -1.83 3.75
N PHE A 31 4.35 -2.56 2.79
CA PHE A 31 3.02 -3.12 2.91
C PHE A 31 3.05 -4.63 2.77
N TYR A 32 2.52 -5.31 3.77
CA TYR A 32 2.49 -6.77 3.80
C TYR A 32 1.23 -7.30 3.16
N VAL A 33 1.42 -8.12 2.17
CA VAL A 33 0.32 -8.72 1.48
C VAL A 33 0.04 -10.11 2.04
N ARG A 34 -1.06 -10.24 2.79
CA ARG A 34 -1.41 -11.54 3.35
C ARG A 34 -1.74 -12.52 2.22
N PRO A 35 -1.44 -13.83 2.42
CA PRO A 35 -1.60 -14.89 1.41
C PRO A 35 -2.85 -14.74 0.52
N SER A 36 -2.63 -14.36 -0.72
CA SER A 36 -3.68 -14.18 -1.69
C SER A 36 -3.08 -13.93 -3.08
N PRO A 37 -3.61 -14.60 -4.12
CA PRO A 37 -3.10 -14.45 -5.50
C PRO A 37 -3.25 -13.02 -6.03
N ALA A 38 -4.29 -12.33 -5.60
CA ALA A 38 -4.58 -10.98 -6.08
C ALA A 38 -3.53 -9.97 -5.59
N LYS A 39 -2.83 -10.34 -4.53
CA LYS A 39 -1.81 -9.48 -3.94
C LYS A 39 -0.64 -9.28 -4.90
N ARG A 40 -0.37 -10.29 -5.71
CA ARG A 40 0.76 -10.26 -6.65
C ARG A 40 0.63 -9.07 -7.60
N ARG A 41 -0.55 -8.88 -8.17
CA ARG A 41 -0.79 -7.77 -9.11
C ARG A 41 -0.68 -6.44 -8.38
N LEU A 42 -1.04 -6.44 -7.11
CA LEU A 42 -0.97 -5.24 -6.29
C LEU A 42 0.48 -4.92 -5.92
N SER A 43 1.28 -5.97 -5.71
CA SER A 43 2.68 -5.83 -5.31
C SER A 43 3.48 -5.00 -6.32
N THR A 44 3.30 -5.29 -7.60
CA THR A 44 4.02 -4.58 -8.63
C THR A 44 3.59 -3.11 -8.71
N LEU A 45 2.32 -2.84 -8.40
CA LEU A 45 1.81 -1.47 -8.38
C LEU A 45 2.41 -0.70 -7.22
N ILE A 46 2.57 -1.38 -6.09
CA ILE A 46 3.18 -0.80 -4.91
C ILE A 46 4.62 -0.39 -5.21
N LEU A 47 5.36 -1.30 -5.79
CA LEU A 47 6.76 -1.06 -6.13
C LEU A 47 6.90 0.00 -7.20
N HIS A 48 6.01 -0.01 -8.17
CA HIS A 48 6.05 0.99 -9.24
C HIS A 48 5.72 2.37 -8.68
N GLY A 49 4.95 2.38 -7.61
CA GLY A 49 4.59 3.63 -6.96
C GLY A 49 5.71 4.14 -6.07
N GLY A 50 6.72 3.32 -5.87
CA GLY A 50 7.86 3.70 -5.07
C GLY A 50 7.82 3.09 -3.67
N GLY A 51 6.79 2.33 -3.39
CA GLY A 51 6.65 1.72 -2.08
C GLY A 51 7.32 0.38 -2.00
N THR A 52 7.23 -0.27 -0.86
CA THR A 52 7.83 -1.56 -0.65
C THR A 52 6.76 -2.59 -0.30
N VAL A 53 6.85 -3.75 -0.91
CA VAL A 53 5.90 -4.81 -0.62
C VAL A 53 6.58 -5.90 0.17
N CYS A 54 5.90 -6.42 1.15
CA CYS A 54 6.43 -7.47 1.97
C CYS A 54 5.63 -8.74 1.78
N ARG A 55 6.27 -9.75 1.19
CA ARG A 55 5.64 -11.06 0.99
C ARG A 55 5.53 -11.80 2.32
N VAL A 56 6.34 -11.36 3.28
CA VAL A 56 6.33 -11.90 4.61
C VAL A 56 5.97 -10.80 5.58
N GLN A 57 5.43 -11.16 6.74
CA GLN A 57 5.00 -10.17 7.70
C GLN A 57 6.19 -9.47 8.36
N GLU A 58 6.57 -8.35 7.79
CA GLU A 58 7.66 -7.57 8.31
C GLU A 58 7.22 -6.72 9.47
N PRO A 59 8.08 -6.59 10.48
CA PRO A 59 7.80 -5.79 11.66
C PRO A 59 7.64 -4.32 11.32
N GLY A 60 6.42 -3.82 11.43
CA GLY A 60 6.16 -2.42 11.12
C GLY A 60 5.47 -2.27 9.77
N ALA A 61 5.35 -3.35 9.03
CA ALA A 61 4.69 -3.33 7.74
C ALA A 61 3.18 -3.36 7.92
N VAL A 62 2.48 -2.68 7.04
CA VAL A 62 1.04 -2.60 7.09
C VAL A 62 0.41 -3.89 6.54
N LEU A 63 -0.58 -4.41 7.24
CA LEU A 63 -1.23 -5.66 6.82
C LEU A 63 -2.34 -5.39 5.79
N LEU A 64 -2.22 -6.01 4.63
CA LEU A 64 -3.18 -5.83 3.54
C LEU A 64 -3.98 -7.09 3.26
N ALA A 65 -5.28 -6.91 3.04
CA ALA A 65 -6.18 -8.00 2.75
C ALA A 65 -7.20 -7.58 1.71
N GLN A 66 -7.69 -8.53 0.93
CA GLN A 66 -8.69 -8.27 -0.09
C GLN A 66 -10.00 -7.85 0.58
N PRO A 67 -10.74 -6.93 -0.05
CA PRO A 67 -11.97 -6.42 0.51
C PRO A 67 -13.15 -7.34 0.26
N GLY A 68 -14.32 -6.86 0.58
CA GLY A 68 -15.51 -7.64 0.42
C GLY A 68 -15.90 -8.31 1.70
N GLU A 69 -14.92 -8.52 2.57
CA GLU A 69 -15.14 -9.16 3.85
C GLU A 69 -14.69 -8.25 4.96
N ALA A 70 -15.64 -7.78 5.72
CA ALA A 70 -15.36 -6.91 6.84
C ALA A 70 -15.90 -7.51 8.12
N LEU A 71 -15.20 -8.52 8.62
CA LEU A 71 -15.62 -9.22 9.81
C LEU A 71 -14.49 -9.24 10.84
N ALA A 72 -14.70 -9.96 11.92
CA ALA A 72 -13.72 -10.04 12.99
C ALA A 72 -12.73 -11.16 12.75
N GLU A 73 -12.69 -11.65 11.53
CA GLU A 73 -11.79 -12.72 11.15
C GLU A 73 -10.36 -12.20 11.00
N ALA A 74 -10.23 -10.88 11.01
CA ALA A 74 -8.93 -10.25 10.90
C ALA A 74 -8.19 -10.32 12.22
N SER A 75 -6.92 -10.68 12.16
CA SER A 75 -6.07 -10.80 13.34
C SER A 75 -5.90 -9.46 14.05
N GLY A 76 -5.94 -8.40 13.27
CA GLY A 76 -5.79 -7.08 13.81
C GLY A 76 -6.10 -6.03 12.77
N ASP A 77 -5.31 -4.98 12.74
CA ASP A 77 -5.51 -3.93 11.75
C ASP A 77 -5.17 -4.43 10.36
N PHE A 78 -6.12 -4.30 9.47
CA PHE A 78 -5.94 -4.70 8.09
C PHE A 78 -6.48 -3.63 7.18
N ILE A 79 -5.74 -3.31 6.16
CA ILE A 79 -6.13 -2.30 5.20
C ILE A 79 -6.72 -2.94 3.94
N SER A 80 -7.69 -2.27 3.35
CA SER A 80 -8.31 -2.73 2.13
C SER A 80 -7.42 -2.45 0.93
N THR A 81 -7.34 -3.42 0.03
CA THR A 81 -6.53 -3.31 -1.18
C THR A 81 -6.94 -2.12 -2.04
N GLN A 82 -8.17 -1.64 -1.84
CA GLN A 82 -8.71 -0.50 -2.59
C GLN A 82 -7.77 0.70 -2.54
N TYR A 83 -7.02 0.82 -1.47
CA TYR A 83 -6.09 1.93 -1.29
C TYR A 83 -5.14 2.07 -2.48
N ILE A 84 -4.76 0.95 -3.08
CA ILE A 84 -3.87 0.97 -4.22
C ILE A 84 -4.46 1.79 -5.36
N LEU A 85 -5.71 1.51 -5.69
CA LEU A 85 -6.39 2.17 -6.78
C LEU A 85 -6.85 3.56 -6.40
N ASP A 86 -7.32 3.71 -5.17
CA ASP A 86 -7.87 4.97 -4.69
C ASP A 86 -6.78 6.03 -4.61
N CYS A 87 -5.65 5.69 -4.00
CA CYS A 87 -4.54 6.60 -3.85
C CYS A 87 -4.00 7.05 -5.20
N VAL A 88 -3.87 6.11 -6.12
CA VAL A 88 -3.32 6.43 -7.43
C VAL A 88 -4.34 7.19 -8.29
N GLU A 89 -5.62 6.88 -8.12
CA GLU A 89 -6.69 7.55 -8.85
C GLU A 89 -6.65 9.05 -8.59
N ARG A 90 -6.42 9.40 -7.34
CA ARG A 90 -6.38 10.80 -6.93
C ARG A 90 -5.00 11.40 -7.15
N ASN A 91 -3.99 10.53 -7.25
CA ASN A 91 -2.59 10.96 -7.40
C ASN A 91 -2.16 11.79 -6.20
N GLU A 92 -2.81 11.53 -5.07
CA GLU A 92 -2.57 12.26 -3.85
C GLU A 92 -2.40 11.30 -2.68
N ARG A 93 -1.67 11.72 -1.68
CA ARG A 93 -1.41 10.88 -0.52
C ARG A 93 -2.55 10.99 0.48
N LEU A 94 -3.31 9.91 0.58
CA LEU A 94 -4.47 9.86 1.44
C LEU A 94 -4.17 9.08 2.72
N GLU A 95 -4.98 9.31 3.74
CA GLU A 95 -4.80 8.64 5.03
C GLU A 95 -5.03 7.14 4.91
N LEU A 96 -3.95 6.40 5.10
CA LEU A 96 -3.95 4.94 4.99
C LEU A 96 -5.01 4.30 5.89
N GLU A 97 -5.09 4.78 7.12
CA GLU A 97 -6.01 4.24 8.12
C GLU A 97 -7.47 4.32 7.67
N ALA A 98 -7.77 5.25 6.77
CA ALA A 98 -9.13 5.43 6.27
C ALA A 98 -9.57 4.24 5.43
N TYR A 99 -8.62 3.44 5.02
CA TYR A 99 -8.89 2.27 4.20
C TYR A 99 -8.98 1.01 5.06
N ARG A 100 -9.21 1.20 6.36
CA ARG A 100 -9.30 0.08 7.29
C ARG A 100 -10.40 -0.90 6.89
N LEU A 101 -10.08 -2.17 6.95
CA LEU A 101 -11.01 -3.23 6.60
C LEU A 101 -11.41 -4.02 7.84
N GLY A 102 -10.46 -4.21 8.74
CA GLY A 102 -10.73 -4.97 9.95
C GLY A 102 -11.06 -4.09 11.13
N PRO A 103 -11.03 -4.65 12.35
CA PRO A 103 -11.32 -3.92 13.57
C PRO A 103 -10.07 -3.19 14.09
N ALA A 104 -10.16 -2.69 15.32
CA ALA A 104 -9.04 -1.99 15.92
C ALA A 104 -8.87 -2.39 17.37
N SER A 105 -9.87 -2.10 18.17
CA SER A 105 -9.84 -2.42 19.58
C SER A 105 -11.03 -3.33 19.93
N ALA A 106 -10.83 -4.19 20.91
CA ALA A 106 -11.87 -5.12 21.34
C ALA A 106 -11.70 -5.49 22.80
N ALA A 107 -12.72 -6.07 23.39
CA ALA A 107 -12.67 -6.50 24.78
C ALA A 107 -11.77 -7.73 24.92
N ASP A 108 -10.64 -7.55 25.55
CA ASP A 108 -9.66 -8.62 25.68
C ASP A 108 -9.86 -9.43 26.96
N THR A 109 -10.30 -8.78 28.01
CA THR A 109 -10.49 -9.47 29.29
C THR A 109 -11.70 -8.95 30.05
N GLY A 110 -12.31 -9.81 30.83
CA GLY A 110 -13.46 -9.46 31.60
C GLY A 110 -14.12 -10.68 32.21
N SER A 111 -13.90 -10.88 33.49
CA SER A 111 -14.47 -12.02 34.18
C SER A 111 -15.79 -11.65 34.84
N GLU A 112 -16.68 -12.61 34.93
CA GLU A 112 -17.97 -12.38 35.55
C GLU A 112 -17.98 -12.94 36.97
N ALA A 113 -19.12 -12.83 37.64
CA ALA A 113 -19.27 -13.35 38.97
C ALA A 113 -19.67 -14.82 38.91
N LYS A 114 -19.53 -15.50 40.03
CA LYS A 114 -19.89 -16.91 40.11
C LYS A 114 -21.31 -17.04 40.61
N MET A 1 38.47 -2.02 -21.98
CA MET A 1 37.24 -1.44 -21.40
C MET A 1 36.62 -0.44 -22.37
N ALA A 2 35.38 -0.68 -22.74
CA ALA A 2 34.67 0.19 -23.65
C ALA A 2 33.78 1.15 -22.89
N GLU A 3 33.72 2.39 -23.35
CA GLU A 3 32.89 3.40 -22.71
C GLU A 3 31.64 3.65 -23.53
N ALA A 4 30.57 2.98 -23.17
CA ALA A 4 29.32 3.11 -23.89
C ALA A 4 28.16 3.36 -22.94
N MET A 5 27.68 4.59 -22.93
CA MET A 5 26.57 4.97 -22.06
C MET A 5 25.27 5.01 -22.86
N ASP A 6 24.16 4.90 -22.17
CA ASP A 6 22.86 4.94 -22.81
C ASP A 6 22.28 6.35 -22.73
N LEU A 7 21.39 6.66 -23.64
CA LEU A 7 20.75 7.96 -23.64
C LEU A 7 19.28 7.85 -23.90
N GLY A 8 18.57 7.65 -22.82
CA GLY A 8 17.14 7.52 -22.87
C GLY A 8 16.49 8.02 -21.60
N LYS A 9 16.65 9.31 -21.36
CA LYS A 9 16.13 9.93 -20.15
C LYS A 9 14.76 10.57 -20.40
N ASP A 10 14.04 10.04 -21.37
CA ASP A 10 12.73 10.55 -21.72
C ASP A 10 11.71 10.18 -20.64
N PRO A 11 10.69 11.03 -20.42
CA PRO A 11 9.63 10.73 -19.47
C PRO A 11 8.75 9.60 -20.00
N ASN A 12 9.12 8.39 -19.64
CA ASN A 12 8.43 7.20 -20.13
C ASN A 12 7.47 6.65 -19.09
N GLY A 13 7.30 7.40 -18.01
CA GLY A 13 6.42 6.96 -16.95
C GLY A 13 4.97 7.31 -17.22
N PRO A 14 4.03 6.57 -16.62
CA PRO A 14 2.60 6.80 -16.80
C PRO A 14 2.07 7.82 -15.79
N THR A 15 0.75 7.90 -15.66
CA THR A 15 0.12 8.83 -14.71
C THR A 15 0.44 8.43 -13.28
N HIS A 16 0.71 7.15 -13.08
CA HIS A 16 1.01 6.63 -11.76
C HIS A 16 2.32 7.20 -11.29
N SER A 17 2.24 7.95 -10.22
CA SER A 17 3.39 8.59 -9.65
C SER A 17 4.36 7.56 -9.06
N SER A 18 5.64 7.67 -9.42
CA SER A 18 6.67 6.77 -8.91
C SER A 18 7.01 7.14 -7.46
N THR A 19 6.54 8.30 -7.03
CA THR A 19 6.75 8.76 -5.68
C THR A 19 5.42 8.84 -4.94
N LEU A 20 4.45 8.05 -5.40
CA LEU A 20 3.12 8.02 -4.81
C LEU A 20 3.19 7.33 -3.44
N PHE A 21 3.88 6.21 -3.41
CA PHE A 21 4.05 5.43 -2.20
C PHE A 21 5.25 5.93 -1.40
N VAL A 22 5.78 7.06 -1.82
CA VAL A 22 6.91 7.68 -1.16
C VAL A 22 6.46 9.00 -0.54
N ARG A 23 6.77 9.20 0.71
CA ARG A 23 6.39 10.43 1.38
C ARG A 23 7.30 11.58 0.93
N ASP A 24 6.89 12.81 1.20
CA ASP A 24 7.65 14.01 0.78
C ASP A 24 9.05 14.01 1.38
N ASP A 25 9.21 13.26 2.46
CA ASP A 25 10.49 13.14 3.14
C ASP A 25 11.49 12.30 2.31
N GLY A 26 10.99 11.63 1.28
CA GLY A 26 11.86 10.86 0.40
C GLY A 26 11.92 9.39 0.76
N SER A 27 11.43 9.03 1.93
CA SER A 27 11.45 7.64 2.35
C SER A 27 10.22 6.90 1.86
N SER A 28 10.43 5.69 1.39
CA SER A 28 9.36 4.84 0.95
C SER A 28 8.84 4.00 2.12
N MET A 29 7.64 3.48 2.00
CA MET A 29 7.05 2.68 3.07
C MET A 29 6.84 1.23 2.61
N SER A 30 6.91 0.30 3.55
CA SER A 30 6.73 -1.12 3.24
C SER A 30 5.32 -1.58 3.61
N PHE A 31 4.68 -2.27 2.68
CA PHE A 31 3.33 -2.77 2.88
C PHE A 31 3.30 -4.28 2.70
N TYR A 32 2.69 -4.97 3.65
CA TYR A 32 2.61 -6.41 3.64
C TYR A 32 1.30 -6.88 3.03
N VAL A 33 1.41 -7.67 2.00
CA VAL A 33 0.26 -8.23 1.33
C VAL A 33 0.19 -9.73 1.59
N ARG A 34 -0.91 -10.17 2.15
CA ARG A 34 -1.09 -11.58 2.45
C ARG A 34 -1.19 -12.41 1.17
N PRO A 35 -0.62 -13.64 1.18
CA PRO A 35 -0.71 -14.55 0.04
C PRO A 35 -2.17 -14.72 -0.41
N SER A 36 -2.48 -14.20 -1.58
CA SER A 36 -3.83 -14.21 -2.09
C SER A 36 -3.81 -14.00 -3.62
N PRO A 37 -4.95 -14.24 -4.31
CA PRO A 37 -5.04 -14.07 -5.77
C PRO A 37 -4.55 -12.69 -6.25
N ALA A 38 -4.99 -11.64 -5.59
CA ALA A 38 -4.64 -10.29 -6.00
C ALA A 38 -3.27 -9.86 -5.49
N LYS A 39 -2.68 -10.67 -4.61
CA LYS A 39 -1.37 -10.36 -4.01
C LYS A 39 -0.33 -10.11 -5.10
N ARG A 40 -0.45 -10.82 -6.21
CA ARG A 40 0.49 -10.68 -7.31
C ARG A 40 0.35 -9.31 -7.97
N ARG A 41 -0.89 -8.87 -8.12
CA ARG A 41 -1.18 -7.58 -8.73
C ARG A 41 -0.87 -6.44 -7.76
N LEU A 42 -1.22 -6.63 -6.49
CA LEU A 42 -1.01 -5.61 -5.48
C LEU A 42 0.47 -5.27 -5.33
N SER A 43 1.31 -6.30 -5.30
CA SER A 43 2.73 -6.11 -5.12
C SER A 43 3.35 -5.29 -6.25
N THR A 44 3.02 -5.62 -7.49
CA THR A 44 3.57 -4.90 -8.63
C THR A 44 3.06 -3.45 -8.65
N LEU A 45 1.84 -3.25 -8.18
CA LEU A 45 1.26 -1.91 -8.13
C LEU A 45 1.96 -1.06 -7.07
N ILE A 46 2.27 -1.66 -5.93
CA ILE A 46 2.97 -0.96 -4.85
C ILE A 46 4.34 -0.48 -5.33
N LEU A 47 5.04 -1.35 -6.03
CA LEU A 47 6.35 -1.01 -6.56
C LEU A 47 6.25 0.05 -7.65
N HIS A 48 5.12 0.07 -8.36
CA HIS A 48 4.89 1.09 -9.39
C HIS A 48 4.52 2.41 -8.74
N GLY A 49 4.16 2.36 -7.46
CA GLY A 49 3.88 3.57 -6.72
C GLY A 49 5.13 4.09 -6.06
N GLY A 50 6.17 3.26 -6.06
CA GLY A 50 7.44 3.65 -5.47
C GLY A 50 7.60 3.12 -4.06
N GLY A 51 6.76 2.18 -3.68
CA GLY A 51 6.85 1.63 -2.34
C GLY A 51 7.56 0.30 -2.32
N THR A 52 7.54 -0.35 -1.18
CA THR A 52 8.17 -1.65 -1.02
C THR A 52 7.16 -2.64 -0.49
N VAL A 53 7.16 -3.83 -1.04
CA VAL A 53 6.23 -4.85 -0.63
C VAL A 53 6.87 -5.84 0.31
N CYS A 54 6.15 -6.17 1.37
CA CYS A 54 6.61 -7.14 2.32
C CYS A 54 6.05 -8.51 1.97
N ARG A 55 6.94 -9.47 1.83
CA ARG A 55 6.54 -10.83 1.49
C ARG A 55 5.93 -11.54 2.70
N VAL A 56 6.32 -11.07 3.88
CA VAL A 56 5.82 -11.58 5.13
C VAL A 56 5.49 -10.43 6.04
N GLN A 57 4.85 -10.71 7.15
CA GLN A 57 4.45 -9.69 8.08
C GLN A 57 5.67 -9.10 8.79
N GLU A 58 6.09 -7.93 8.36
CA GLU A 58 7.21 -7.25 8.99
C GLU A 58 6.73 -6.32 10.07
N PRO A 59 7.46 -6.22 11.19
CA PRO A 59 7.13 -5.30 12.26
C PRO A 59 7.25 -3.86 11.80
N GLY A 60 6.13 -3.19 11.70
CA GLY A 60 6.13 -1.82 11.23
C GLY A 60 5.60 -1.73 9.82
N ALA A 61 5.24 -2.87 9.27
CA ALA A 61 4.65 -2.91 7.94
C ALA A 61 3.15 -2.95 8.06
N VAL A 62 2.48 -2.45 7.05
CA VAL A 62 1.02 -2.42 7.04
C VAL A 62 0.46 -3.75 6.54
N LEU A 63 -0.55 -4.26 7.23
CA LEU A 63 -1.16 -5.54 6.85
C LEU A 63 -2.31 -5.34 5.87
N LEU A 64 -2.22 -5.98 4.71
CA LEU A 64 -3.25 -5.89 3.69
C LEU A 64 -4.01 -7.19 3.54
N ALA A 65 -5.31 -7.09 3.34
CA ALA A 65 -6.17 -8.26 3.17
C ALA A 65 -7.25 -7.99 2.14
N GLN A 66 -7.78 -9.05 1.57
CA GLN A 66 -8.83 -8.94 0.56
C GLN A 66 -10.20 -9.03 1.20
N PRO A 67 -11.07 -8.05 0.96
CA PRO A 67 -12.44 -8.10 1.44
C PRO A 67 -13.28 -9.04 0.56
N GLY A 68 -13.38 -8.71 -0.73
CA GLY A 68 -14.12 -9.54 -1.66
C GLY A 68 -15.60 -9.27 -1.63
N GLU A 69 -16.08 -8.76 -0.52
CA GLU A 69 -17.48 -8.47 -0.33
C GLU A 69 -17.68 -7.30 0.63
N ALA A 70 -17.96 -7.61 1.86
CA ALA A 70 -18.12 -6.62 2.91
C ALA A 70 -17.29 -7.02 4.12
N LEU A 71 -17.24 -8.30 4.38
CA LEU A 71 -16.45 -8.84 5.46
C LEU A 71 -15.12 -9.35 4.93
N ALA A 72 -14.33 -9.97 5.79
CA ALA A 72 -13.03 -10.48 5.41
C ALA A 72 -12.61 -11.60 6.34
N GLU A 73 -11.44 -12.16 6.09
CA GLU A 73 -10.89 -13.23 6.92
C GLU A 73 -9.90 -12.64 7.92
N ALA A 74 -9.77 -11.31 7.88
CA ALA A 74 -8.84 -10.58 8.71
C ALA A 74 -9.00 -10.87 10.21
N SER A 75 -7.97 -11.44 10.80
CA SER A 75 -7.93 -11.72 12.21
C SER A 75 -7.70 -10.42 13.00
N GLY A 76 -6.52 -9.86 12.82
CA GLY A 76 -6.19 -8.61 13.47
C GLY A 76 -6.57 -7.44 12.61
N ASP A 77 -6.03 -6.27 12.91
CA ASP A 77 -6.33 -5.10 12.12
C ASP A 77 -5.69 -5.20 10.74
N PHE A 78 -6.50 -5.06 9.72
CA PHE A 78 -6.06 -5.19 8.35
C PHE A 78 -6.58 -4.04 7.49
N ILE A 79 -5.83 -3.70 6.47
CA ILE A 79 -6.20 -2.65 5.55
C ILE A 79 -6.77 -3.25 4.26
N SER A 80 -7.70 -2.54 3.65
CA SER A 80 -8.32 -2.99 2.42
C SER A 80 -7.40 -2.77 1.22
N THR A 81 -7.42 -3.72 0.29
CA THR A 81 -6.60 -3.68 -0.92
C THR A 81 -6.96 -2.47 -1.80
N GLN A 82 -8.18 -1.97 -1.62
CA GLN A 82 -8.70 -0.81 -2.38
C GLN A 82 -7.75 0.39 -2.30
N TYR A 83 -7.03 0.50 -1.21
CA TYR A 83 -6.12 1.63 -0.99
C TYR A 83 -5.13 1.80 -2.15
N ILE A 84 -4.72 0.69 -2.75
CA ILE A 84 -3.78 0.72 -3.87
C ILE A 84 -4.33 1.58 -5.00
N LEU A 85 -5.56 1.30 -5.38
CA LEU A 85 -6.18 1.99 -6.50
C LEU A 85 -6.63 3.38 -6.10
N ASP A 86 -7.26 3.49 -4.95
CA ASP A 86 -7.84 4.75 -4.49
C ASP A 86 -6.78 5.84 -4.37
N CYS A 87 -5.60 5.48 -3.88
CA CYS A 87 -4.51 6.42 -3.74
C CYS A 87 -3.99 6.90 -5.10
N VAL A 88 -3.72 5.97 -6.01
CA VAL A 88 -3.18 6.31 -7.31
C VAL A 88 -4.19 7.06 -8.18
N GLU A 89 -5.48 6.74 -8.02
CA GLU A 89 -6.54 7.41 -8.77
C GLU A 89 -6.52 8.91 -8.53
N ARG A 90 -6.34 9.29 -7.27
CA ARG A 90 -6.28 10.71 -6.91
C ARG A 90 -4.88 11.24 -7.21
N ASN A 91 -3.94 10.32 -7.33
CA ASN A 91 -2.53 10.63 -7.55
C ASN A 91 -1.98 11.36 -6.33
N GLU A 92 -2.47 10.96 -5.17
CA GLU A 92 -2.10 11.54 -3.90
C GLU A 92 -2.05 10.47 -2.83
N ARG A 93 -1.17 10.63 -1.85
CA ARG A 93 -1.05 9.69 -0.76
C ARG A 93 -2.15 9.96 0.26
N LEU A 94 -3.11 9.07 0.32
CA LEU A 94 -4.21 9.21 1.24
C LEU A 94 -3.93 8.51 2.55
N GLU A 95 -4.64 8.92 3.59
CA GLU A 95 -4.47 8.36 4.92
C GLU A 95 -4.71 6.85 4.92
N LEU A 96 -3.65 6.13 5.20
CA LEU A 96 -3.67 4.67 5.22
C LEU A 96 -4.70 4.15 6.22
N GLU A 97 -4.83 4.84 7.34
CA GLU A 97 -5.76 4.45 8.40
C GLU A 97 -7.21 4.46 7.90
N ALA A 98 -7.49 5.31 6.92
CA ALA A 98 -8.85 5.47 6.39
C ALA A 98 -9.30 4.25 5.60
N TYR A 99 -8.37 3.35 5.31
CA TYR A 99 -8.68 2.15 4.56
C TYR A 99 -8.80 0.94 5.47
N ARG A 100 -8.93 1.18 6.77
CA ARG A 100 -9.08 0.11 7.75
C ARG A 100 -10.31 -0.74 7.45
N LEU A 101 -10.08 -2.00 7.22
CA LEU A 101 -11.13 -2.93 6.84
C LEU A 101 -11.83 -3.48 8.08
N GLY A 102 -13.13 -3.73 7.95
CA GLY A 102 -13.92 -4.24 9.06
C GLY A 102 -13.40 -5.58 9.59
N PRO A 103 -13.49 -5.79 10.92
CA PRO A 103 -13.05 -7.03 11.55
C PRO A 103 -13.95 -8.21 11.22
N ALA A 104 -13.39 -9.40 11.33
CA ALA A 104 -14.12 -10.62 11.04
C ALA A 104 -14.77 -11.18 12.29
N SER A 105 -14.15 -10.93 13.43
CA SER A 105 -14.66 -11.42 14.69
C SER A 105 -14.30 -10.45 15.81
N ALA A 106 -15.30 -9.72 16.30
CA ALA A 106 -15.10 -8.78 17.38
C ALA A 106 -15.07 -9.52 18.71
N ALA A 107 -13.92 -9.57 19.34
CA ALA A 107 -13.77 -10.26 20.60
C ALA A 107 -12.98 -9.42 21.60
N ASP A 108 -13.53 -9.28 22.79
CA ASP A 108 -12.87 -8.53 23.85
C ASP A 108 -11.72 -9.34 24.43
N THR A 109 -11.91 -10.66 24.45
CA THR A 109 -10.90 -11.58 24.94
C THR A 109 -9.98 -12.02 23.80
N GLY A 110 -8.82 -12.55 24.13
CA GLY A 110 -7.90 -12.99 23.11
C GLY A 110 -6.49 -13.15 23.61
N SER A 111 -6.18 -12.50 24.73
CA SER A 111 -4.85 -12.62 25.31
C SER A 111 -4.72 -13.97 26.02
N GLU A 112 -3.99 -14.88 25.40
CA GLU A 112 -3.84 -16.23 25.92
C GLU A 112 -2.98 -16.26 27.19
N ALA A 113 -1.73 -15.83 27.07
CA ALA A 113 -0.83 -15.83 28.20
C ALA A 113 -1.15 -14.74 29.19
N LYS A 114 -1.77 -15.11 30.29
CA LYS A 114 -2.13 -14.17 31.33
C LYS A 114 -1.16 -14.29 32.51
N MET A 1 30.23 0.90 -34.96
CA MET A 1 30.91 1.65 -33.88
C MET A 1 30.42 3.09 -33.86
N ALA A 2 29.37 3.33 -33.08
CA ALA A 2 28.79 4.66 -32.99
C ALA A 2 27.94 4.78 -31.74
N GLU A 3 27.49 5.97 -31.46
CA GLU A 3 26.65 6.22 -30.30
C GLU A 3 25.21 6.46 -30.75
N ALA A 4 24.26 5.94 -29.99
CA ALA A 4 22.86 6.09 -30.33
C ALA A 4 21.99 6.35 -29.10
N MET A 5 22.61 6.89 -28.05
CA MET A 5 21.87 7.19 -26.83
C MET A 5 21.14 8.51 -26.95
N ASP A 6 19.90 8.55 -26.48
CA ASP A 6 19.09 9.75 -26.55
C ASP A 6 19.44 10.73 -25.46
N LEU A 7 19.38 12.00 -25.80
CA LEU A 7 19.72 13.05 -24.86
C LEU A 7 18.53 13.35 -23.94
N GLY A 8 17.36 13.45 -24.53
CA GLY A 8 16.18 13.77 -23.78
C GLY A 8 15.60 12.60 -23.04
N LYS A 9 15.89 12.53 -21.75
CA LYS A 9 15.37 11.47 -20.91
C LYS A 9 14.00 11.86 -20.39
N ASP A 10 12.99 11.73 -21.23
CA ASP A 10 11.64 12.08 -20.84
C ASP A 10 11.00 10.94 -20.04
N PRO A 11 10.12 11.27 -19.10
CA PRO A 11 9.41 10.27 -18.32
C PRO A 11 8.33 9.58 -19.17
N ASN A 12 8.72 8.53 -19.85
CA ASN A 12 7.81 7.79 -20.72
C ASN A 12 7.13 6.66 -19.97
N GLY A 13 7.13 6.74 -18.65
CA GLY A 13 6.49 5.74 -17.84
C GLY A 13 4.97 5.85 -17.85
N PRO A 14 4.30 5.24 -16.88
CA PRO A 14 2.85 5.26 -16.79
C PRO A 14 2.34 6.46 -15.99
N THR A 15 1.02 6.55 -15.87
CA THR A 15 0.39 7.61 -15.11
C THR A 15 0.54 7.31 -13.61
N HIS A 16 0.81 6.04 -13.29
CA HIS A 16 1.05 5.64 -11.93
C HIS A 16 2.25 6.38 -11.39
N SER A 17 2.00 7.18 -10.39
CA SER A 17 3.04 7.98 -9.81
C SER A 17 4.02 7.10 -9.02
N SER A 18 5.30 7.28 -9.29
CA SER A 18 6.33 6.51 -8.62
C SER A 18 6.69 7.17 -7.28
N THR A 19 6.05 8.27 -6.99
CA THR A 19 6.20 8.96 -5.73
C THR A 19 4.90 8.85 -4.93
N LEU A 20 4.02 7.98 -5.41
CA LEU A 20 2.71 7.79 -4.82
C LEU A 20 2.83 7.04 -3.48
N PHE A 21 3.73 6.09 -3.44
CA PHE A 21 3.95 5.28 -2.26
C PHE A 21 5.13 5.76 -1.44
N VAL A 22 5.55 6.98 -1.71
CA VAL A 22 6.66 7.57 -0.99
C VAL A 22 6.13 8.53 0.07
N ARG A 23 6.54 8.31 1.30
CA ARG A 23 6.12 9.14 2.41
C ARG A 23 6.79 10.51 2.31
N ASP A 24 6.11 11.56 2.77
CA ASP A 24 6.66 12.93 2.68
C ASP A 24 7.94 13.07 3.48
N ASP A 25 8.15 12.15 4.42
CA ASP A 25 9.36 12.14 5.24
C ASP A 25 10.56 11.68 4.41
N GLY A 26 10.30 11.19 3.22
CA GLY A 26 11.37 10.74 2.33
C GLY A 26 11.58 9.25 2.40
N SER A 27 10.91 8.62 3.33
CA SER A 27 11.03 7.18 3.52
C SER A 27 10.04 6.42 2.64
N SER A 28 10.47 5.30 2.09
CA SER A 28 9.62 4.45 1.30
C SER A 28 8.77 3.59 2.21
N MET A 29 7.48 3.52 1.94
CA MET A 29 6.57 2.77 2.79
C MET A 29 6.50 1.31 2.34
N SER A 30 6.42 0.42 3.31
CA SER A 30 6.32 -1.00 3.04
C SER A 30 4.92 -1.51 3.33
N PHE A 31 4.37 -2.27 2.41
CA PHE A 31 3.04 -2.80 2.56
C PHE A 31 3.06 -4.32 2.44
N TYR A 32 2.55 -4.98 3.45
CA TYR A 32 2.53 -6.44 3.52
C TYR A 32 1.21 -6.98 3.02
N VAL A 33 1.29 -7.83 2.02
CA VAL A 33 0.12 -8.44 1.42
C VAL A 33 -0.14 -9.83 2.01
N ARG A 34 -1.35 -10.03 2.51
CA ARG A 34 -1.74 -11.33 3.05
C ARG A 34 -1.84 -12.34 1.91
N PRO A 35 -1.34 -13.58 2.14
CA PRO A 35 -1.38 -14.66 1.15
C PRO A 35 -2.73 -14.75 0.43
N SER A 36 -2.73 -14.38 -0.84
CA SER A 36 -3.93 -14.37 -1.65
C SER A 36 -3.56 -14.38 -3.13
N PRO A 37 -4.48 -14.77 -4.02
CA PRO A 37 -4.20 -14.80 -5.47
C PRO A 37 -4.07 -13.39 -6.07
N ALA A 38 -4.62 -12.41 -5.39
CA ALA A 38 -4.62 -11.03 -5.88
C ALA A 38 -3.36 -10.27 -5.44
N LYS A 39 -2.54 -10.88 -4.60
CA LYS A 39 -1.32 -10.23 -4.10
C LYS A 39 -0.39 -9.84 -5.25
N ARG A 40 -0.41 -10.66 -6.32
CA ARG A 40 0.44 -10.44 -7.48
C ARG A 40 0.09 -9.10 -8.14
N ARG A 41 -1.19 -8.78 -8.19
CA ARG A 41 -1.67 -7.54 -8.76
C ARG A 41 -1.28 -6.35 -7.90
N LEU A 42 -1.34 -6.54 -6.59
CA LEU A 42 -1.05 -5.46 -5.65
C LEU A 42 0.44 -5.16 -5.60
N SER A 43 1.25 -6.22 -5.52
CA SER A 43 2.71 -6.10 -5.40
C SER A 43 3.31 -5.20 -6.49
N THR A 44 2.91 -5.42 -7.74
CA THR A 44 3.46 -4.66 -8.84
C THR A 44 3.03 -3.18 -8.79
N LEU A 45 1.81 -2.93 -8.34
CA LEU A 45 1.31 -1.57 -8.26
C LEU A 45 1.97 -0.83 -7.11
N ILE A 46 2.25 -1.55 -6.03
CA ILE A 46 2.94 -0.99 -4.87
C ILE A 46 4.37 -0.59 -5.24
N LEU A 47 5.05 -1.47 -5.94
CA LEU A 47 6.42 -1.21 -6.36
C LEU A 47 6.49 -0.08 -7.37
N HIS A 48 5.53 -0.02 -8.28
CA HIS A 48 5.47 1.05 -9.27
C HIS A 48 5.17 2.37 -8.58
N GLY A 49 4.37 2.30 -7.50
CA GLY A 49 4.03 3.48 -6.75
C GLY A 49 5.21 4.08 -6.01
N GLY A 50 6.28 3.29 -5.89
CA GLY A 50 7.46 3.78 -5.22
C GLY A 50 7.60 3.21 -3.82
N GLY A 51 6.85 2.16 -3.53
CA GLY A 51 6.92 1.57 -2.22
C GLY A 51 7.55 0.19 -2.27
N THR A 52 7.54 -0.49 -1.14
CA THR A 52 8.09 -1.82 -1.04
C THR A 52 7.01 -2.79 -0.59
N VAL A 53 6.92 -3.94 -1.22
CA VAL A 53 5.92 -4.92 -0.86
C VAL A 53 6.54 -6.00 0.03
N CYS A 54 5.84 -6.38 1.06
CA CYS A 54 6.31 -7.39 1.95
C CYS A 54 5.49 -8.66 1.80
N ARG A 55 6.18 -9.77 1.57
CA ARG A 55 5.53 -11.06 1.42
C ARG A 55 5.22 -11.63 2.79
N VAL A 56 5.95 -11.18 3.77
CA VAL A 56 5.76 -11.56 5.15
C VAL A 56 5.62 -10.32 6.00
N GLN A 57 5.08 -10.45 7.20
CA GLN A 57 4.87 -9.30 8.05
C GLN A 57 6.23 -8.70 8.46
N GLU A 58 6.51 -7.53 7.94
CA GLU A 58 7.75 -6.85 8.23
C GLU A 58 7.53 -5.77 9.28
N PRO A 59 8.55 -5.46 10.07
CA PRO A 59 8.49 -4.42 11.09
C PRO A 59 8.26 -3.05 10.49
N GLY A 60 7.07 -2.53 10.67
CA GLY A 60 6.75 -1.22 10.14
C GLY A 60 5.99 -1.30 8.84
N ALA A 61 5.57 -2.50 8.49
CA ALA A 61 4.80 -2.72 7.28
C ALA A 61 3.32 -2.70 7.57
N VAL A 62 2.54 -2.26 6.62
CA VAL A 62 1.09 -2.21 6.75
C VAL A 62 0.49 -3.55 6.35
N LEU A 63 -0.56 -3.98 7.05
CA LEU A 63 -1.19 -5.26 6.77
C LEU A 63 -2.32 -5.11 5.75
N LEU A 64 -2.19 -5.82 4.64
CA LEU A 64 -3.19 -5.80 3.57
C LEU A 64 -3.88 -7.13 3.43
N ALA A 65 -5.16 -7.11 3.14
CA ALA A 65 -5.93 -8.33 2.98
C ALA A 65 -7.07 -8.13 2.00
N GLN A 66 -7.42 -9.20 1.31
CA GLN A 66 -8.51 -9.17 0.36
C GLN A 66 -9.84 -9.22 1.10
N PRO A 67 -10.75 -8.28 0.81
CA PRO A 67 -12.06 -8.25 1.43
C PRO A 67 -12.87 -9.48 1.02
N GLY A 68 -12.93 -9.73 -0.29
CA GLY A 68 -13.64 -10.88 -0.82
C GLY A 68 -15.13 -10.63 -0.94
N GLU A 69 -15.63 -9.68 -0.16
CA GLU A 69 -17.02 -9.34 -0.13
C GLU A 69 -17.19 -7.98 0.55
N ALA A 70 -18.41 -7.65 0.93
CA ALA A 70 -18.68 -6.39 1.62
C ALA A 70 -18.13 -6.43 3.04
N LEU A 71 -18.00 -7.64 3.55
CA LEU A 71 -17.42 -7.86 4.87
C LEU A 71 -15.93 -8.11 4.76
N ALA A 72 -15.29 -8.37 5.88
CA ALA A 72 -13.86 -8.58 5.88
C ALA A 72 -13.50 -10.01 6.25
N GLU A 73 -12.71 -10.66 5.40
CA GLU A 73 -12.21 -12.00 5.66
C GLU A 73 -10.91 -11.91 6.45
N ALA A 74 -10.53 -10.70 6.78
CA ALA A 74 -9.30 -10.43 7.50
C ALA A 74 -9.45 -10.77 8.99
N SER A 75 -8.41 -11.37 9.55
CA SER A 75 -8.41 -11.74 10.96
C SER A 75 -8.49 -10.51 11.86
N GLY A 76 -7.44 -9.71 11.84
CA GLY A 76 -7.40 -8.51 12.65
C GLY A 76 -7.50 -7.26 11.81
N ASP A 77 -6.79 -6.22 12.22
CA ASP A 77 -6.81 -4.98 11.48
C ASP A 77 -6.03 -5.11 10.20
N PHE A 78 -6.69 -4.81 9.11
CA PHE A 78 -6.13 -4.92 7.80
C PHE A 78 -6.63 -3.78 6.94
N ILE A 79 -5.81 -3.34 6.03
CA ILE A 79 -6.18 -2.28 5.12
C ILE A 79 -6.84 -2.85 3.87
N SER A 80 -7.84 -2.13 3.35
CA SER A 80 -8.53 -2.55 2.15
C SER A 80 -7.63 -2.39 0.93
N THR A 81 -7.59 -3.42 0.09
CA THR A 81 -6.77 -3.41 -1.12
C THR A 81 -7.15 -2.26 -2.06
N GLN A 82 -8.39 -1.78 -1.92
CA GLN A 82 -8.89 -0.66 -2.72
C GLN A 82 -7.98 0.56 -2.64
N TYR A 83 -7.24 0.67 -1.55
CA TYR A 83 -6.33 1.80 -1.35
C TYR A 83 -5.34 1.93 -2.50
N ILE A 84 -4.94 0.80 -3.09
CA ILE A 84 -4.00 0.80 -4.19
C ILE A 84 -4.51 1.66 -5.33
N LEU A 85 -5.74 1.41 -5.72
CA LEU A 85 -6.34 2.10 -6.83
C LEU A 85 -6.79 3.49 -6.44
N ASP A 86 -7.37 3.62 -5.25
CA ASP A 86 -7.91 4.89 -4.80
C ASP A 86 -6.82 5.94 -4.61
N CYS A 87 -5.68 5.51 -4.09
CA CYS A 87 -4.56 6.41 -3.87
C CYS A 87 -3.95 6.87 -5.20
N VAL A 88 -3.70 5.91 -6.08
CA VAL A 88 -3.07 6.22 -7.35
C VAL A 88 -4.03 6.98 -8.29
N GLU A 89 -5.32 6.68 -8.17
CA GLU A 89 -6.35 7.34 -8.97
C GLU A 89 -6.33 8.85 -8.76
N ARG A 90 -6.12 9.28 -7.51
CA ARG A 90 -6.08 10.71 -7.18
C ARG A 90 -4.68 11.26 -7.41
N ASN A 91 -3.71 10.35 -7.57
CA ASN A 91 -2.30 10.71 -7.72
C ASN A 91 -1.84 11.50 -6.51
N GLU A 92 -2.35 11.12 -5.35
CA GLU A 92 -2.05 11.80 -4.11
C GLU A 92 -1.91 10.78 -2.98
N ARG A 93 -1.03 11.07 -2.04
CA ARG A 93 -0.85 10.21 -0.88
C ARG A 93 -2.02 10.44 0.08
N LEU A 94 -2.88 9.46 0.17
CA LEU A 94 -4.08 9.56 0.99
C LEU A 94 -3.89 8.89 2.34
N GLU A 95 -4.73 9.26 3.30
CA GLU A 95 -4.70 8.71 4.65
C GLU A 95 -4.84 7.19 4.60
N LEU A 96 -3.76 6.50 4.91
CA LEU A 96 -3.70 5.04 4.85
C LEU A 96 -4.69 4.41 5.84
N GLU A 97 -4.77 4.96 7.04
CA GLU A 97 -5.64 4.41 8.08
C GLU A 97 -7.13 4.52 7.72
N ALA A 98 -7.46 5.40 6.79
CA ALA A 98 -8.84 5.59 6.37
C ALA A 98 -9.35 4.35 5.62
N TYR A 99 -8.43 3.54 5.16
CA TYR A 99 -8.77 2.34 4.42
C TYR A 99 -8.82 1.12 5.33
N ARG A 100 -8.84 1.34 6.65
CA ARG A 100 -8.87 0.25 7.60
C ARG A 100 -10.14 -0.59 7.41
N LEU A 101 -9.93 -1.82 7.00
CA LEU A 101 -10.99 -2.75 6.67
C LEU A 101 -11.27 -3.72 7.80
N GLY A 102 -10.24 -4.45 8.19
CA GLY A 102 -10.39 -5.47 9.21
C GLY A 102 -10.51 -4.93 10.61
N PRO A 103 -11.52 -5.38 11.38
CA PRO A 103 -11.70 -5.01 12.77
C PRO A 103 -10.74 -5.79 13.66
N ALA A 104 -10.29 -5.16 14.72
CA ALA A 104 -9.34 -5.82 15.61
C ALA A 104 -9.42 -5.30 17.03
N SER A 105 -9.49 -6.22 17.95
CA SER A 105 -9.46 -5.92 19.35
C SER A 105 -8.57 -6.94 20.05
N ALA A 106 -7.27 -6.69 20.00
CA ALA A 106 -6.29 -7.62 20.55
C ALA A 106 -6.33 -7.63 22.06
N ALA A 107 -6.26 -8.80 22.63
CA ALA A 107 -6.26 -8.95 24.06
C ALA A 107 -4.84 -8.99 24.59
N ASP A 108 -4.17 -7.85 24.54
CA ASP A 108 -2.80 -7.75 25.03
C ASP A 108 -2.79 -7.62 26.54
N THR A 109 -3.96 -7.36 27.09
CA THR A 109 -4.13 -7.26 28.52
C THR A 109 -4.18 -8.68 29.13
N GLY A 110 -4.47 -8.76 30.41
CA GLY A 110 -4.51 -10.05 31.06
C GLY A 110 -3.19 -10.39 31.70
N SER A 111 -2.66 -9.46 32.47
CA SER A 111 -1.40 -9.64 33.15
C SER A 111 -1.59 -10.49 34.40
N GLU A 112 -0.55 -11.19 34.80
CA GLU A 112 -0.59 -12.04 35.97
C GLU A 112 -0.04 -11.29 37.18
N ALA A 113 -0.69 -11.45 38.31
CA ALA A 113 -0.26 -10.80 39.54
C ALA A 113 0.21 -11.83 40.54
N LYS A 114 1.47 -11.70 40.96
CA LYS A 114 2.10 -12.61 41.92
C LYS A 114 2.30 -14.00 41.32
N MET A 1 2.30 -0.75 -26.17
CA MET A 1 2.56 0.71 -26.16
C MET A 1 3.65 1.04 -25.17
N ALA A 2 4.88 0.95 -25.63
CA ALA A 2 6.03 1.24 -24.80
C ALA A 2 6.85 2.34 -25.43
N GLU A 3 7.45 3.17 -24.60
CA GLU A 3 8.27 4.26 -25.06
C GLU A 3 9.43 4.46 -24.11
N ALA A 4 10.50 5.05 -24.61
CA ALA A 4 11.68 5.27 -23.82
C ALA A 4 11.76 6.71 -23.34
N MET A 5 12.72 7.01 -22.49
CA MET A 5 12.89 8.36 -21.95
C MET A 5 13.92 9.12 -22.79
N ASP A 6 14.39 8.48 -23.86
CA ASP A 6 15.36 9.08 -24.77
C ASP A 6 14.85 10.38 -25.35
N LEU A 7 15.46 11.50 -24.90
CA LEU A 7 15.10 12.86 -25.35
C LEU A 7 13.73 13.26 -24.84
N GLY A 8 13.19 12.46 -23.96
CA GLY A 8 11.89 12.73 -23.40
C GLY A 8 11.97 13.62 -22.18
N LYS A 9 11.80 14.90 -22.39
CA LYS A 9 11.86 15.86 -21.29
C LYS A 9 10.57 15.80 -20.49
N ASP A 10 9.46 15.68 -21.20
CA ASP A 10 8.17 15.54 -20.55
C ASP A 10 7.98 14.09 -20.11
N PRO A 11 7.40 13.86 -18.93
CA PRO A 11 7.18 12.51 -18.40
C PRO A 11 6.56 11.56 -19.43
N ASN A 12 7.32 10.53 -19.79
CA ASN A 12 6.85 9.53 -20.75
C ASN A 12 6.05 8.45 -20.04
N GLY A 13 6.00 8.54 -18.72
CA GLY A 13 5.26 7.57 -17.95
C GLY A 13 3.78 7.88 -17.90
N PRO A 14 2.97 6.94 -17.39
CA PRO A 14 1.52 7.10 -17.30
C PRO A 14 1.11 8.02 -16.14
N THR A 15 -0.18 8.04 -15.81
CA THR A 15 -0.68 8.86 -14.73
C THR A 15 -0.21 8.31 -13.38
N HIS A 16 0.07 7.02 -13.36
CA HIS A 16 0.56 6.35 -12.17
C HIS A 16 1.96 6.86 -11.84
N SER A 17 2.10 7.49 -10.70
CA SER A 17 3.37 8.09 -10.31
C SER A 17 4.25 7.09 -9.57
N SER A 18 5.55 7.20 -9.79
CA SER A 18 6.52 6.33 -9.15
C SER A 18 6.92 6.87 -7.77
N THR A 19 6.36 8.02 -7.40
CA THR A 19 6.63 8.62 -6.11
C THR A 19 5.33 8.81 -5.32
N LEU A 20 4.28 8.13 -5.78
CA LEU A 20 2.97 8.21 -5.15
C LEU A 20 2.96 7.46 -3.81
N PHE A 21 3.63 6.33 -3.78
CA PHE A 21 3.69 5.48 -2.60
C PHE A 21 4.85 5.87 -1.68
N VAL A 22 5.52 6.94 -2.02
CA VAL A 22 6.64 7.41 -1.25
C VAL A 22 6.18 8.51 -0.29
N ARG A 23 6.60 8.40 0.96
CA ARG A 23 6.29 9.42 1.95
C ARG A 23 7.08 10.68 1.63
N ASP A 24 6.52 11.84 1.95
CA ASP A 24 7.17 13.13 1.66
C ASP A 24 8.58 13.21 2.24
N ASP A 25 8.81 12.45 3.32
CA ASP A 25 10.10 12.41 3.99
C ASP A 25 11.14 11.62 3.17
N GLY A 26 10.68 10.96 2.11
CA GLY A 26 11.58 10.19 1.28
C GLY A 26 11.62 8.75 1.74
N SER A 27 10.82 8.43 2.73
CA SER A 27 10.73 7.11 3.28
C SER A 27 9.73 6.26 2.50
N SER A 28 10.16 5.11 2.05
CA SER A 28 9.29 4.20 1.36
C SER A 28 8.65 3.26 2.37
N MET A 29 7.35 3.34 2.50
CA MET A 29 6.63 2.53 3.48
C MET A 29 6.53 1.09 3.02
N SER A 30 6.41 0.17 3.97
CA SER A 30 6.33 -1.23 3.67
C SER A 30 4.91 -1.75 3.87
N PHE A 31 4.39 -2.40 2.86
CA PHE A 31 3.06 -2.94 2.89
C PHE A 31 3.09 -4.45 2.68
N TYR A 32 2.54 -5.18 3.63
CA TYR A 32 2.52 -6.62 3.57
C TYR A 32 1.20 -7.12 3.02
N VAL A 33 1.27 -7.84 1.95
CA VAL A 33 0.09 -8.39 1.32
C VAL A 33 -0.04 -9.87 1.69
N ARG A 34 -1.11 -10.20 2.42
CA ARG A 34 -1.33 -11.58 2.84
C ARG A 34 -1.63 -12.46 1.62
N PRO A 35 -1.25 -13.76 1.68
CA PRO A 35 -1.43 -14.72 0.58
C PRO A 35 -2.79 -14.59 -0.13
N SER A 36 -2.75 -14.07 -1.34
CA SER A 36 -3.95 -13.86 -2.13
C SER A 36 -3.60 -13.96 -3.61
N PRO A 37 -4.56 -14.32 -4.48
CA PRO A 37 -4.34 -14.37 -5.92
C PRO A 37 -4.00 -12.97 -6.48
N ALA A 38 -4.53 -11.94 -5.83
CA ALA A 38 -4.29 -10.56 -6.24
C ALA A 38 -3.00 -10.03 -5.63
N LYS A 39 -2.38 -10.83 -4.76
CA LYS A 39 -1.16 -10.43 -4.05
C LYS A 39 -0.06 -10.00 -5.02
N ARG A 40 0.09 -10.74 -6.11
CA ARG A 40 1.11 -10.42 -7.11
C ARG A 40 0.81 -9.06 -7.76
N ARG A 41 -0.45 -8.85 -8.13
CA ARG A 41 -0.86 -7.60 -8.76
C ARG A 41 -0.60 -6.42 -7.83
N LEU A 42 -0.94 -6.61 -6.57
CA LEU A 42 -0.73 -5.57 -5.58
C LEU A 42 0.74 -5.28 -5.38
N SER A 43 1.55 -6.35 -5.29
CA SER A 43 2.99 -6.23 -5.08
C SER A 43 3.65 -5.36 -6.16
N THR A 44 3.35 -5.66 -7.41
CA THR A 44 3.95 -4.92 -8.51
C THR A 44 3.44 -3.47 -8.55
N LEU A 45 2.17 -3.26 -8.20
CA LEU A 45 1.60 -1.92 -8.22
C LEU A 45 2.20 -1.05 -7.12
N ILE A 46 2.40 -1.64 -5.95
CA ILE A 46 3.02 -0.93 -4.82
C ILE A 46 4.40 -0.44 -5.20
N LEU A 47 5.17 -1.31 -5.82
CA LEU A 47 6.53 -0.98 -6.25
C LEU A 47 6.51 0.06 -7.36
N HIS A 48 5.52 -0.02 -8.24
CA HIS A 48 5.38 0.97 -9.31
C HIS A 48 5.05 2.34 -8.74
N GLY A 49 4.36 2.33 -7.61
CA GLY A 49 4.01 3.56 -6.95
C GLY A 49 5.18 4.13 -6.16
N GLY A 50 6.18 3.29 -5.91
CA GLY A 50 7.36 3.74 -5.20
C GLY A 50 7.42 3.23 -3.77
N GLY A 51 6.52 2.32 -3.44
CA GLY A 51 6.49 1.77 -2.11
C GLY A 51 7.23 0.47 -2.03
N THR A 52 7.31 -0.09 -0.83
CA THR A 52 7.97 -1.34 -0.64
C THR A 52 6.95 -2.40 -0.21
N VAL A 53 6.95 -3.52 -0.89
CA VAL A 53 6.04 -4.59 -0.56
C VAL A 53 6.75 -5.63 0.28
N CYS A 54 6.06 -6.16 1.26
CA CYS A 54 6.60 -7.19 2.09
C CYS A 54 6.01 -8.53 1.73
N ARG A 55 6.86 -9.48 1.41
CA ARG A 55 6.44 -10.82 1.06
C ARG A 55 5.98 -11.55 2.30
N VAL A 56 6.53 -11.15 3.41
CA VAL A 56 6.21 -11.72 4.69
C VAL A 56 5.85 -10.60 5.66
N GLN A 57 5.20 -10.95 6.76
CA GLN A 57 4.77 -9.97 7.74
C GLN A 57 5.99 -9.40 8.47
N GLU A 58 6.47 -8.27 7.98
CA GLU A 58 7.61 -7.60 8.57
C GLU A 58 7.18 -6.68 9.70
N PRO A 59 8.04 -6.50 10.70
CA PRO A 59 7.77 -5.63 11.84
C PRO A 59 7.65 -4.16 11.40
N GLY A 60 6.44 -3.65 11.42
CA GLY A 60 6.21 -2.28 11.03
C GLY A 60 5.61 -2.17 9.65
N ALA A 61 5.30 -3.30 9.06
CA ALA A 61 4.69 -3.33 7.75
C ALA A 61 3.18 -3.30 7.88
N VAL A 62 2.53 -2.56 7.00
CA VAL A 62 1.08 -2.46 7.01
C VAL A 62 0.48 -3.77 6.48
N LEU A 63 -0.58 -4.24 7.10
CA LEU A 63 -1.16 -5.51 6.70
C LEU A 63 -2.30 -5.31 5.69
N LEU A 64 -2.17 -5.95 4.54
CA LEU A 64 -3.15 -5.86 3.48
C LEU A 64 -3.83 -7.20 3.25
N ALA A 65 -5.13 -7.16 3.01
CA ALA A 65 -5.92 -8.35 2.78
C ALA A 65 -7.09 -8.04 1.87
N GLN A 66 -7.59 -9.05 1.21
CA GLN A 66 -8.75 -8.89 0.36
C GLN A 66 -10.02 -8.98 1.20
N PRO A 67 -10.85 -7.94 1.17
CA PRO A 67 -12.09 -7.90 1.95
C PRO A 67 -13.10 -8.92 1.45
N GLY A 68 -13.34 -8.93 0.15
CA GLY A 68 -14.29 -9.85 -0.42
C GLY A 68 -15.71 -9.36 -0.27
N GLU A 69 -15.87 -8.15 0.30
CA GLU A 69 -17.18 -7.55 0.55
C GLU A 69 -17.97 -8.37 1.54
N ALA A 70 -17.25 -9.10 2.37
CA ALA A 70 -17.82 -9.95 3.37
C ALA A 70 -17.74 -9.29 4.74
N LEU A 71 -17.99 -10.06 5.79
CA LEU A 71 -17.90 -9.56 7.16
C LEU A 71 -16.42 -9.39 7.57
N ALA A 72 -16.16 -9.34 8.87
CA ALA A 72 -14.80 -9.18 9.36
C ALA A 72 -13.93 -10.39 9.02
N GLU A 73 -13.29 -10.33 7.87
CA GLU A 73 -12.39 -11.39 7.42
C GLU A 73 -10.97 -11.11 7.87
N ALA A 74 -10.77 -9.93 8.44
CA ALA A 74 -9.47 -9.52 8.90
C ALA A 74 -9.17 -10.13 10.27
N SER A 75 -8.21 -11.04 10.30
CA SER A 75 -7.80 -11.69 11.53
C SER A 75 -7.15 -10.68 12.48
N GLY A 76 -6.62 -9.62 11.92
CA GLY A 76 -6.01 -8.57 12.69
C GLY A 76 -6.25 -7.24 12.02
N ASP A 77 -5.44 -6.24 12.33
CA ASP A 77 -5.60 -4.95 11.67
C ASP A 77 -5.20 -5.09 10.22
N PHE A 78 -6.12 -4.77 9.33
CA PHE A 78 -5.89 -4.92 7.91
C PHE A 78 -6.45 -3.74 7.13
N ILE A 79 -5.81 -3.44 6.03
CA ILE A 79 -6.20 -2.35 5.16
C ILE A 79 -6.82 -2.91 3.87
N SER A 80 -7.77 -2.17 3.33
CA SER A 80 -8.44 -2.55 2.08
C SER A 80 -7.48 -2.41 0.90
N THR A 81 -7.40 -3.44 0.08
CA THR A 81 -6.56 -3.45 -1.11
C THR A 81 -6.94 -2.33 -2.09
N GLN A 82 -8.18 -1.86 -1.97
CA GLN A 82 -8.69 -0.75 -2.80
C GLN A 82 -7.78 0.47 -2.74
N TYR A 83 -7.10 0.63 -1.63
CA TYR A 83 -6.20 1.76 -1.42
C TYR A 83 -5.20 1.91 -2.55
N ILE A 84 -4.77 0.78 -3.12
CA ILE A 84 -3.80 0.79 -4.21
C ILE A 84 -4.31 1.64 -5.36
N LEU A 85 -5.54 1.38 -5.77
CA LEU A 85 -6.14 2.08 -6.89
C LEU A 85 -6.61 3.46 -6.50
N ASP A 86 -7.19 3.57 -5.32
CA ASP A 86 -7.77 4.82 -4.85
C ASP A 86 -6.71 5.89 -4.65
N CYS A 87 -5.59 5.50 -4.08
CA CYS A 87 -4.49 6.41 -3.83
C CYS A 87 -3.87 6.90 -5.14
N VAL A 88 -3.63 5.99 -6.06
CA VAL A 88 -2.99 6.35 -7.31
C VAL A 88 -3.95 7.05 -8.27
N GLU A 89 -5.23 6.67 -8.23
CA GLU A 89 -6.23 7.29 -9.11
C GLU A 89 -6.39 8.77 -8.80
N ARG A 90 -6.28 9.09 -7.52
CA ARG A 90 -6.41 10.46 -7.07
C ARG A 90 -5.10 11.22 -7.24
N ASN A 91 -4.00 10.47 -7.33
CA ASN A 91 -2.65 11.04 -7.47
C ASN A 91 -2.32 11.93 -6.28
N GLU A 92 -2.95 11.67 -5.15
CA GLU A 92 -2.75 12.47 -3.97
C GLU A 92 -2.49 11.56 -2.77
N ARG A 93 -2.05 12.16 -1.68
CA ARG A 93 -1.78 11.40 -0.49
C ARG A 93 -3.02 11.31 0.38
N LEU A 94 -3.59 10.12 0.43
CA LEU A 94 -4.80 9.89 1.20
C LEU A 94 -4.48 9.15 2.51
N GLU A 95 -5.37 9.27 3.48
CA GLU A 95 -5.17 8.63 4.78
C GLU A 95 -5.23 7.11 4.66
N LEU A 96 -4.12 6.47 4.99
CA LEU A 96 -4.02 5.02 4.92
C LEU A 96 -5.01 4.36 5.89
N GLU A 97 -5.21 4.99 7.04
CA GLU A 97 -6.11 4.48 8.07
C GLU A 97 -7.57 4.53 7.63
N ALA A 98 -7.85 5.34 6.61
CA ALA A 98 -9.22 5.48 6.09
C ALA A 98 -9.65 4.25 5.31
N TYR A 99 -8.70 3.36 5.05
CA TYR A 99 -8.98 2.14 4.32
C TYR A 99 -9.06 0.94 5.28
N ARG A 100 -9.26 1.22 6.56
CA ARG A 100 -9.32 0.17 7.58
C ARG A 100 -10.49 -0.79 7.32
N LEU A 101 -10.17 -2.08 7.23
CA LEU A 101 -11.17 -3.11 6.99
C LEU A 101 -11.96 -3.43 8.25
N GLY A 102 -11.26 -3.82 9.30
CA GLY A 102 -11.94 -4.17 10.52
C GLY A 102 -11.10 -3.92 11.76
N PRO A 103 -11.47 -4.52 12.90
CA PRO A 103 -10.73 -4.36 14.16
C PRO A 103 -9.38 -5.06 14.14
N ALA A 104 -8.58 -4.83 15.17
CA ALA A 104 -7.26 -5.40 15.25
C ALA A 104 -7.24 -6.66 16.11
N SER A 105 -7.60 -6.52 17.37
CA SER A 105 -7.57 -7.63 18.30
C SER A 105 -8.74 -7.57 19.28
N ALA A 106 -9.16 -8.73 19.76
CA ALA A 106 -10.23 -8.80 20.74
C ALA A 106 -9.71 -8.38 22.10
N ALA A 107 -8.56 -8.91 22.47
CA ALA A 107 -7.91 -8.56 23.71
C ALA A 107 -6.98 -7.39 23.48
N ASP A 108 -7.36 -6.23 23.97
CA ASP A 108 -6.56 -5.02 23.80
C ASP A 108 -5.26 -5.10 24.57
N THR A 109 -5.31 -5.77 25.71
CA THR A 109 -4.13 -5.93 26.55
C THR A 109 -3.99 -7.38 27.00
N GLY A 110 -5.09 -7.97 27.46
CA GLY A 110 -5.07 -9.33 27.91
C GLY A 110 -4.60 -9.46 29.35
N SER A 111 -3.47 -10.15 29.54
CA SER A 111 -2.89 -10.35 30.86
C SER A 111 -3.82 -11.19 31.76
N GLU A 112 -4.74 -11.92 31.16
CA GLU A 112 -5.67 -12.73 31.90
C GLU A 112 -5.54 -14.19 31.51
N ALA A 113 -4.89 -14.97 32.35
CA ALA A 113 -4.71 -16.39 32.10
C ALA A 113 -5.62 -17.19 33.02
N LYS A 114 -6.27 -16.51 33.93
CA LYS A 114 -7.17 -17.13 34.87
C LYS A 114 -8.11 -16.08 35.44
N MET A 1 28.18 28.51 -29.65
CA MET A 1 28.56 27.34 -30.45
C MET A 1 28.11 26.05 -29.77
N ALA A 2 26.94 25.58 -30.14
CA ALA A 2 26.39 24.35 -29.59
C ALA A 2 26.12 23.37 -30.71
N GLU A 3 26.55 22.13 -30.53
CA GLU A 3 26.35 21.11 -31.55
C GLU A 3 24.99 20.44 -31.38
N ALA A 4 24.52 20.40 -30.15
CA ALA A 4 23.23 19.80 -29.84
C ALA A 4 22.52 20.58 -28.76
N MET A 5 21.39 21.16 -29.12
CA MET A 5 20.59 21.92 -28.17
C MET A 5 19.89 20.98 -27.19
N ASP A 6 19.79 21.39 -25.95
CA ASP A 6 19.11 20.58 -24.94
C ASP A 6 17.63 20.48 -25.27
N LEU A 7 17.14 19.27 -25.41
CA LEU A 7 15.75 19.06 -25.78
C LEU A 7 14.85 19.13 -24.55
N GLY A 8 15.08 18.24 -23.60
CA GLY A 8 14.24 18.20 -22.42
C GLY A 8 12.93 17.49 -22.68
N LYS A 9 12.84 16.25 -22.22
CA LYS A 9 11.64 15.45 -22.45
C LYS A 9 10.51 15.87 -21.51
N ASP A 10 9.34 16.02 -22.07
CA ASP A 10 8.15 16.33 -21.30
C ASP A 10 7.63 15.06 -20.66
N PRO A 11 6.98 15.16 -19.47
CA PRO A 11 6.45 14.00 -18.75
C PRO A 11 5.48 13.17 -19.59
N ASN A 12 6.02 12.15 -20.23
CA ASN A 12 5.23 11.28 -21.09
C ASN A 12 5.13 9.88 -20.49
N GLY A 13 5.38 9.78 -19.19
CA GLY A 13 5.31 8.50 -18.52
C GLY A 13 3.88 8.00 -18.35
N PRO A 14 3.67 6.94 -17.56
CA PRO A 14 2.35 6.38 -17.33
C PRO A 14 1.51 7.24 -16.39
N THR A 15 0.29 6.81 -16.13
CA THR A 15 -0.60 7.52 -15.24
C THR A 15 -0.24 7.24 -13.77
N HIS A 16 0.24 6.02 -13.53
CA HIS A 16 0.65 5.63 -12.19
C HIS A 16 2.03 6.20 -11.90
N SER A 17 2.10 7.07 -10.91
CA SER A 17 3.35 7.74 -10.57
C SER A 17 4.29 6.83 -9.80
N SER A 18 5.59 7.01 -10.02
CA SER A 18 6.61 6.22 -9.36
C SER A 18 6.96 6.81 -7.99
N THR A 19 6.34 7.93 -7.67
CA THR A 19 6.55 8.57 -6.39
C THR A 19 5.24 8.69 -5.62
N LEU A 20 4.24 7.95 -6.08
CA LEU A 20 2.91 7.98 -5.48
C LEU A 20 2.92 7.32 -4.10
N PHE A 21 3.63 6.21 -4.00
CA PHE A 21 3.71 5.44 -2.77
C PHE A 21 4.84 5.94 -1.88
N VAL A 22 5.46 7.02 -2.28
CA VAL A 22 6.55 7.59 -1.52
C VAL A 22 6.10 8.87 -0.85
N ARG A 23 6.22 8.92 0.46
CA ARG A 23 5.90 10.10 1.23
C ARG A 23 6.84 11.22 0.85
N ASP A 24 6.39 12.46 0.91
CA ASP A 24 7.25 13.60 0.58
C ASP A 24 8.39 13.70 1.59
N ASP A 25 8.22 12.99 2.70
CA ASP A 25 9.21 12.94 3.77
C ASP A 25 10.41 12.10 3.31
N GLY A 26 10.25 11.42 2.18
CA GLY A 26 11.31 10.59 1.65
C GLY A 26 11.18 9.16 2.13
N SER A 27 10.37 8.95 3.14
CA SER A 27 10.19 7.64 3.72
C SER A 27 9.25 6.77 2.87
N SER A 28 9.76 5.64 2.42
CA SER A 28 8.95 4.68 1.70
C SER A 28 8.35 3.69 2.69
N MET A 29 7.05 3.50 2.63
CA MET A 29 6.38 2.62 3.58
C MET A 29 6.36 1.18 3.06
N SER A 30 6.43 0.22 3.98
CA SER A 30 6.40 -1.18 3.62
C SER A 30 5.00 -1.76 3.85
N PHE A 31 4.49 -2.45 2.86
CA PHE A 31 3.16 -3.03 2.92
C PHE A 31 3.23 -4.54 2.77
N TYR A 32 2.55 -5.24 3.67
CA TYR A 32 2.53 -6.69 3.66
C TYR A 32 1.31 -7.21 2.94
N VAL A 33 1.54 -8.02 1.94
CA VAL A 33 0.48 -8.63 1.18
C VAL A 33 0.23 -10.04 1.66
N ARG A 34 -0.98 -10.32 2.09
CA ARG A 34 -1.32 -11.65 2.56
C ARG A 34 -1.39 -12.62 1.37
N PRO A 35 -0.96 -13.88 1.59
CA PRO A 35 -0.89 -14.92 0.53
C PRO A 35 -2.19 -15.06 -0.28
N SER A 36 -2.21 -14.45 -1.45
CA SER A 36 -3.35 -14.49 -2.36
C SER A 36 -2.93 -14.01 -3.76
N PRO A 37 -3.54 -14.57 -4.82
CA PRO A 37 -3.20 -14.23 -6.21
C PRO A 37 -3.37 -12.74 -6.53
N ALA A 38 -4.53 -12.17 -6.18
CA ALA A 38 -4.81 -10.76 -6.47
C ALA A 38 -3.88 -9.83 -5.70
N LYS A 39 -3.42 -10.28 -4.53
CA LYS A 39 -2.53 -9.48 -3.70
C LYS A 39 -1.17 -9.31 -4.37
N ARG A 40 -0.75 -10.35 -5.10
CA ARG A 40 0.50 -10.32 -5.85
C ARG A 40 0.43 -9.26 -6.96
N ARG A 41 -0.75 -9.13 -7.54
CA ARG A 41 -0.98 -8.15 -8.60
C ARG A 41 -0.88 -6.74 -8.04
N LEU A 42 -1.27 -6.58 -6.81
CA LEU A 42 -1.21 -5.30 -6.13
C LEU A 42 0.23 -4.97 -5.75
N SER A 43 1.01 -6.01 -5.46
CA SER A 43 2.40 -5.88 -5.05
C SER A 43 3.23 -5.10 -6.09
N THR A 44 3.03 -5.42 -7.35
CA THR A 44 3.77 -4.75 -8.41
C THR A 44 3.41 -3.27 -8.51
N LEU A 45 2.13 -2.95 -8.30
CA LEU A 45 1.69 -1.56 -8.32
C LEU A 45 2.30 -0.77 -7.18
N ILE A 46 2.49 -1.44 -6.05
CA ILE A 46 3.12 -0.84 -4.89
C ILE A 46 4.56 -0.44 -5.23
N LEU A 47 5.30 -1.38 -5.80
CA LEU A 47 6.68 -1.14 -6.18
C LEU A 47 6.79 -0.09 -7.26
N HIS A 48 5.90 -0.14 -8.25
CA HIS A 48 5.90 0.84 -9.32
C HIS A 48 5.58 2.23 -8.76
N GLY A 49 4.81 2.25 -7.69
CA GLY A 49 4.47 3.50 -7.03
C GLY A 49 5.59 4.02 -6.16
N GLY A 50 6.59 3.19 -5.94
CA GLY A 50 7.72 3.60 -5.13
C GLY A 50 7.69 3.02 -3.73
N GLY A 51 6.72 2.18 -3.45
CA GLY A 51 6.58 1.59 -2.14
C GLY A 51 7.26 0.25 -2.04
N THR A 52 7.40 -0.24 -0.82
CA THR A 52 8.03 -1.54 -0.59
C THR A 52 6.98 -2.56 -0.19
N VAL A 53 7.01 -3.72 -0.81
CA VAL A 53 6.07 -4.76 -0.49
C VAL A 53 6.77 -5.92 0.23
N CYS A 54 6.17 -6.39 1.28
CA CYS A 54 6.70 -7.48 2.04
C CYS A 54 5.83 -8.71 1.86
N ARG A 55 6.46 -9.83 1.48
CA ARG A 55 5.73 -11.08 1.29
C ARG A 55 5.54 -11.78 2.63
N VAL A 56 6.29 -11.34 3.63
CA VAL A 56 6.16 -11.86 4.97
C VAL A 56 5.77 -10.76 5.92
N GLN A 57 5.14 -11.12 7.03
CA GLN A 57 4.65 -10.14 7.98
C GLN A 57 5.81 -9.49 8.74
N GLU A 58 6.26 -8.36 8.23
CA GLU A 58 7.37 -7.64 8.84
C GLU A 58 6.87 -6.67 9.89
N PRO A 59 7.68 -6.46 10.93
CA PRO A 59 7.35 -5.52 12.00
C PRO A 59 7.36 -4.08 11.49
N GLY A 60 6.19 -3.48 11.44
CA GLY A 60 6.07 -2.13 10.95
C GLY A 60 5.50 -2.09 9.56
N ALA A 61 5.19 -3.26 9.01
CA ALA A 61 4.60 -3.36 7.70
C ALA A 61 3.09 -3.37 7.82
N VAL A 62 2.43 -2.69 6.91
CA VAL A 62 0.98 -2.60 6.91
C VAL A 62 0.36 -3.88 6.37
N LEU A 63 -0.54 -4.47 7.12
CA LEU A 63 -1.20 -5.70 6.70
C LEU A 63 -2.31 -5.41 5.70
N LEU A 64 -2.24 -6.03 4.52
CA LEU A 64 -3.22 -5.81 3.46
C LEU A 64 -4.08 -7.02 3.19
N ALA A 65 -5.35 -6.77 3.00
CA ALA A 65 -6.32 -7.80 2.70
C ALA A 65 -7.42 -7.25 1.82
N GLN A 66 -8.07 -8.11 1.08
CA GLN A 66 -9.16 -7.69 0.23
C GLN A 66 -10.47 -7.68 1.00
N PRO A 67 -11.40 -6.81 0.60
CA PRO A 67 -12.70 -6.71 1.25
C PRO A 67 -13.59 -7.90 0.89
N GLY A 68 -14.87 -7.73 1.10
CA GLY A 68 -15.80 -8.80 0.82
C GLY A 68 -16.25 -9.48 2.10
N GLU A 69 -15.41 -9.36 3.14
CA GLU A 69 -15.73 -9.89 4.47
C GLU A 69 -16.07 -11.37 4.42
N ALA A 70 -15.34 -12.11 3.60
CA ALA A 70 -15.55 -13.53 3.43
C ALA A 70 -15.08 -14.30 4.66
N LEU A 71 -16.04 -14.74 5.48
CA LEU A 71 -15.78 -15.51 6.71
C LEU A 71 -15.12 -14.65 7.79
N ALA A 72 -14.70 -13.43 7.42
CA ALA A 72 -13.99 -12.53 8.34
C ALA A 72 -12.78 -13.23 8.93
N GLU A 73 -12.12 -14.02 8.11
CA GLU A 73 -10.99 -14.84 8.54
C GLU A 73 -9.69 -14.04 8.68
N ALA A 74 -9.76 -12.73 8.46
CA ALA A 74 -8.59 -11.86 8.59
C ALA A 74 -7.96 -12.01 9.98
N SER A 75 -6.64 -12.11 10.01
CA SER A 75 -5.89 -12.28 11.25
C SER A 75 -6.25 -11.22 12.29
N GLY A 76 -6.20 -9.96 11.88
CA GLY A 76 -6.52 -8.87 12.79
C GLY A 76 -6.72 -7.58 12.04
N ASP A 77 -5.93 -6.58 12.36
CA ASP A 77 -6.01 -5.30 11.69
C ASP A 77 -5.51 -5.41 10.25
N PHE A 78 -6.35 -5.01 9.31
CA PHE A 78 -6.02 -5.09 7.90
C PHE A 78 -6.54 -3.89 7.14
N ILE A 79 -5.80 -3.50 6.13
CA ILE A 79 -6.18 -2.39 5.27
C ILE A 79 -6.80 -2.92 3.98
N SER A 80 -7.78 -2.21 3.45
CA SER A 80 -8.44 -2.59 2.22
C SER A 80 -7.52 -2.37 1.03
N THR A 81 -7.54 -3.31 0.10
CA THR A 81 -6.73 -3.28 -1.11
C THR A 81 -7.09 -2.11 -2.02
N GLN A 82 -8.32 -1.60 -1.85
CA GLN A 82 -8.81 -0.47 -2.64
C GLN A 82 -7.87 0.74 -2.56
N TYR A 83 -7.13 0.81 -1.48
CA TYR A 83 -6.19 1.92 -1.25
C TYR A 83 -5.20 2.07 -2.40
N ILE A 84 -4.82 0.95 -3.02
CA ILE A 84 -3.88 0.97 -4.13
C ILE A 84 -4.40 1.85 -5.26
N LEU A 85 -5.64 1.60 -5.64
CA LEU A 85 -6.26 2.31 -6.73
C LEU A 85 -6.72 3.70 -6.31
N ASP A 86 -7.22 3.82 -5.09
CA ASP A 86 -7.77 5.08 -4.60
C ASP A 86 -6.67 6.13 -4.44
N CYS A 87 -5.54 5.71 -3.88
CA CYS A 87 -4.41 6.62 -3.67
C CYS A 87 -3.87 7.13 -5.01
N VAL A 88 -3.72 6.23 -5.97
CA VAL A 88 -3.18 6.60 -7.25
C VAL A 88 -4.21 7.36 -8.09
N GLU A 89 -5.49 7.03 -7.89
CA GLU A 89 -6.58 7.69 -8.59
C GLU A 89 -6.59 9.19 -8.27
N ARG A 90 -6.29 9.51 -7.02
CA ARG A 90 -6.21 10.88 -6.57
C ARG A 90 -4.82 11.46 -6.82
N ASN A 91 -3.89 10.58 -7.20
CA ASN A 91 -2.49 10.96 -7.45
C ASN A 91 -1.90 11.65 -6.23
N GLU A 92 -2.24 11.13 -5.06
CA GLU A 92 -1.79 11.73 -3.82
C GLU A 92 -1.80 10.68 -2.70
N ARG A 93 -0.92 10.87 -1.72
CA ARG A 93 -0.88 10.00 -0.56
C ARG A 93 -2.12 10.23 0.29
N LEU A 94 -2.90 9.21 0.47
CA LEU A 94 -4.11 9.33 1.22
C LEU A 94 -3.99 8.64 2.57
N GLU A 95 -4.84 9.06 3.49
CA GLU A 95 -4.82 8.55 4.85
C GLU A 95 -5.09 7.05 4.88
N LEU A 96 -4.04 6.30 5.12
CA LEU A 96 -4.06 4.84 5.17
C LEU A 96 -5.14 4.31 6.12
N GLU A 97 -5.23 4.94 7.29
CA GLU A 97 -6.19 4.55 8.33
C GLU A 97 -7.64 4.57 7.83
N ALA A 98 -7.92 5.39 6.82
CA ALA A 98 -9.27 5.50 6.27
C ALA A 98 -9.65 4.25 5.50
N TYR A 99 -8.67 3.43 5.20
CA TYR A 99 -8.89 2.19 4.46
C TYR A 99 -8.92 1.00 5.40
N ARG A 100 -9.06 1.25 6.70
CA ARG A 100 -9.11 0.18 7.68
C ARG A 100 -10.28 -0.77 7.43
N LEU A 101 -9.94 -2.00 7.11
CA LEU A 101 -10.93 -3.02 6.79
C LEU A 101 -11.16 -3.94 7.97
N GLY A 102 -10.07 -4.46 8.52
CA GLY A 102 -10.18 -5.38 9.63
C GLY A 102 -10.24 -4.67 10.97
N PRO A 103 -10.60 -5.39 12.03
CA PRO A 103 -10.67 -4.82 13.38
C PRO A 103 -9.28 -4.46 13.89
N ALA A 104 -9.11 -3.20 14.27
CA ALA A 104 -7.82 -2.71 14.75
C ALA A 104 -7.38 -3.46 16.01
N SER A 105 -6.64 -4.52 15.82
CA SER A 105 -6.16 -5.34 16.90
C SER A 105 -4.89 -6.07 16.48
N ALA A 106 -3.88 -6.03 17.34
CA ALA A 106 -2.62 -6.67 17.06
C ALA A 106 -1.92 -7.07 18.35
N ALA A 107 -1.82 -8.37 18.57
CA ALA A 107 -1.12 -8.89 19.73
C ALA A 107 0.37 -8.93 19.45
N ASP A 108 1.16 -8.36 20.35
CA ASP A 108 2.59 -8.32 20.15
C ASP A 108 3.28 -9.50 20.83
N THR A 109 2.70 -9.97 21.91
CA THR A 109 3.26 -11.07 22.66
C THR A 109 2.16 -12.03 23.13
N GLY A 110 2.60 -13.14 23.71
CA GLY A 110 1.67 -14.14 24.23
C GLY A 110 2.21 -14.75 25.49
N SER A 111 3.12 -15.71 25.32
CA SER A 111 3.81 -16.38 26.45
C SER A 111 2.83 -17.15 27.35
N GLU A 112 1.69 -17.55 26.81
CA GLU A 112 0.70 -18.27 27.60
C GLU A 112 0.26 -19.56 26.92
N ALA A 113 1.02 -19.99 25.93
CA ALA A 113 0.70 -21.21 25.21
C ALA A 113 1.32 -22.41 25.89
N LYS A 114 0.59 -22.99 26.84
CA LYS A 114 1.05 -24.15 27.55
C LYS A 114 0.47 -25.41 26.92
N MET A 1 33.39 -2.12 -11.75
CA MET A 1 32.20 -2.09 -12.62
C MET A 1 31.62 -0.69 -12.67
N ALA A 2 30.87 -0.40 -13.72
CA ALA A 2 30.26 0.91 -13.87
C ALA A 2 29.04 1.06 -12.99
N GLU A 3 29.12 1.93 -12.00
CA GLU A 3 28.01 2.18 -11.12
C GLU A 3 26.95 3.01 -11.84
N ALA A 4 25.90 2.35 -12.27
CA ALA A 4 24.85 3.01 -13.00
C ALA A 4 23.90 3.75 -12.06
N MET A 5 23.47 4.93 -12.48
CA MET A 5 22.53 5.73 -11.72
C MET A 5 21.33 6.09 -12.57
N ASP A 6 20.43 5.16 -12.71
CA ASP A 6 19.21 5.41 -13.47
C ASP A 6 18.18 6.07 -12.59
N LEU A 7 18.11 7.37 -12.67
CA LEU A 7 17.18 8.13 -11.87
C LEU A 7 15.81 8.15 -12.53
N GLY A 8 14.82 8.62 -11.79
CA GLY A 8 13.48 8.66 -12.29
C GLY A 8 12.64 9.71 -11.59
N LYS A 9 12.53 10.87 -12.20
CA LYS A 9 11.71 11.94 -11.65
C LYS A 9 10.30 11.86 -12.22
N ASP A 10 10.24 11.62 -13.51
CA ASP A 10 8.97 11.46 -14.18
C ASP A 10 8.46 10.05 -13.96
N PRO A 11 7.18 9.91 -13.58
CA PRO A 11 6.58 8.60 -13.34
C PRO A 11 6.58 7.72 -14.58
N ASN A 12 6.44 6.42 -14.38
CA ASN A 12 6.43 5.47 -15.50
C ASN A 12 5.13 5.58 -16.28
N GLY A 13 4.14 6.17 -15.66
CA GLY A 13 2.89 6.41 -16.31
C GLY A 13 2.37 7.80 -16.01
N PRO A 14 1.53 8.37 -16.87
CA PRO A 14 1.01 9.72 -16.66
C PRO A 14 0.00 9.79 -15.51
N THR A 15 -0.82 8.76 -15.41
CA THR A 15 -1.84 8.69 -14.38
C THR A 15 -1.39 7.85 -13.20
N HIS A 16 -0.12 7.53 -13.15
CA HIS A 16 0.42 6.72 -12.08
C HIS A 16 1.66 7.36 -11.51
N SER A 17 1.62 7.73 -10.24
CA SER A 17 2.75 8.39 -9.62
C SER A 17 3.77 7.36 -9.13
N SER A 18 5.03 7.58 -9.49
CA SER A 18 6.11 6.69 -9.06
C SER A 18 6.53 7.04 -7.63
N THR A 19 5.89 8.06 -7.07
CA THR A 19 6.14 8.49 -5.72
C THR A 19 4.84 8.44 -4.92
N LEU A 20 3.90 7.67 -5.44
CA LEU A 20 2.57 7.53 -4.86
C LEU A 20 2.64 6.83 -3.50
N PHE A 21 3.56 5.91 -3.37
CA PHE A 21 3.73 5.15 -2.15
C PHE A 21 4.84 5.72 -1.29
N VAL A 22 5.25 6.93 -1.59
CA VAL A 22 6.29 7.60 -0.84
C VAL A 22 5.70 8.75 -0.04
N ARG A 23 6.10 8.86 1.21
CA ARG A 23 5.65 9.96 2.06
C ARG A 23 6.35 11.25 1.66
N ASP A 24 5.78 12.38 2.04
CA ASP A 24 6.34 13.71 1.70
C ASP A 24 7.76 13.86 2.23
N ASP A 25 8.07 13.13 3.29
CA ASP A 25 9.40 13.18 3.89
C ASP A 25 10.38 12.31 3.12
N GLY A 26 9.90 11.67 2.06
CA GLY A 26 10.75 10.82 1.25
C GLY A 26 10.81 9.40 1.75
N SER A 27 10.05 9.13 2.80
CA SER A 27 10.04 7.83 3.43
C SER A 27 9.04 6.89 2.73
N SER A 28 9.54 5.77 2.24
CA SER A 28 8.72 4.76 1.63
C SER A 28 8.25 3.77 2.70
N MET A 29 7.04 3.29 2.57
CA MET A 29 6.49 2.35 3.55
C MET A 29 6.49 0.94 3.00
N SER A 30 6.45 -0.03 3.91
CA SER A 30 6.42 -1.43 3.54
C SER A 30 5.03 -2.00 3.78
N PHE A 31 4.47 -2.62 2.77
CA PHE A 31 3.13 -3.18 2.86
C PHE A 31 3.16 -4.69 2.68
N TYR A 32 2.59 -5.39 3.64
CA TYR A 32 2.57 -6.85 3.64
C TYR A 32 1.31 -7.37 2.99
N VAL A 33 1.50 -8.28 2.05
CA VAL A 33 0.40 -8.88 1.33
C VAL A 33 0.17 -10.33 1.76
N ARG A 34 -0.97 -10.61 2.40
CA ARG A 34 -1.33 -11.98 2.74
C ARG A 34 -1.43 -12.80 1.47
N PRO A 35 -0.85 -14.02 1.44
CA PRO A 35 -0.87 -14.89 0.25
C PRO A 35 -2.26 -15.03 -0.39
N SER A 36 -2.45 -14.35 -1.52
CA SER A 36 -3.71 -14.37 -2.25
C SER A 36 -3.45 -14.00 -3.72
N PRO A 37 -4.25 -14.52 -4.66
CA PRO A 37 -4.07 -14.27 -6.11
C PRO A 37 -4.02 -12.77 -6.49
N ALA A 38 -4.90 -11.97 -5.90
CA ALA A 38 -4.99 -10.54 -6.23
C ALA A 38 -3.77 -9.76 -5.73
N LYS A 39 -3.10 -10.31 -4.73
CA LYS A 39 -1.94 -9.66 -4.12
C LYS A 39 -0.80 -9.51 -5.11
N ARG A 40 -0.69 -10.45 -6.04
CA ARG A 40 0.38 -10.43 -7.04
C ARG A 40 0.30 -9.18 -7.94
N ARG A 41 -0.91 -8.73 -8.22
CA ARG A 41 -1.10 -7.52 -9.01
C ARG A 41 -0.83 -6.28 -8.14
N LEU A 42 -1.21 -6.38 -6.89
CA LEU A 42 -1.08 -5.27 -5.95
C LEU A 42 0.38 -5.03 -5.55
N SER A 43 1.11 -6.12 -5.34
CA SER A 43 2.51 -6.05 -4.90
C SER A 43 3.36 -5.24 -5.87
N THR A 44 3.22 -5.52 -7.16
CA THR A 44 3.99 -4.83 -8.16
C THR A 44 3.61 -3.34 -8.24
N LEU A 45 2.34 -3.03 -8.02
CA LEU A 45 1.87 -1.65 -8.05
C LEU A 45 2.45 -0.88 -6.87
N ILE A 46 2.60 -1.57 -5.74
CA ILE A 46 3.20 -1.00 -4.55
C ILE A 46 4.66 -0.61 -4.83
N LEU A 47 5.39 -1.53 -5.46
CA LEU A 47 6.80 -1.31 -5.78
C LEU A 47 6.96 -0.16 -6.77
N HIS A 48 6.13 -0.17 -7.81
CA HIS A 48 6.19 0.86 -8.85
C HIS A 48 5.69 2.21 -8.32
N GLY A 49 5.00 2.17 -7.19
CA GLY A 49 4.52 3.38 -6.57
C GLY A 49 5.59 4.03 -5.73
N GLY A 50 6.71 3.35 -5.58
CA GLY A 50 7.81 3.87 -4.80
C GLY A 50 7.88 3.24 -3.42
N GLY A 51 6.96 2.34 -3.14
CA GLY A 51 6.94 1.68 -1.85
C GLY A 51 7.55 0.31 -1.91
N THR A 52 7.56 -0.38 -0.80
CA THR A 52 8.12 -1.69 -0.74
C THR A 52 7.06 -2.69 -0.27
N VAL A 53 6.94 -3.79 -0.98
CA VAL A 53 5.99 -4.81 -0.62
C VAL A 53 6.69 -5.91 0.17
N CYS A 54 6.03 -6.42 1.16
CA CYS A 54 6.58 -7.47 1.97
C CYS A 54 5.90 -8.80 1.67
N ARG A 55 6.69 -9.76 1.21
CA ARG A 55 6.18 -11.10 0.91
C ARG A 55 5.85 -11.82 2.22
N VAL A 56 6.59 -11.46 3.25
CA VAL A 56 6.37 -11.99 4.58
C VAL A 56 6.05 -10.85 5.53
N GLN A 57 5.53 -11.16 6.70
CA GLN A 57 5.14 -10.13 7.62
C GLN A 57 6.36 -9.48 8.28
N GLU A 58 6.84 -8.41 7.69
CA GLU A 58 7.97 -7.67 8.22
C GLU A 58 7.55 -6.80 9.39
N PRO A 59 8.47 -6.52 10.31
CA PRO A 59 8.19 -5.66 11.46
C PRO A 59 7.94 -4.22 11.04
N GLY A 60 6.69 -3.79 11.18
CA GLY A 60 6.34 -2.44 10.80
C GLY A 60 5.63 -2.39 9.46
N ALA A 61 5.42 -3.56 8.87
CA ALA A 61 4.72 -3.63 7.59
C ALA A 61 3.22 -3.51 7.80
N VAL A 62 2.55 -2.97 6.80
CA VAL A 62 1.11 -2.80 6.85
C VAL A 62 0.41 -4.07 6.36
N LEU A 63 -0.56 -4.54 7.12
CA LEU A 63 -1.27 -5.76 6.77
C LEU A 63 -2.38 -5.48 5.74
N LEU A 64 -2.33 -6.17 4.60
CA LEU A 64 -3.31 -5.96 3.53
C LEU A 64 -4.21 -7.17 3.30
N ALA A 65 -5.51 -6.89 3.18
CA ALA A 65 -6.52 -7.91 2.94
C ALA A 65 -7.64 -7.37 2.08
N GLN A 66 -8.24 -8.26 1.33
CA GLN A 66 -9.34 -7.91 0.45
C GLN A 66 -10.63 -7.77 1.26
N PRO A 67 -11.46 -6.76 0.93
CA PRO A 67 -12.73 -6.55 1.62
C PRO A 67 -13.83 -7.50 1.10
N GLY A 68 -14.80 -6.96 0.36
CA GLY A 68 -15.85 -7.77 -0.19
C GLY A 68 -17.16 -7.62 0.55
N GLU A 69 -17.10 -7.17 1.79
CA GLU A 69 -18.29 -6.99 2.60
C GLU A 69 -18.12 -5.82 3.57
N ALA A 70 -19.20 -5.46 4.24
CA ALA A 70 -19.16 -4.35 5.20
C ALA A 70 -19.06 -4.88 6.62
N LEU A 71 -18.74 -6.16 6.74
CA LEU A 71 -18.54 -6.79 8.03
C LEU A 71 -17.11 -7.24 8.14
N ALA A 72 -16.65 -7.48 9.35
CA ALA A 72 -15.27 -7.89 9.59
C ALA A 72 -14.95 -9.21 8.89
N GLU A 73 -14.31 -9.13 7.74
CA GLU A 73 -13.88 -10.31 7.01
C GLU A 73 -12.41 -10.60 7.30
N ALA A 74 -11.78 -9.64 7.97
CA ALA A 74 -10.38 -9.77 8.35
C ALA A 74 -10.26 -10.16 9.81
N SER A 75 -9.19 -10.88 10.13
CA SER A 75 -8.96 -11.33 11.50
C SER A 75 -8.64 -10.15 12.43
N GLY A 76 -7.55 -9.46 12.15
CA GLY A 76 -7.17 -8.33 12.97
C GLY A 76 -7.23 -7.04 12.19
N ASP A 77 -6.30 -6.14 12.48
CA ASP A 77 -6.26 -4.87 11.77
C ASP A 77 -5.71 -5.09 10.38
N PHE A 78 -6.45 -4.67 9.40
CA PHE A 78 -6.07 -4.85 8.02
C PHE A 78 -6.52 -3.69 7.18
N ILE A 79 -5.78 -3.40 6.14
CA ILE A 79 -6.13 -2.35 5.22
C ILE A 79 -6.77 -2.95 3.97
N SER A 80 -7.76 -2.26 3.43
CA SER A 80 -8.44 -2.72 2.24
C SER A 80 -7.54 -2.57 1.01
N THR A 81 -7.53 -3.61 0.18
CA THR A 81 -6.74 -3.63 -1.04
C THR A 81 -7.12 -2.49 -2.00
N GLN A 82 -8.34 -1.99 -1.84
CA GLN A 82 -8.86 -0.89 -2.65
C GLN A 82 -7.95 0.34 -2.61
N TYR A 83 -7.19 0.47 -1.54
CA TYR A 83 -6.29 1.61 -1.36
C TYR A 83 -5.31 1.75 -2.52
N ILE A 84 -4.89 0.62 -3.10
CA ILE A 84 -3.95 0.63 -4.21
C ILE A 84 -4.49 1.46 -5.36
N LEU A 85 -5.72 1.19 -5.74
CA LEU A 85 -6.33 1.85 -6.87
C LEU A 85 -6.78 3.26 -6.51
N ASP A 86 -7.31 3.42 -5.30
CA ASP A 86 -7.85 4.71 -4.86
C ASP A 86 -6.76 5.76 -4.74
N CYS A 87 -5.62 5.36 -4.19
CA CYS A 87 -4.51 6.27 -4.01
C CYS A 87 -3.90 6.70 -5.34
N VAL A 88 -3.70 5.73 -6.24
CA VAL A 88 -3.10 6.03 -7.53
C VAL A 88 -4.07 6.77 -8.44
N GLU A 89 -5.36 6.47 -8.30
CA GLU A 89 -6.40 7.14 -9.08
C GLU A 89 -6.34 8.65 -8.82
N ARG A 90 -6.07 9.01 -7.57
CA ARG A 90 -5.95 10.40 -7.16
C ARG A 90 -4.56 10.95 -7.44
N ASN A 91 -3.58 10.05 -7.60
CA ASN A 91 -2.16 10.45 -7.79
C ASN A 91 -1.70 11.32 -6.64
N GLU A 92 -2.25 11.03 -5.47
CA GLU A 92 -1.99 11.82 -4.30
C GLU A 92 -1.89 10.92 -3.07
N ARG A 93 -1.08 11.33 -2.11
CA ARG A 93 -0.89 10.58 -0.90
C ARG A 93 -2.10 10.72 0.02
N LEU A 94 -2.86 9.65 0.15
CA LEU A 94 -4.04 9.66 1.00
C LEU A 94 -3.75 8.92 2.30
N GLU A 95 -4.54 9.21 3.33
CA GLU A 95 -4.36 8.60 4.64
C GLU A 95 -4.72 7.11 4.64
N LEU A 96 -3.70 6.30 4.88
CA LEU A 96 -3.83 4.84 4.89
C LEU A 96 -4.91 4.36 5.85
N GLU A 97 -4.94 4.95 7.05
CA GLU A 97 -5.89 4.56 8.10
C GLU A 97 -7.35 4.66 7.64
N ALA A 98 -7.61 5.50 6.64
CA ALA A 98 -8.96 5.66 6.13
C ALA A 98 -9.42 4.41 5.38
N TYR A 99 -8.46 3.57 5.00
CA TYR A 99 -8.74 2.35 4.28
C TYR A 99 -8.79 1.16 5.23
N ARG A 100 -8.85 1.42 6.52
CA ARG A 100 -8.88 0.37 7.52
C ARG A 100 -10.09 -0.54 7.32
N LEU A 101 -9.82 -1.78 7.00
CA LEU A 101 -10.85 -2.77 6.76
C LEU A 101 -11.43 -3.25 8.08
N GLY A 102 -10.58 -3.88 8.88
CA GLY A 102 -10.99 -4.35 10.17
C GLY A 102 -10.37 -3.53 11.27
N PRO A 103 -11.17 -2.99 12.19
CA PRO A 103 -10.67 -2.17 13.28
C PRO A 103 -10.11 -3.01 14.42
N ALA A 104 -8.80 -3.01 14.55
CA ALA A 104 -8.12 -3.75 15.58
C ALA A 104 -6.68 -3.27 15.70
N SER A 105 -5.83 -4.07 16.30
CA SER A 105 -4.43 -3.75 16.42
C SER A 105 -3.57 -4.84 15.82
N ALA A 106 -2.39 -4.49 15.33
CA ALA A 106 -1.50 -5.46 14.74
C ALA A 106 -0.11 -5.35 15.34
N ALA A 107 0.29 -6.41 16.05
CA ALA A 107 1.62 -6.48 16.69
C ALA A 107 1.80 -5.41 17.76
N ASP A 108 0.68 -4.98 18.36
CA ASP A 108 0.70 -3.94 19.39
C ASP A 108 1.39 -4.46 20.66
N THR A 109 1.39 -5.77 20.81
CA THR A 109 2.03 -6.41 21.95
C THR A 109 3.45 -6.84 21.57
N GLY A 110 3.85 -6.51 20.37
CA GLY A 110 5.15 -6.88 19.89
C GLY A 110 5.05 -7.67 18.60
N SER A 111 6.16 -7.82 17.92
CA SER A 111 6.19 -8.56 16.67
C SER A 111 6.57 -10.01 16.91
N GLU A 112 7.30 -10.25 18.01
CA GLU A 112 7.76 -11.59 18.40
C GLU A 112 8.67 -12.20 17.34
N ALA A 113 9.97 -12.02 17.52
CA ALA A 113 10.96 -12.53 16.60
C ALA A 113 12.17 -13.02 17.37
N LYS A 114 13.07 -13.69 16.68
CA LYS A 114 14.28 -14.21 17.29
C LYS A 114 15.48 -14.01 16.38
N MET A 1 32.13 6.94 -30.74
CA MET A 1 31.39 8.21 -30.90
C MET A 1 30.01 8.12 -30.26
N ALA A 2 29.86 7.24 -29.28
CA ALA A 2 28.58 7.07 -28.62
C ALA A 2 28.57 7.71 -27.23
N GLU A 3 27.81 8.78 -27.10
CA GLU A 3 27.65 9.46 -25.83
C GLU A 3 26.38 8.99 -25.16
N ALA A 4 26.32 9.08 -23.84
CA ALA A 4 25.16 8.62 -23.11
C ALA A 4 24.72 9.64 -22.06
N MET A 5 23.68 10.38 -22.38
CA MET A 5 23.14 11.36 -21.46
C MET A 5 21.63 11.15 -21.33
N ASP A 6 21.23 10.41 -20.31
CA ASP A 6 19.82 10.14 -20.09
C ASP A 6 19.16 11.32 -19.39
N LEU A 7 18.56 12.18 -20.16
CA LEU A 7 17.90 13.35 -19.63
C LEU A 7 16.39 13.27 -19.87
N GLY A 8 16.02 12.59 -20.94
CA GLY A 8 14.63 12.44 -21.27
C GLY A 8 14.03 11.21 -20.61
N LYS A 9 13.79 11.31 -19.32
CA LYS A 9 13.23 10.21 -18.55
C LYS A 9 11.72 10.16 -18.72
N ASP A 10 11.26 9.22 -19.51
CA ASP A 10 9.83 9.05 -19.77
C ASP A 10 9.09 8.63 -18.49
N PRO A 11 7.85 9.12 -18.31
CA PRO A 11 7.05 8.81 -17.11
C PRO A 11 6.78 7.31 -16.97
N ASN A 12 6.54 6.89 -15.74
CA ASN A 12 6.29 5.47 -15.45
C ASN A 12 4.87 5.10 -15.85
N GLY A 13 4.00 6.09 -15.88
CA GLY A 13 2.63 5.89 -16.29
C GLY A 13 1.83 7.17 -16.23
N PRO A 14 0.74 7.28 -17.00
CA PRO A 14 -0.11 8.48 -17.01
C PRO A 14 -0.65 8.83 -15.61
N THR A 15 -1.30 7.86 -14.99
CA THR A 15 -1.87 8.04 -13.67
C THR A 15 -0.97 7.43 -12.59
N HIS A 16 0.08 6.76 -13.02
CA HIS A 16 0.98 6.10 -12.09
C HIS A 16 2.10 7.03 -11.68
N SER A 17 2.14 7.32 -10.41
CA SER A 17 3.12 8.19 -9.87
C SER A 17 4.18 7.41 -9.10
N SER A 18 5.44 7.68 -9.39
CA SER A 18 6.54 6.99 -8.73
C SER A 18 6.83 7.55 -7.34
N THR A 19 6.08 8.56 -6.97
CA THR A 19 6.20 9.18 -5.66
C THR A 19 4.89 9.02 -4.89
N LEU A 20 4.02 8.16 -5.39
CA LEU A 20 2.71 7.94 -4.81
C LEU A 20 2.83 7.17 -3.50
N PHE A 21 3.75 6.22 -3.47
CA PHE A 21 3.96 5.39 -2.30
C PHE A 21 5.22 5.83 -1.56
N VAL A 22 5.69 7.02 -1.85
CA VAL A 22 6.88 7.55 -1.24
C VAL A 22 6.52 8.67 -0.28
N ARG A 23 7.06 8.61 0.91
CA ARG A 23 6.81 9.62 1.92
C ARG A 23 7.60 10.88 1.63
N ASP A 24 7.15 12.00 2.19
CA ASP A 24 7.83 13.29 2.01
C ASP A 24 9.27 13.25 2.53
N ASP A 25 9.52 12.32 3.44
CA ASP A 25 10.84 12.13 4.04
C ASP A 25 11.80 11.51 3.02
N GLY A 26 11.25 11.03 1.91
CA GLY A 26 12.08 10.42 0.88
C GLY A 26 12.10 8.92 0.98
N SER A 27 11.72 8.41 2.13
CA SER A 27 11.71 6.99 2.37
C SER A 27 10.39 6.37 1.92
N SER A 28 10.48 5.14 1.43
CA SER A 28 9.32 4.40 1.03
C SER A 28 8.77 3.60 2.21
N MET A 29 7.52 3.19 2.13
CA MET A 29 6.93 2.39 3.20
C MET A 29 6.71 0.96 2.73
N SER A 30 6.75 0.04 3.67
CA SER A 30 6.56 -1.37 3.37
C SER A 30 5.14 -1.81 3.67
N PHE A 31 4.52 -2.48 2.70
CA PHE A 31 3.17 -2.95 2.83
C PHE A 31 3.12 -4.47 2.65
N TYR A 32 2.54 -5.15 3.62
CA TYR A 32 2.46 -6.60 3.63
C TYR A 32 1.13 -7.09 3.05
N VAL A 33 1.22 -8.01 2.11
CA VAL A 33 0.05 -8.57 1.47
C VAL A 33 -0.17 -10.02 1.92
N ARG A 34 -1.37 -10.32 2.41
CA ARG A 34 -1.71 -11.69 2.83
C ARG A 34 -1.89 -12.58 1.61
N PRO A 35 -1.73 -13.92 1.80
CA PRO A 35 -1.90 -14.90 0.72
C PRO A 35 -3.22 -14.73 -0.04
N SER A 36 -3.10 -14.20 -1.24
CA SER A 36 -4.22 -13.97 -2.13
C SER A 36 -3.70 -13.78 -3.55
N PRO A 37 -4.38 -14.35 -4.55
CA PRO A 37 -3.94 -14.28 -5.97
C PRO A 37 -3.67 -12.86 -6.47
N ALA A 38 -4.26 -11.87 -5.82
CA ALA A 38 -4.09 -10.49 -6.23
C ALA A 38 -2.78 -9.89 -5.70
N LYS A 39 -2.11 -10.58 -4.77
CA LYS A 39 -0.84 -10.07 -4.20
C LYS A 39 0.21 -9.79 -5.28
N ARG A 40 0.20 -10.58 -6.36
CA ARG A 40 1.14 -10.39 -7.47
C ARG A 40 0.80 -9.08 -8.21
N ARG A 41 -0.49 -8.82 -8.34
CA ARG A 41 -0.98 -7.62 -9.00
C ARG A 41 -0.70 -6.38 -8.12
N LEU A 42 -0.83 -6.56 -6.83
CA LEU A 42 -0.61 -5.49 -5.87
C LEU A 42 0.86 -5.11 -5.80
N SER A 43 1.72 -6.12 -5.83
CA SER A 43 3.17 -5.94 -5.71
C SER A 43 3.69 -4.92 -6.73
N THR A 44 3.33 -5.09 -7.99
CA THR A 44 3.80 -4.22 -9.04
C THR A 44 3.28 -2.79 -8.85
N LEU A 45 2.02 -2.66 -8.48
CA LEU A 45 1.41 -1.36 -8.29
C LEU A 45 2.05 -0.61 -7.12
N ILE A 46 2.36 -1.37 -6.06
CA ILE A 46 3.03 -0.80 -4.90
C ILE A 46 4.44 -0.36 -5.26
N LEU A 47 5.15 -1.22 -5.96
CA LEU A 47 6.52 -0.95 -6.37
C LEU A 47 6.58 0.20 -7.38
N HIS A 48 5.61 0.26 -8.28
CA HIS A 48 5.55 1.35 -9.27
C HIS A 48 5.24 2.67 -8.60
N GLY A 49 4.54 2.60 -7.48
CA GLY A 49 4.23 3.80 -6.73
C GLY A 49 5.44 4.31 -5.96
N GLY A 50 6.47 3.48 -5.90
CA GLY A 50 7.67 3.85 -5.20
C GLY A 50 7.78 3.18 -3.84
N GLY A 51 6.79 2.37 -3.50
CA GLY A 51 6.77 1.72 -2.21
C GLY A 51 7.40 0.35 -2.25
N THR A 52 7.34 -0.35 -1.14
CA THR A 52 7.91 -1.67 -1.04
C THR A 52 6.86 -2.65 -0.49
N VAL A 53 6.78 -3.82 -1.09
CA VAL A 53 5.83 -4.82 -0.67
C VAL A 53 6.55 -5.91 0.14
N CYS A 54 5.91 -6.38 1.18
CA CYS A 54 6.48 -7.40 2.02
C CYS A 54 5.85 -8.75 1.74
N ARG A 55 6.68 -9.78 1.65
CA ARG A 55 6.20 -11.13 1.39
C ARG A 55 5.81 -11.81 2.70
N VAL A 56 6.25 -11.21 3.80
CA VAL A 56 5.94 -11.69 5.13
C VAL A 56 5.54 -10.54 6.03
N GLN A 57 4.99 -10.84 7.18
CA GLN A 57 4.54 -9.82 8.10
C GLN A 57 5.73 -9.12 8.77
N GLU A 58 6.16 -8.02 8.18
CA GLU A 58 7.28 -7.27 8.68
C GLU A 58 6.86 -6.32 9.79
N PRO A 59 7.76 -6.09 10.75
CA PRO A 59 7.51 -5.17 11.87
C PRO A 59 7.48 -3.73 11.39
N GLY A 60 6.33 -3.11 11.49
CA GLY A 60 6.19 -1.74 11.07
C GLY A 60 5.50 -1.65 9.72
N ALA A 61 5.35 -2.79 9.08
CA ALA A 61 4.70 -2.86 7.79
C ALA A 61 3.20 -2.82 7.95
N VAL A 62 2.51 -2.32 6.94
CA VAL A 62 1.08 -2.26 6.95
C VAL A 62 0.50 -3.60 6.51
N LEU A 63 -0.52 -4.07 7.20
CA LEU A 63 -1.11 -5.36 6.88
C LEU A 63 -2.28 -5.20 5.93
N LEU A 64 -2.17 -5.81 4.77
CA LEU A 64 -3.20 -5.71 3.74
C LEU A 64 -4.00 -6.99 3.61
N ALA A 65 -5.29 -6.83 3.35
CA ALA A 65 -6.19 -7.94 3.17
C ALA A 65 -7.20 -7.62 2.08
N GLN A 66 -7.65 -8.66 1.40
CA GLN A 66 -8.65 -8.52 0.36
C GLN A 66 -9.98 -8.06 0.97
N PRO A 67 -10.68 -7.14 0.29
CA PRO A 67 -11.93 -6.57 0.77
C PRO A 67 -13.11 -7.51 0.51
N GLY A 68 -14.30 -6.97 0.61
CA GLY A 68 -15.50 -7.75 0.37
C GLY A 68 -16.06 -8.34 1.65
N GLU A 69 -15.20 -8.49 2.65
CA GLU A 69 -15.60 -9.01 3.95
C GLU A 69 -15.15 -8.08 5.05
N ALA A 70 -16.09 -7.66 5.86
CA ALA A 70 -15.80 -6.75 6.96
C ALA A 70 -15.94 -7.49 8.29
N LEU A 71 -15.76 -8.80 8.23
CA LEU A 71 -15.90 -9.65 9.39
C LEU A 71 -14.59 -9.76 10.15
N ALA A 72 -14.62 -10.50 11.25
CA ALA A 72 -13.45 -10.66 12.11
C ALA A 72 -12.50 -11.73 11.58
N GLU A 73 -12.24 -11.72 10.28
CA GLU A 73 -11.31 -12.66 9.69
C GLU A 73 -9.89 -12.16 9.89
N ALA A 74 -9.79 -10.91 10.29
CA ALA A 74 -8.52 -10.27 10.52
C ALA A 74 -8.00 -10.62 11.90
N SER A 75 -6.69 -10.67 12.03
CA SER A 75 -6.07 -10.94 13.29
C SER A 75 -5.93 -9.66 14.12
N GLY A 76 -6.16 -8.55 13.46
CA GLY A 76 -6.08 -7.26 14.09
C GLY A 76 -6.31 -6.15 13.10
N ASP A 77 -5.45 -5.16 13.09
CA ASP A 77 -5.57 -4.05 12.16
C ASP A 77 -5.16 -4.49 10.76
N PHE A 78 -6.07 -4.30 9.82
CA PHE A 78 -5.84 -4.67 8.43
C PHE A 78 -6.43 -3.63 7.49
N ILE A 79 -5.73 -3.38 6.41
CA ILE A 79 -6.14 -2.41 5.42
C ILE A 79 -6.69 -3.11 4.17
N SER A 80 -7.64 -2.46 3.51
CA SER A 80 -8.23 -2.99 2.31
C SER A 80 -7.32 -2.71 1.10
N THR A 81 -7.09 -3.73 0.29
CA THR A 81 -6.24 -3.63 -0.91
C THR A 81 -6.73 -2.55 -1.88
N GLN A 82 -8.01 -2.20 -1.78
CA GLN A 82 -8.63 -1.16 -2.60
C GLN A 82 -7.85 0.16 -2.55
N TYR A 83 -7.13 0.36 -1.46
CA TYR A 83 -6.34 1.58 -1.27
C TYR A 83 -5.38 1.80 -2.44
N ILE A 84 -4.88 0.69 -3.01
CA ILE A 84 -3.95 0.77 -4.13
C ILE A 84 -4.54 1.56 -5.28
N LEU A 85 -5.76 1.21 -5.66
CA LEU A 85 -6.42 1.83 -6.80
C LEU A 85 -6.97 3.19 -6.44
N ASP A 86 -7.42 3.34 -5.20
CA ASP A 86 -8.03 4.58 -4.75
C ASP A 86 -6.98 5.69 -4.62
N CYS A 87 -5.83 5.35 -4.05
CA CYS A 87 -4.75 6.30 -3.88
C CYS A 87 -4.19 6.75 -5.22
N VAL A 88 -3.96 5.81 -6.12
CA VAL A 88 -3.39 6.12 -7.41
C VAL A 88 -4.40 6.88 -8.29
N GLU A 89 -5.69 6.56 -8.11
CA GLU A 89 -6.76 7.23 -8.86
C GLU A 89 -6.73 8.73 -8.57
N ARG A 90 -6.55 9.08 -7.31
CA ARG A 90 -6.51 10.47 -6.90
C ARG A 90 -5.14 11.08 -7.15
N ASN A 91 -4.14 10.21 -7.34
CA ASN A 91 -2.75 10.65 -7.55
C ASN A 91 -2.29 11.44 -6.32
N GLU A 92 -2.79 11.03 -5.17
CA GLU A 92 -2.50 11.68 -3.91
C GLU A 92 -2.47 10.66 -2.79
N ARG A 93 -1.56 10.84 -1.85
CA ARG A 93 -1.47 9.95 -0.71
C ARG A 93 -2.62 10.22 0.27
N LEU A 94 -3.54 9.29 0.32
CA LEU A 94 -4.71 9.41 1.16
C LEU A 94 -4.50 8.74 2.49
N GLU A 95 -5.30 9.11 3.47
CA GLU A 95 -5.19 8.55 4.80
C GLU A 95 -5.43 7.04 4.79
N LEU A 96 -4.40 6.30 5.15
CA LEU A 96 -4.43 4.85 5.16
C LEU A 96 -5.51 4.32 6.09
N GLU A 97 -5.66 4.97 7.22
CA GLU A 97 -6.66 4.59 8.24
C GLU A 97 -8.08 4.48 7.67
N ALA A 98 -8.38 5.27 6.64
CA ALA A 98 -9.70 5.28 6.02
C ALA A 98 -9.96 3.99 5.26
N TYR A 99 -8.93 3.24 4.99
CA TYR A 99 -9.05 2.00 4.25
C TYR A 99 -9.09 0.79 5.17
N ARG A 100 -9.27 1.04 6.46
CA ARG A 100 -9.35 -0.02 7.45
C ARG A 100 -10.46 -1.00 7.09
N LEU A 101 -10.09 -2.26 6.90
CA LEU A 101 -11.05 -3.29 6.52
C LEU A 101 -12.00 -3.58 7.67
N GLY A 102 -11.43 -3.86 8.82
CA GLY A 102 -12.24 -4.13 10.00
C GLY A 102 -11.39 -4.49 11.19
N PRO A 103 -11.62 -3.85 12.35
CA PRO A 103 -10.88 -4.15 13.57
C PRO A 103 -11.36 -5.46 14.19
N ALA A 104 -10.43 -6.30 14.55
CA ALA A 104 -10.77 -7.59 15.12
C ALA A 104 -9.86 -7.96 16.28
N SER A 105 -10.47 -8.31 17.40
CA SER A 105 -9.77 -8.74 18.60
C SER A 105 -10.69 -9.60 19.45
N ALA A 106 -10.68 -10.89 19.19
CA ALA A 106 -11.57 -11.84 19.85
C ALA A 106 -11.21 -12.05 21.32
N ALA A 107 -12.20 -12.48 22.08
CA ALA A 107 -12.04 -12.78 23.49
C ALA A 107 -12.87 -14.00 23.85
N ASP A 108 -12.23 -15.13 23.93
CA ASP A 108 -12.93 -16.39 24.20
C ASP A 108 -13.10 -16.62 25.70
N THR A 109 -12.17 -16.13 26.48
CA THR A 109 -12.22 -16.31 27.92
C THR A 109 -13.17 -15.29 28.56
N GLY A 110 -14.21 -15.81 29.18
CA GLY A 110 -15.18 -14.97 29.85
C GLY A 110 -16.18 -15.78 30.61
N SER A 111 -15.70 -16.57 31.54
CA SER A 111 -16.54 -17.43 32.34
C SER A 111 -15.78 -17.94 33.56
N GLU A 112 -16.49 -18.36 34.57
CA GLU A 112 -15.88 -18.89 35.78
C GLU A 112 -15.30 -20.28 35.51
N ALA A 113 -14.60 -20.82 36.48
CA ALA A 113 -13.98 -22.12 36.35
C ALA A 113 -13.94 -22.84 37.68
N LYS A 114 -13.46 -24.06 37.67
CA LYS A 114 -13.33 -24.84 38.88
C LYS A 114 -11.86 -25.09 39.19
N MET A 1 7.88 44.99 -32.83
CA MET A 1 7.59 43.57 -33.06
C MET A 1 7.83 42.78 -31.78
N ALA A 2 6.82 42.06 -31.33
CA ALA A 2 6.92 41.28 -30.11
C ALA A 2 7.06 39.80 -30.43
N GLU A 3 8.07 39.17 -29.87
CA GLU A 3 8.29 37.75 -30.07
C GLU A 3 7.68 36.96 -28.94
N ALA A 4 6.48 36.46 -29.16
CA ALA A 4 5.77 35.70 -28.15
C ALA A 4 5.96 34.20 -28.37
N MET A 5 6.70 33.58 -27.49
CA MET A 5 6.95 32.15 -27.56
C MET A 5 6.08 31.42 -26.56
N ASP A 6 5.55 30.27 -26.96
CA ASP A 6 4.68 29.49 -26.09
C ASP A 6 5.47 28.87 -24.93
N LEU A 7 4.95 29.06 -23.73
CA LEU A 7 5.60 28.56 -22.53
C LEU A 7 4.56 28.28 -21.44
N GLY A 8 5.03 28.04 -20.23
CA GLY A 8 4.13 27.80 -19.13
C GLY A 8 4.29 26.41 -18.53
N LYS A 9 3.98 25.40 -19.34
CA LYS A 9 4.06 23.99 -18.92
C LYS A 9 3.11 23.70 -17.77
N ASP A 10 1.89 23.36 -18.12
CA ASP A 10 0.87 23.05 -17.13
C ASP A 10 1.05 21.62 -16.64
N PRO A 11 0.72 21.34 -15.37
CA PRO A 11 0.85 20.00 -14.80
C PRO A 11 -0.10 19.00 -15.47
N ASN A 12 0.43 18.25 -16.42
CA ASN A 12 -0.34 17.24 -17.13
C ASN A 12 0.17 15.86 -16.80
N GLY A 13 0.89 15.75 -15.67
CA GLY A 13 1.46 14.49 -15.26
C GLY A 13 0.44 13.38 -15.13
N PRO A 14 0.89 12.12 -15.24
CA PRO A 14 0.02 10.95 -15.17
C PRO A 14 -0.45 10.65 -13.76
N THR A 15 -1.38 9.71 -13.64
CA THR A 15 -1.88 9.30 -12.36
C THR A 15 -0.87 8.40 -11.66
N HIS A 16 -0.12 7.65 -12.45
CA HIS A 16 0.91 6.79 -11.92
C HIS A 16 2.17 7.58 -11.66
N SER A 17 2.57 7.62 -10.41
CA SER A 17 3.74 8.36 -10.03
C SER A 17 4.65 7.47 -9.18
N SER A 18 5.95 7.71 -9.26
CA SER A 18 6.91 6.93 -8.51
C SER A 18 7.05 7.44 -7.08
N THR A 19 6.32 8.51 -6.79
CA THR A 19 6.30 9.08 -5.45
C THR A 19 4.90 9.00 -4.85
N LEU A 20 4.05 8.22 -5.51
CA LEU A 20 2.66 8.05 -5.09
C LEU A 20 2.58 7.21 -3.82
N PHE A 21 3.48 6.26 -3.69
CA PHE A 21 3.51 5.37 -2.55
C PHE A 21 4.59 5.78 -1.57
N VAL A 22 5.32 6.81 -1.92
CA VAL A 22 6.38 7.30 -1.08
C VAL A 22 5.80 8.31 -0.10
N ARG A 23 6.25 8.26 1.15
CA ARG A 23 5.80 9.19 2.15
C ARG A 23 6.31 10.58 1.82
N ASP A 24 5.60 11.60 2.28
CA ASP A 24 5.98 12.98 2.03
C ASP A 24 7.35 13.27 2.67
N ASP A 25 7.72 12.42 3.61
CA ASP A 25 9.01 12.51 4.30
C ASP A 25 10.14 12.05 3.38
N GLY A 26 9.79 11.43 2.26
CA GLY A 26 10.77 10.95 1.31
C GLY A 26 11.08 9.48 1.49
N SER A 27 10.65 8.93 2.61
CA SER A 27 10.89 7.54 2.91
C SER A 27 9.77 6.63 2.35
N SER A 28 10.15 5.49 1.82
CA SER A 28 9.19 4.52 1.32
C SER A 28 8.81 3.55 2.45
N MET A 29 7.52 3.20 2.52
CA MET A 29 7.05 2.32 3.58
C MET A 29 6.81 0.90 3.04
N SER A 30 6.86 -0.09 3.92
CA SER A 30 6.66 -1.47 3.53
C SER A 30 5.23 -1.93 3.81
N PHE A 31 4.65 -2.67 2.89
CA PHE A 31 3.30 -3.16 3.02
C PHE A 31 3.27 -4.68 2.84
N TYR A 32 2.68 -5.37 3.79
CA TYR A 32 2.59 -6.81 3.76
C TYR A 32 1.29 -7.27 3.15
N VAL A 33 1.39 -7.99 2.06
CA VAL A 33 0.24 -8.51 1.37
C VAL A 33 -0.01 -9.98 1.76
N ARG A 34 -1.19 -10.24 2.32
CA ARG A 34 -1.55 -11.59 2.73
C ARG A 34 -1.75 -12.49 1.51
N PRO A 35 -1.60 -13.82 1.69
CA PRO A 35 -1.81 -14.81 0.62
C PRO A 35 -3.17 -14.59 -0.04
N SER A 36 -3.14 -14.34 -1.33
CA SER A 36 -4.33 -14.06 -2.11
C SER A 36 -3.96 -13.99 -3.59
N PRO A 37 -4.91 -14.24 -4.50
CA PRO A 37 -4.65 -14.17 -5.94
C PRO A 37 -4.39 -12.74 -6.42
N ALA A 38 -4.77 -11.78 -5.60
CA ALA A 38 -4.63 -10.38 -5.95
C ALA A 38 -3.30 -9.79 -5.51
N LYS A 39 -2.62 -10.47 -4.57
CA LYS A 39 -1.36 -9.95 -4.02
C LYS A 39 -0.29 -9.75 -5.09
N ARG A 40 -0.33 -10.59 -6.12
CA ARG A 40 0.64 -10.52 -7.21
C ARG A 40 0.49 -9.21 -7.98
N ARG A 41 -0.74 -8.73 -8.10
CA ARG A 41 -1.01 -7.48 -8.78
C ARG A 41 -0.62 -6.30 -7.89
N LEU A 42 -0.76 -6.49 -6.59
CA LEU A 42 -0.45 -5.45 -5.63
C LEU A 42 1.04 -5.17 -5.56
N SER A 43 1.83 -6.25 -5.44
CA SER A 43 3.28 -6.13 -5.32
C SER A 43 3.91 -5.28 -6.43
N THR A 44 3.46 -5.49 -7.64
CA THR A 44 4.01 -4.75 -8.77
C THR A 44 3.54 -3.28 -8.73
N LEU A 45 2.29 -3.05 -8.37
CA LEU A 45 1.74 -1.70 -8.32
C LEU A 45 2.36 -0.89 -7.19
N ILE A 46 2.57 -1.53 -6.04
CA ILE A 46 3.19 -0.89 -4.89
C ILE A 46 4.58 -0.37 -5.25
N LEU A 47 5.36 -1.22 -5.90
CA LEU A 47 6.70 -0.85 -6.31
C LEU A 47 6.68 0.23 -7.38
N HIS A 48 5.66 0.19 -8.25
CA HIS A 48 5.50 1.20 -9.28
C HIS A 48 5.22 2.56 -8.64
N GLY A 49 4.46 2.53 -7.55
CA GLY A 49 4.12 3.74 -6.85
C GLY A 49 5.27 4.27 -6.02
N GLY A 50 6.26 3.43 -5.78
CA GLY A 50 7.42 3.86 -5.02
C GLY A 50 7.45 3.28 -3.62
N GLY A 51 6.62 2.29 -3.37
CA GLY A 51 6.58 1.67 -2.07
C GLY A 51 7.38 0.40 -2.00
N THR A 52 7.27 -0.30 -0.90
CA THR A 52 7.96 -1.56 -0.70
C THR A 52 6.95 -2.63 -0.28
N VAL A 53 7.05 -3.79 -0.86
CA VAL A 53 6.11 -4.87 -0.56
C VAL A 53 6.78 -5.98 0.22
N CYS A 54 6.07 -6.55 1.17
CA CYS A 54 6.57 -7.63 1.97
C CYS A 54 5.80 -8.91 1.68
N ARG A 55 6.54 -9.99 1.47
CA ARG A 55 5.95 -11.30 1.17
C ARG A 55 5.44 -11.95 2.46
N VAL A 56 6.06 -11.63 3.57
CA VAL A 56 5.67 -12.16 4.85
C VAL A 56 5.42 -11.04 5.83
N GLN A 57 4.85 -11.36 6.98
CA GLN A 57 4.52 -10.36 7.98
C GLN A 57 5.78 -9.77 8.58
N GLU A 58 6.18 -8.63 8.07
CA GLU A 58 7.37 -7.95 8.53
C GLU A 58 7.04 -6.91 9.59
N PRO A 59 7.93 -6.74 10.55
CA PRO A 59 7.76 -5.75 11.62
C PRO A 59 7.77 -4.32 11.08
N GLY A 60 6.64 -3.66 11.17
CA GLY A 60 6.55 -2.30 10.69
C GLY A 60 5.83 -2.20 9.36
N ALA A 61 5.56 -3.37 8.77
CA ALA A 61 4.86 -3.42 7.51
C ALA A 61 3.37 -3.41 7.74
N VAL A 62 2.66 -2.67 6.92
CA VAL A 62 1.21 -2.57 7.04
C VAL A 62 0.56 -3.84 6.50
N LEU A 63 -0.39 -4.38 7.23
CA LEU A 63 -1.08 -5.59 6.83
C LEU A 63 -2.18 -5.30 5.81
N LEU A 64 -2.13 -5.98 4.68
CA LEU A 64 -3.10 -5.78 3.61
C LEU A 64 -3.99 -6.99 3.42
N ALA A 65 -5.27 -6.73 3.17
CA ALA A 65 -6.25 -7.76 2.95
C ALA A 65 -7.20 -7.33 1.84
N GLN A 66 -7.82 -8.30 1.21
CA GLN A 66 -8.77 -8.04 0.14
C GLN A 66 -10.07 -7.47 0.70
N PRO A 67 -10.70 -6.54 -0.03
CA PRO A 67 -11.94 -5.92 0.39
C PRO A 67 -13.14 -6.81 0.11
N GLY A 68 -14.32 -6.23 0.16
CA GLY A 68 -15.52 -6.99 -0.08
C GLY A 68 -16.10 -7.49 1.20
N GLU A 69 -15.28 -7.52 2.22
CA GLU A 69 -15.67 -7.98 3.53
C GLU A 69 -16.33 -6.84 4.30
N ALA A 70 -17.34 -7.17 5.07
CA ALA A 70 -18.06 -6.18 5.84
C ALA A 70 -18.00 -6.49 7.33
N LEU A 71 -17.36 -7.60 7.68
CA LEU A 71 -17.23 -8.00 9.06
C LEU A 71 -15.76 -8.05 9.45
N ALA A 72 -15.48 -8.00 10.74
CA ALA A 72 -14.11 -8.03 11.21
C ALA A 72 -13.49 -9.41 11.11
N GLU A 73 -12.98 -9.73 9.94
CA GLU A 73 -12.27 -10.99 9.71
C GLU A 73 -10.78 -10.77 9.89
N ALA A 74 -10.43 -9.55 10.22
CA ALA A 74 -9.07 -9.16 10.41
C ALA A 74 -8.61 -9.49 11.83
N SER A 75 -7.47 -10.14 11.92
CA SER A 75 -6.89 -10.50 13.21
C SER A 75 -6.47 -9.24 13.98
N GLY A 76 -6.18 -8.19 13.23
CA GLY A 76 -5.78 -6.94 13.80
C GLY A 76 -6.02 -5.82 12.82
N ASP A 77 -5.02 -5.01 12.59
CA ASP A 77 -5.13 -3.94 11.62
C ASP A 77 -4.90 -4.47 10.22
N PHE A 78 -5.88 -4.27 9.36
CA PHE A 78 -5.77 -4.70 7.98
C PHE A 78 -6.31 -3.63 7.06
N ILE A 79 -5.56 -3.35 6.02
CA ILE A 79 -5.92 -2.35 5.06
C ILE A 79 -6.48 -2.99 3.79
N SER A 80 -7.45 -2.32 3.19
CA SER A 80 -8.04 -2.78 1.96
C SER A 80 -7.08 -2.59 0.79
N THR A 81 -6.99 -3.59 -0.07
CA THR A 81 -6.15 -3.54 -1.26
C THR A 81 -6.55 -2.39 -2.17
N GLN A 82 -7.80 -1.94 -2.00
CA GLN A 82 -8.36 -0.84 -2.78
C GLN A 82 -7.48 0.41 -2.70
N TYR A 83 -6.79 0.57 -1.59
CA TYR A 83 -5.92 1.74 -1.39
C TYR A 83 -4.94 1.91 -2.53
N ILE A 84 -4.51 0.80 -3.13
CA ILE A 84 -3.59 0.84 -4.25
C ILE A 84 -4.21 1.63 -5.40
N LEU A 85 -5.43 1.26 -5.75
CA LEU A 85 -6.14 1.87 -6.88
C LEU A 85 -6.73 3.23 -6.52
N ASP A 86 -7.19 3.36 -5.28
CA ASP A 86 -7.85 4.59 -4.84
C ASP A 86 -6.84 5.73 -4.72
N CYS A 87 -5.65 5.41 -4.23
CA CYS A 87 -4.58 6.40 -4.09
C CYS A 87 -4.08 6.86 -5.46
N VAL A 88 -3.85 5.91 -6.36
CA VAL A 88 -3.34 6.21 -7.68
C VAL A 88 -4.40 6.92 -8.53
N GLU A 89 -5.66 6.59 -8.27
CA GLU A 89 -6.78 7.21 -8.99
C GLU A 89 -6.71 8.74 -8.90
N ARG A 90 -6.51 9.23 -7.69
CA ARG A 90 -6.44 10.67 -7.45
C ARG A 90 -5.00 11.16 -7.49
N ASN A 91 -4.06 10.25 -7.78
CA ASN A 91 -2.61 10.53 -7.81
C ASN A 91 -2.17 11.36 -6.60
N GLU A 92 -2.76 11.06 -5.47
CA GLU A 92 -2.51 11.79 -4.26
C GLU A 92 -2.29 10.85 -3.09
N ARG A 93 -1.48 11.26 -2.13
CA ARG A 93 -1.24 10.47 -0.95
C ARG A 93 -2.46 10.59 -0.03
N LEU A 94 -3.23 9.52 0.06
CA LEU A 94 -4.45 9.51 0.85
C LEU A 94 -4.23 8.81 2.19
N GLU A 95 -5.10 9.12 3.15
CA GLU A 95 -5.01 8.55 4.49
C GLU A 95 -5.20 7.04 4.49
N LEU A 96 -4.18 6.34 4.98
CA LEU A 96 -4.17 4.88 5.00
C LEU A 96 -5.30 4.32 5.87
N GLU A 97 -5.51 4.94 7.02
CA GLU A 97 -6.53 4.51 7.98
C GLU A 97 -7.94 4.46 7.38
N ALA A 98 -8.16 5.25 6.33
CA ALA A 98 -9.46 5.30 5.67
C ALA A 98 -9.75 4.00 4.92
N TYR A 99 -8.75 3.15 4.83
CA TYR A 99 -8.89 1.88 4.15
C TYR A 99 -8.81 0.71 5.14
N ARG A 100 -8.89 1.02 6.43
CA ARG A 100 -8.76 -0.02 7.44
C ARG A 100 -10.05 -0.83 7.62
N LEU A 101 -9.91 -2.14 7.42
CA LEU A 101 -11.01 -3.08 7.60
C LEU A 101 -11.03 -3.59 9.03
N GLY A 102 -9.87 -3.56 9.65
CA GLY A 102 -9.74 -4.04 11.02
C GLY A 102 -10.32 -3.05 12.01
N PRO A 103 -10.38 -3.44 13.29
CA PRO A 103 -10.94 -2.58 14.33
C PRO A 103 -10.04 -1.39 14.63
N ALA A 104 -10.60 -0.39 15.27
CA ALA A 104 -9.88 0.82 15.63
C ALA A 104 -8.77 0.51 16.63
N SER A 105 -8.98 -0.52 17.42
CA SER A 105 -8.02 -0.94 18.40
C SER A 105 -8.27 -2.38 18.82
N ALA A 106 -7.54 -3.31 18.21
CA ALA A 106 -7.66 -4.72 18.54
C ALA A 106 -7.00 -4.99 19.89
N ALA A 107 -7.81 -5.23 20.91
CA ALA A 107 -7.29 -5.43 22.24
C ALA A 107 -7.98 -6.58 22.97
N ASP A 108 -8.63 -7.47 22.22
CA ASP A 108 -9.35 -8.59 22.83
C ASP A 108 -8.36 -9.48 23.57
N THR A 109 -7.17 -9.65 22.98
CA THR A 109 -6.02 -10.36 23.59
C THR A 109 -6.28 -11.86 23.95
N GLY A 110 -7.40 -12.16 24.58
CA GLY A 110 -7.68 -13.50 25.06
C GLY A 110 -8.05 -14.50 23.99
N SER A 111 -7.09 -14.85 23.18
CA SER A 111 -7.29 -15.88 22.18
C SER A 111 -6.81 -17.21 22.74
N GLU A 112 -7.72 -17.93 23.39
CA GLU A 112 -7.39 -19.18 24.04
C GLU A 112 -7.17 -20.31 23.05
N ALA A 113 -5.92 -20.62 22.82
CA ALA A 113 -5.54 -21.70 21.93
C ALA A 113 -4.54 -22.59 22.64
N LYS A 114 -4.83 -23.88 22.68
CA LYS A 114 -3.97 -24.82 23.36
C LYS A 114 -2.70 -25.07 22.54
N MET A 1 11.96 38.62 -38.29
CA MET A 1 11.76 37.23 -37.84
C MET A 1 10.51 37.13 -37.00
N ALA A 2 9.75 36.07 -37.20
CA ALA A 2 8.53 35.86 -36.43
C ALA A 2 8.86 35.21 -35.10
N GLU A 3 9.12 36.04 -34.11
CA GLU A 3 9.51 35.56 -32.79
C GLU A 3 8.32 35.05 -32.01
N ALA A 4 8.50 33.88 -31.42
CA ALA A 4 7.46 33.25 -30.63
C ALA A 4 8.09 32.31 -29.62
N MET A 5 7.27 31.71 -28.77
CA MET A 5 7.77 30.80 -27.76
C MET A 5 6.89 29.56 -27.72
N ASP A 6 7.49 28.40 -27.94
CA ASP A 6 6.77 27.14 -27.92
C ASP A 6 6.63 26.61 -26.50
N LEU A 7 5.40 26.47 -26.06
CA LEU A 7 5.12 25.90 -24.75
C LEU A 7 4.36 24.62 -24.92
N GLY A 8 4.49 23.73 -23.99
CA GLY A 8 3.80 22.47 -24.09
C GLY A 8 4.53 21.33 -23.41
N LYS A 9 5.09 21.60 -22.25
CA LYS A 9 5.74 20.55 -21.48
C LYS A 9 4.71 19.94 -20.54
N ASP A 10 3.54 19.68 -21.10
CA ASP A 10 2.40 19.15 -20.38
C ASP A 10 2.71 17.77 -19.82
N PRO A 11 2.22 17.48 -18.60
CA PRO A 11 2.43 16.18 -17.96
C PRO A 11 1.73 15.07 -18.72
N ASN A 12 2.48 14.37 -19.56
CA ASN A 12 1.95 13.26 -20.34
C ASN A 12 2.33 11.94 -19.68
N GLY A 13 2.69 12.02 -18.40
CA GLY A 13 3.08 10.84 -17.66
C GLY A 13 1.89 9.96 -17.30
N PRO A 14 2.15 8.72 -16.84
CA PRO A 14 1.10 7.77 -16.47
C PRO A 14 0.35 8.19 -15.20
N THR A 15 -0.59 7.36 -14.78
CA THR A 15 -1.38 7.64 -13.59
C THR A 15 -0.58 7.37 -12.32
N HIS A 16 0.36 6.45 -12.41
CA HIS A 16 1.16 6.10 -11.25
C HIS A 16 2.28 7.09 -11.03
N SER A 17 2.23 7.75 -9.89
CA SER A 17 3.27 8.68 -9.52
C SER A 17 4.43 7.91 -8.92
N SER A 18 5.64 8.36 -9.19
CA SER A 18 6.83 7.70 -8.69
C SER A 18 6.98 7.89 -7.19
N THR A 19 6.20 8.79 -6.62
CA THR A 19 6.23 9.05 -5.20
C THR A 19 4.86 8.84 -4.57
N LEU A 20 4.01 8.08 -5.27
CA LEU A 20 2.65 7.80 -4.79
C LEU A 20 2.71 6.96 -3.52
N PHE A 21 3.73 6.12 -3.43
CA PHE A 21 3.92 5.24 -2.30
C PHE A 21 5.18 5.62 -1.52
N VAL A 22 5.68 6.81 -1.76
CA VAL A 22 6.88 7.28 -1.12
C VAL A 22 6.57 8.43 -0.17
N ARG A 23 7.20 8.43 0.99
CA ARG A 23 7.00 9.49 1.95
C ARG A 23 7.67 10.77 1.45
N ASP A 24 7.23 11.91 1.96
CA ASP A 24 7.77 13.20 1.53
C ASP A 24 9.27 13.30 1.81
N ASP A 25 9.71 12.66 2.88
CA ASP A 25 11.12 12.67 3.25
C ASP A 25 11.96 11.77 2.35
N GLY A 26 11.29 10.96 1.52
CA GLY A 26 12.00 10.11 0.59
C GLY A 26 12.07 8.65 1.02
N SER A 27 11.45 8.32 2.14
CA SER A 27 11.47 6.93 2.61
C SER A 27 10.34 6.12 1.99
N SER A 28 10.64 4.88 1.64
CA SER A 28 9.66 4.00 1.05
C SER A 28 8.94 3.19 2.13
N MET A 29 7.63 3.37 2.22
CA MET A 29 6.83 2.66 3.22
C MET A 29 6.69 1.19 2.81
N SER A 30 6.59 0.30 3.79
CA SER A 30 6.48 -1.13 3.51
C SER A 30 5.06 -1.63 3.77
N PHE A 31 4.52 -2.35 2.78
CA PHE A 31 3.17 -2.89 2.87
C PHE A 31 3.21 -4.40 2.71
N TYR A 32 2.58 -5.11 3.62
CA TYR A 32 2.56 -6.55 3.61
C TYR A 32 1.29 -7.08 2.97
N VAL A 33 1.44 -7.95 2.01
CA VAL A 33 0.32 -8.54 1.33
C VAL A 33 0.13 -10.00 1.75
N ARG A 34 -1.10 -10.35 2.09
CA ARG A 34 -1.44 -11.72 2.45
C ARG A 34 -1.46 -12.62 1.20
N PRO A 35 -1.48 -13.97 1.38
CA PRO A 35 -1.49 -14.95 0.25
C PRO A 35 -2.74 -14.89 -0.64
N SER A 36 -3.29 -13.71 -0.82
CA SER A 36 -4.42 -13.51 -1.69
C SER A 36 -3.94 -13.59 -3.14
N PRO A 37 -4.65 -14.32 -4.02
CA PRO A 37 -4.26 -14.48 -5.43
C PRO A 37 -3.87 -13.16 -6.13
N ALA A 38 -4.54 -12.08 -5.76
CA ALA A 38 -4.31 -10.77 -6.37
C ALA A 38 -3.06 -10.07 -5.83
N LYS A 39 -2.39 -10.67 -4.83
CA LYS A 39 -1.17 -10.06 -4.22
C LYS A 39 -0.14 -9.74 -5.29
N ARG A 40 -0.10 -10.56 -6.33
CA ARG A 40 0.83 -10.38 -7.45
C ARG A 40 0.59 -9.04 -8.14
N ARG A 41 -0.64 -8.80 -8.51
CA ARG A 41 -1.03 -7.60 -9.24
C ARG A 41 -0.91 -6.36 -8.35
N LEU A 42 -1.13 -6.55 -7.07
CA LEU A 42 -1.05 -5.46 -6.12
C LEU A 42 0.40 -5.04 -5.91
N SER A 43 1.30 -6.01 -5.83
CA SER A 43 2.72 -5.75 -5.59
C SER A 43 3.33 -4.87 -6.66
N THR A 44 3.05 -5.15 -7.92
CA THR A 44 3.61 -4.36 -9.00
C THR A 44 3.10 -2.91 -8.93
N LEU A 45 1.83 -2.74 -8.60
CA LEU A 45 1.24 -1.41 -8.48
C LEU A 45 1.85 -0.66 -7.29
N ILE A 46 2.24 -1.40 -6.26
CA ILE A 46 2.89 -0.82 -5.10
C ILE A 46 4.30 -0.34 -5.45
N LEU A 47 5.06 -1.21 -6.10
CA LEU A 47 6.43 -0.89 -6.49
C LEU A 47 6.48 0.22 -7.52
N HIS A 48 5.51 0.26 -8.43
CA HIS A 48 5.45 1.32 -9.43
C HIS A 48 5.12 2.66 -8.79
N GLY A 49 4.64 2.62 -7.56
CA GLY A 49 4.34 3.84 -6.82
C GLY A 49 5.53 4.29 -6.00
N GLY A 50 6.56 3.46 -5.97
CA GLY A 50 7.76 3.78 -5.23
C GLY A 50 7.78 3.15 -3.84
N GLY A 51 6.82 2.29 -3.56
CA GLY A 51 6.74 1.66 -2.26
C GLY A 51 7.35 0.29 -2.24
N THR A 52 7.57 -0.24 -1.06
CA THR A 52 8.15 -1.56 -0.91
C THR A 52 7.10 -2.54 -0.39
N VAL A 53 7.03 -3.69 -1.02
CA VAL A 53 6.09 -4.70 -0.59
C VAL A 53 6.80 -5.75 0.27
N CYS A 54 6.22 -6.08 1.40
CA CYS A 54 6.82 -7.01 2.32
C CYS A 54 6.56 -8.45 1.90
N ARG A 55 7.55 -9.29 2.09
CA ARG A 55 7.44 -10.70 1.78
C ARG A 55 6.80 -11.43 2.96
N VAL A 56 7.01 -10.88 4.17
CA VAL A 56 6.44 -11.44 5.38
C VAL A 56 5.80 -10.33 6.21
N GLN A 57 5.02 -10.71 7.21
CA GLN A 57 4.37 -9.73 8.05
C GLN A 57 5.37 -9.11 9.02
N GLU A 58 5.88 -7.97 8.64
CA GLU A 58 6.87 -7.27 9.44
C GLU A 58 6.21 -6.43 10.52
N PRO A 59 6.88 -6.28 11.67
CA PRO A 59 6.38 -5.45 12.76
C PRO A 59 6.32 -3.99 12.39
N GLY A 60 5.12 -3.49 12.19
CA GLY A 60 4.94 -2.11 11.81
C GLY A 60 4.58 -1.96 10.35
N ALA A 61 4.59 -3.06 9.63
CA ALA A 61 4.21 -3.06 8.23
C ALA A 61 2.69 -3.06 8.14
N VAL A 62 2.18 -2.53 7.06
CA VAL A 62 0.74 -2.48 6.86
C VAL A 62 0.23 -3.80 6.32
N LEU A 63 -0.76 -4.38 6.99
CA LEU A 63 -1.32 -5.65 6.58
C LEU A 63 -2.41 -5.45 5.52
N LEU A 64 -2.22 -6.06 4.36
CA LEU A 64 -3.18 -5.96 3.28
C LEU A 64 -3.81 -7.30 2.96
N ALA A 65 -5.11 -7.26 2.73
CA ALA A 65 -5.89 -8.42 2.38
C ALA A 65 -7.12 -7.97 1.62
N GLN A 66 -7.74 -8.89 0.93
CA GLN A 66 -8.91 -8.59 0.16
C GLN A 66 -10.08 -8.31 1.10
N PRO A 67 -10.88 -7.29 0.80
CA PRO A 67 -12.01 -6.93 1.63
C PRO A 67 -13.20 -7.82 1.35
N GLY A 68 -14.32 -7.45 1.90
CA GLY A 68 -15.53 -8.21 1.67
C GLY A 68 -15.64 -9.41 2.60
N GLU A 69 -14.67 -9.55 3.49
CA GLU A 69 -14.63 -10.71 4.39
C GLU A 69 -13.84 -10.40 5.65
N ALA A 70 -13.51 -9.15 5.85
CA ALA A 70 -12.64 -8.77 6.94
C ALA A 70 -13.42 -8.36 8.19
N LEU A 71 -14.71 -8.64 8.20
CA LEU A 71 -15.55 -8.28 9.34
C LEU A 71 -15.28 -9.20 10.54
N ALA A 72 -14.35 -8.75 11.41
CA ALA A 72 -13.98 -9.48 12.64
C ALA A 72 -13.28 -10.82 12.36
N GLU A 73 -13.21 -11.20 11.10
CA GLU A 73 -12.59 -12.44 10.70
C GLU A 73 -11.12 -12.17 10.37
N ALA A 74 -10.76 -10.91 10.33
CA ALA A 74 -9.40 -10.50 10.01
C ALA A 74 -8.41 -11.06 11.04
N SER A 75 -7.30 -11.61 10.54
CA SER A 75 -6.25 -12.19 11.39
C SER A 75 -5.56 -11.12 12.25
N GLY A 76 -5.77 -9.89 11.89
CA GLY A 76 -5.22 -8.77 12.58
C GLY A 76 -5.78 -7.50 12.03
N ASP A 77 -5.08 -6.40 12.19
CA ASP A 77 -5.56 -5.17 11.61
C ASP A 77 -5.24 -5.17 10.13
N PHE A 78 -6.24 -5.00 9.31
CA PHE A 78 -6.06 -5.07 7.88
C PHE A 78 -6.60 -3.85 7.16
N ILE A 79 -5.99 -3.58 6.01
CA ILE A 79 -6.35 -2.47 5.16
C ILE A 79 -6.96 -3.01 3.86
N SER A 80 -7.91 -2.27 3.31
CA SER A 80 -8.54 -2.64 2.07
C SER A 80 -7.58 -2.47 0.89
N THR A 81 -7.50 -3.49 0.05
CA THR A 81 -6.65 -3.48 -1.15
C THR A 81 -7.04 -2.33 -2.08
N GLN A 82 -8.27 -1.86 -1.94
CA GLN A 82 -8.81 -0.76 -2.72
C GLN A 82 -7.91 0.47 -2.65
N TYR A 83 -7.21 0.62 -1.54
CA TYR A 83 -6.33 1.77 -1.32
C TYR A 83 -5.33 1.93 -2.47
N ILE A 84 -4.91 0.82 -3.07
CA ILE A 84 -3.98 0.84 -4.18
C ILE A 84 -4.56 1.66 -5.33
N LEU A 85 -5.79 1.34 -5.70
CA LEU A 85 -6.45 1.98 -6.82
C LEU A 85 -6.98 3.36 -6.44
N ASP A 86 -7.48 3.50 -5.23
CA ASP A 86 -8.09 4.75 -4.79
C ASP A 86 -7.03 5.85 -4.65
N CYS A 87 -5.85 5.49 -4.15
CA CYS A 87 -4.77 6.44 -4.00
C CYS A 87 -4.24 6.91 -5.35
N VAL A 88 -4.04 5.97 -6.25
CA VAL A 88 -3.50 6.30 -7.57
C VAL A 88 -4.55 7.02 -8.43
N GLU A 89 -5.82 6.67 -8.23
CA GLU A 89 -6.92 7.28 -8.95
C GLU A 89 -6.96 8.79 -8.69
N ARG A 90 -6.51 9.19 -7.51
CA ARG A 90 -6.46 10.60 -7.14
C ARG A 90 -5.05 11.17 -7.30
N ASN A 91 -4.10 10.28 -7.62
CA ASN A 91 -2.67 10.65 -7.77
C ASN A 91 -2.18 11.37 -6.50
N GLU A 92 -2.64 10.88 -5.36
CA GLU A 92 -2.29 11.48 -4.09
C GLU A 92 -2.29 10.44 -2.99
N ARG A 93 -1.33 10.54 -2.08
CA ARG A 93 -1.30 9.65 -0.94
C ARG A 93 -2.48 9.93 -0.02
N LEU A 94 -3.42 9.02 -0.01
CA LEU A 94 -4.61 9.17 0.80
C LEU A 94 -4.40 8.51 2.15
N GLU A 95 -5.17 8.92 3.13
CA GLU A 95 -5.00 8.43 4.48
C GLU A 95 -5.37 6.96 4.60
N LEU A 96 -4.35 6.17 4.90
CA LEU A 96 -4.44 4.72 5.02
C LEU A 96 -5.55 4.29 6.00
N GLU A 97 -5.65 5.02 7.10
CA GLU A 97 -6.64 4.74 8.14
C GLU A 97 -8.08 4.66 7.61
N ALA A 98 -8.35 5.38 6.51
CA ALA A 98 -9.68 5.41 5.92
C ALA A 98 -10.02 4.11 5.20
N TYR A 99 -9.01 3.27 5.02
CA TYR A 99 -9.18 2.00 4.33
C TYR A 99 -9.17 0.85 5.33
N ARG A 100 -9.36 1.17 6.60
CA ARG A 100 -9.34 0.17 7.65
C ARG A 100 -10.49 -0.83 7.49
N LEU A 101 -10.15 -2.10 7.43
CA LEU A 101 -11.13 -3.16 7.32
C LEU A 101 -11.59 -3.60 8.70
N GLY A 102 -10.64 -4.04 9.51
CA GLY A 102 -10.95 -4.46 10.85
C GLY A 102 -9.71 -4.64 11.67
N PRO A 103 -9.81 -4.53 13.01
CA PRO A 103 -8.69 -4.72 13.91
C PRO A 103 -8.65 -6.13 14.48
N ALA A 104 -7.83 -6.33 15.50
CA ALA A 104 -7.71 -7.62 16.15
C ALA A 104 -8.48 -7.61 17.47
N SER A 105 -9.41 -8.53 17.62
CA SER A 105 -10.19 -8.62 18.83
C SER A 105 -9.53 -9.56 19.83
N ALA A 106 -8.88 -10.60 19.32
CA ALA A 106 -8.19 -11.55 20.15
C ALA A 106 -6.91 -10.94 20.71
N ALA A 107 -6.79 -10.91 22.02
CA ALA A 107 -5.62 -10.36 22.68
C ALA A 107 -4.95 -11.41 23.54
N ASP A 108 -3.63 -11.48 23.46
CA ASP A 108 -2.88 -12.46 24.23
C ASP A 108 -2.65 -11.99 25.65
N THR A 109 -2.53 -10.69 25.81
CA THR A 109 -2.35 -10.12 27.12
C THR A 109 -3.70 -9.98 27.84
N GLY A 110 -3.86 -10.73 28.92
CA GLY A 110 -5.10 -10.72 29.66
C GLY A 110 -4.94 -11.17 31.10
N SER A 111 -4.05 -12.12 31.32
CA SER A 111 -3.82 -12.62 32.66
C SER A 111 -2.73 -11.82 33.36
N GLU A 112 -2.56 -12.07 34.65
CA GLU A 112 -1.55 -11.40 35.42
C GLU A 112 -0.65 -12.41 36.09
N ALA A 113 0.64 -12.18 36.03
CA ALA A 113 1.60 -13.06 36.65
C ALA A 113 2.61 -12.26 37.45
N LYS A 114 3.66 -12.91 37.91
CA LYS A 114 4.70 -12.24 38.64
C LYS A 114 5.94 -12.14 37.78
N MET A 1 31.37 33.27 -8.83
CA MET A 1 32.05 32.82 -10.08
C MET A 1 31.43 31.54 -10.62
N ALA A 2 30.46 30.99 -9.90
CA ALA A 2 29.80 29.75 -10.32
C ALA A 2 28.37 29.70 -9.81
N GLU A 3 27.44 30.02 -10.69
CA GLU A 3 26.03 30.01 -10.33
C GLU A 3 25.27 28.97 -11.13
N ALA A 4 24.03 28.74 -10.77
CA ALA A 4 23.18 27.80 -11.46
C ALA A 4 21.82 28.41 -11.75
N MET A 5 21.33 28.21 -12.95
CA MET A 5 20.02 28.74 -13.33
C MET A 5 19.01 27.63 -13.36
N ASP A 6 18.13 27.62 -12.39
CA ASP A 6 17.10 26.60 -12.30
C ASP A 6 15.78 27.12 -12.86
N LEU A 7 15.20 26.37 -13.77
CA LEU A 7 13.95 26.75 -14.37
C LEU A 7 12.80 26.14 -13.59
N GLY A 8 12.71 24.83 -13.63
CA GLY A 8 11.67 24.13 -12.92
C GLY A 8 10.59 23.63 -13.84
N LYS A 9 10.59 22.32 -14.08
CA LYS A 9 9.60 21.70 -14.93
C LYS A 9 8.30 21.49 -14.16
N ASP A 10 7.18 21.72 -14.81
CA ASP A 10 5.88 21.52 -14.20
C ASP A 10 5.51 20.04 -14.22
N PRO A 11 4.79 19.56 -13.20
CA PRO A 11 4.35 18.17 -13.13
C PRO A 11 3.22 17.91 -14.14
N ASN A 12 3.60 17.76 -15.39
CA ASN A 12 2.63 17.53 -16.46
C ASN A 12 2.55 16.04 -16.79
N GLY A 13 3.23 15.24 -16.00
CA GLY A 13 3.24 13.80 -16.21
C GLY A 13 1.90 13.17 -15.88
N PRO A 14 1.81 11.83 -15.96
CA PRO A 14 0.57 11.10 -15.70
C PRO A 14 0.19 11.11 -14.22
N THR A 15 -0.96 10.50 -13.92
CA THR A 15 -1.44 10.42 -12.55
C THR A 15 -0.71 9.29 -11.80
N HIS A 16 0.00 8.46 -12.54
CA HIS A 16 0.74 7.37 -11.95
C HIS A 16 2.15 7.84 -11.60
N SER A 17 2.46 7.83 -10.33
CA SER A 17 3.74 8.30 -9.87
C SER A 17 4.60 7.16 -9.34
N SER A 18 5.90 7.30 -9.52
CA SER A 18 6.84 6.33 -9.01
C SER A 18 7.21 6.66 -7.56
N THR A 19 6.68 7.78 -7.09
CA THR A 19 6.88 8.21 -5.72
C THR A 19 5.53 8.39 -5.03
N LEU A 20 4.52 7.73 -5.58
CA LEU A 20 3.15 7.79 -5.07
C LEU A 20 3.08 7.22 -3.65
N PHE A 21 3.77 6.12 -3.44
CA PHE A 21 3.77 5.47 -2.14
C PHE A 21 4.91 5.98 -1.27
N VAL A 22 5.38 7.16 -1.56
CA VAL A 22 6.46 7.76 -0.82
C VAL A 22 5.97 9.03 -0.14
N ARG A 23 6.27 9.15 1.14
CA ARG A 23 5.90 10.35 1.87
C ARG A 23 6.78 11.50 1.42
N ASP A 24 6.30 12.72 1.60
CA ASP A 24 7.06 13.91 1.23
C ASP A 24 8.33 14.01 2.05
N ASP A 25 8.38 13.26 3.14
CA ASP A 25 9.55 13.21 4.00
C ASP A 25 10.67 12.40 3.32
N GLY A 26 10.31 11.70 2.25
CA GLY A 26 11.28 10.92 1.52
C GLY A 26 11.20 9.44 1.85
N SER A 27 10.56 9.12 2.95
CA SER A 27 10.43 7.73 3.36
C SER A 27 9.22 7.08 2.72
N SER A 28 9.45 5.91 2.14
CA SER A 28 8.38 5.14 1.52
C SER A 28 7.77 4.20 2.55
N MET A 29 6.57 3.73 2.30
CA MET A 29 5.91 2.82 3.20
C MET A 29 5.95 1.40 2.66
N SER A 30 6.12 0.45 3.56
CA SER A 30 6.13 -0.95 3.19
C SER A 30 4.77 -1.58 3.44
N PHE A 31 4.27 -2.26 2.44
CA PHE A 31 2.95 -2.86 2.52
C PHE A 31 3.06 -4.37 2.40
N TYR A 32 2.45 -5.08 3.33
CA TYR A 32 2.45 -6.52 3.34
C TYR A 32 1.13 -7.05 2.83
N VAL A 33 1.20 -7.95 1.88
CA VAL A 33 0.01 -8.52 1.30
C VAL A 33 -0.25 -9.92 1.82
N ARG A 34 -1.50 -10.19 2.18
CA ARG A 34 -1.92 -11.52 2.63
C ARG A 34 -1.60 -12.53 1.53
N PRO A 35 -1.09 -13.75 1.91
CA PRO A 35 -0.75 -14.83 0.95
C PRO A 35 -1.95 -15.33 0.09
N SER A 36 -2.55 -14.42 -0.65
CA SER A 36 -3.64 -14.73 -1.56
C SER A 36 -3.17 -14.55 -3.00
N PRO A 37 -3.76 -15.30 -3.96
CA PRO A 37 -3.34 -15.25 -5.38
C PRO A 37 -3.29 -13.83 -5.97
N ALA A 38 -4.24 -12.99 -5.59
CA ALA A 38 -4.33 -11.63 -6.15
C ALA A 38 -3.26 -10.69 -5.60
N LYS A 39 -2.51 -11.15 -4.60
CA LYS A 39 -1.46 -10.31 -4.00
C LYS A 39 -0.40 -9.89 -5.04
N ARG A 40 -0.17 -10.76 -6.01
CA ARG A 40 0.82 -10.50 -7.08
C ARG A 40 0.42 -9.27 -7.88
N ARG A 41 -0.88 -9.11 -8.09
CA ARG A 41 -1.42 -8.00 -8.87
C ARG A 41 -1.23 -6.69 -8.12
N LEU A 42 -1.35 -6.75 -6.82
CA LEU A 42 -1.18 -5.59 -5.98
C LEU A 42 0.30 -5.23 -5.86
N SER A 43 1.13 -6.25 -5.68
CA SER A 43 2.56 -6.08 -5.50
C SER A 43 3.19 -5.25 -6.63
N THR A 44 2.85 -5.58 -7.86
CA THR A 44 3.41 -4.88 -9.01
C THR A 44 2.98 -3.41 -9.03
N LEU A 45 1.78 -3.13 -8.52
CA LEU A 45 1.27 -1.77 -8.46
C LEU A 45 1.94 -0.99 -7.33
N ILE A 46 2.12 -1.66 -6.19
CA ILE A 46 2.76 -1.05 -5.03
C ILE A 46 4.20 -0.66 -5.38
N LEU A 47 4.91 -1.61 -5.98
CA LEU A 47 6.29 -1.38 -6.38
C LEU A 47 6.38 -0.28 -7.44
N HIS A 48 5.31 -0.14 -8.23
CA HIS A 48 5.25 0.90 -9.25
C HIS A 48 4.99 2.26 -8.60
N GLY A 49 4.39 2.23 -7.40
CA GLY A 49 4.12 3.46 -6.67
C GLY A 49 5.33 3.91 -5.89
N GLY A 50 6.35 3.07 -5.84
CA GLY A 50 7.55 3.41 -5.11
C GLY A 50 7.56 2.82 -3.72
N GLY A 51 6.63 1.91 -3.47
CA GLY A 51 6.55 1.28 -2.18
C GLY A 51 7.13 -0.12 -2.22
N THR A 52 7.32 -0.71 -1.06
CA THR A 52 7.87 -2.04 -0.96
C THR A 52 6.81 -3.01 -0.49
N VAL A 53 6.72 -4.16 -1.13
CA VAL A 53 5.74 -5.15 -0.78
C VAL A 53 6.41 -6.30 -0.05
N CYS A 54 6.18 -6.36 1.23
CA CYS A 54 6.76 -7.37 2.07
C CYS A 54 6.26 -8.76 1.70
N ARG A 55 7.19 -9.70 1.52
CA ARG A 55 6.83 -11.08 1.20
C ARG A 55 6.16 -11.71 2.41
N VAL A 56 6.72 -11.42 3.56
CA VAL A 56 6.20 -11.90 4.83
C VAL A 56 5.89 -10.70 5.71
N GLN A 57 5.24 -10.94 6.83
CA GLN A 57 4.86 -9.85 7.71
C GLN A 57 6.08 -9.22 8.37
N GLU A 58 6.45 -8.04 7.91
CA GLU A 58 7.57 -7.32 8.46
C GLU A 58 7.12 -6.47 9.64
N PRO A 59 8.03 -6.22 10.59
CA PRO A 59 7.74 -5.41 11.77
C PRO A 59 7.41 -3.95 11.42
N GLY A 60 6.13 -3.62 11.46
CA GLY A 60 5.71 -2.27 11.17
C GLY A 60 5.11 -2.13 9.79
N ALA A 61 5.01 -3.23 9.07
CA ALA A 61 4.44 -3.22 7.74
C ALA A 61 2.92 -3.15 7.80
N VAL A 62 2.33 -2.56 6.79
CA VAL A 62 0.89 -2.46 6.71
C VAL A 62 0.30 -3.75 6.14
N LEU A 63 -0.64 -4.35 6.86
CA LEU A 63 -1.25 -5.60 6.43
C LEU A 63 -2.38 -5.36 5.44
N LEU A 64 -2.33 -6.04 4.31
CA LEU A 64 -3.33 -5.91 3.25
C LEU A 64 -4.11 -7.19 3.05
N ALA A 65 -5.41 -7.05 2.81
CA ALA A 65 -6.27 -8.19 2.59
C ALA A 65 -7.38 -7.83 1.62
N GLN A 66 -7.96 -8.84 1.03
CA GLN A 66 -9.06 -8.65 0.10
C GLN A 66 -10.32 -8.22 0.85
N PRO A 67 -10.98 -7.15 0.38
CA PRO A 67 -12.18 -6.62 1.03
C PRO A 67 -13.44 -7.38 0.62
N GLY A 68 -14.58 -6.73 0.74
CA GLY A 68 -15.84 -7.35 0.41
C GLY A 68 -16.63 -7.73 1.64
N GLU A 69 -15.92 -7.90 2.75
CA GLU A 69 -16.54 -8.22 4.02
C GLU A 69 -15.90 -7.39 5.14
N ALA A 70 -16.71 -6.98 6.09
CA ALA A 70 -16.24 -6.18 7.21
C ALA A 70 -16.24 -6.98 8.50
N LEU A 71 -16.32 -8.30 8.35
CA LEU A 71 -16.31 -9.20 9.49
C LEU A 71 -14.91 -9.24 10.10
N ALA A 72 -14.82 -9.69 11.34
CA ALA A 72 -13.54 -9.74 12.03
C ALA A 72 -12.66 -10.90 11.55
N GLU A 73 -12.31 -10.87 10.27
CA GLU A 73 -11.40 -11.86 9.71
C GLU A 73 -9.97 -11.41 9.94
N ALA A 74 -9.83 -10.12 10.20
CA ALA A 74 -8.55 -9.52 10.41
C ALA A 74 -7.96 -9.94 11.74
N SER A 75 -6.76 -10.48 11.69
CA SER A 75 -6.04 -10.88 12.89
C SER A 75 -5.61 -9.64 13.66
N GLY A 76 -5.53 -8.54 12.95
CA GLY A 76 -5.18 -7.28 13.52
C GLY A 76 -5.59 -6.15 12.62
N ASP A 77 -4.69 -5.27 12.31
CA ASP A 77 -4.99 -4.17 11.41
C ASP A 77 -4.83 -4.63 9.97
N PHE A 78 -5.87 -4.47 9.20
CA PHE A 78 -5.85 -4.84 7.79
C PHE A 78 -6.47 -3.75 6.95
N ILE A 79 -5.87 -3.52 5.81
CA ILE A 79 -6.30 -2.46 4.91
C ILE A 79 -6.95 -3.04 3.64
N SER A 80 -7.90 -2.28 3.10
CA SER A 80 -8.59 -2.65 1.87
C SER A 80 -7.66 -2.45 0.66
N THR A 81 -7.66 -3.44 -0.24
CA THR A 81 -6.82 -3.39 -1.44
C THR A 81 -7.15 -2.18 -2.33
N GLN A 82 -8.38 -1.68 -2.20
CA GLN A 82 -8.85 -0.52 -2.96
C GLN A 82 -7.92 0.70 -2.83
N TYR A 83 -7.20 0.76 -1.72
CA TYR A 83 -6.30 1.88 -1.45
C TYR A 83 -5.28 2.06 -2.59
N ILE A 84 -4.87 0.94 -3.20
CA ILE A 84 -3.90 0.98 -4.29
C ILE A 84 -4.38 1.89 -5.41
N LEU A 85 -5.60 1.66 -5.84
CA LEU A 85 -6.18 2.39 -6.95
C LEU A 85 -6.65 3.77 -6.54
N ASP A 86 -7.11 3.90 -5.30
CA ASP A 86 -7.65 5.15 -4.82
C ASP A 86 -6.54 6.18 -4.60
N CYS A 87 -5.43 5.75 -4.02
CA CYS A 87 -4.29 6.62 -3.79
C CYS A 87 -3.69 7.11 -5.11
N VAL A 88 -3.49 6.19 -6.04
CA VAL A 88 -2.89 6.54 -7.31
C VAL A 88 -3.84 7.39 -8.15
N GLU A 89 -5.15 7.13 -8.00
CA GLU A 89 -6.17 7.87 -8.74
C GLU A 89 -6.04 9.38 -8.50
N ARG A 90 -5.69 9.74 -7.27
CA ARG A 90 -5.55 11.14 -6.89
C ARG A 90 -4.12 11.63 -7.13
N ASN A 91 -3.18 10.67 -7.24
CA ASN A 91 -1.75 10.97 -7.34
C ASN A 91 -1.30 11.62 -6.03
N GLU A 92 -1.87 11.13 -4.95
CA GLU A 92 -1.61 11.65 -3.64
C GLU A 92 -1.76 10.55 -2.61
N ARG A 93 -0.96 10.59 -1.56
CA ARG A 93 -1.06 9.60 -0.52
C ARG A 93 -2.20 9.95 0.43
N LEU A 94 -3.24 9.16 0.36
CA LEU A 94 -4.41 9.36 1.19
C LEU A 94 -4.25 8.64 2.52
N GLU A 95 -5.02 9.06 3.51
CA GLU A 95 -4.95 8.47 4.84
C GLU A 95 -5.15 6.95 4.81
N LEU A 96 -4.04 6.24 4.91
CA LEU A 96 -4.01 4.77 4.87
C LEU A 96 -4.97 4.18 5.91
N GLU A 97 -5.05 4.84 7.06
CA GLU A 97 -5.87 4.37 8.17
C GLU A 97 -7.38 4.34 7.83
N ALA A 98 -7.79 5.12 6.84
CA ALA A 98 -9.21 5.21 6.47
C ALA A 98 -9.66 4.00 5.66
N TYR A 99 -8.72 3.23 5.17
CA TYR A 99 -9.04 2.06 4.36
C TYR A 99 -9.06 0.79 5.21
N ARG A 100 -9.14 0.97 6.53
CA ARG A 100 -9.07 -0.16 7.45
C ARG A 100 -10.30 -1.07 7.36
N LEU A 101 -10.05 -2.36 7.41
CA LEU A 101 -11.08 -3.38 7.43
C LEU A 101 -11.17 -4.00 8.82
N GLY A 102 -10.07 -3.90 9.56
CA GLY A 102 -10.03 -4.46 10.89
C GLY A 102 -10.72 -3.59 11.92
N PRO A 103 -10.44 -3.80 13.22
CA PRO A 103 -11.06 -3.04 14.29
C PRO A 103 -10.68 -1.55 14.23
N ALA A 104 -11.68 -0.71 14.25
CA ALA A 104 -11.48 0.73 14.20
C ALA A 104 -11.19 1.28 15.59
N SER A 105 -11.50 0.48 16.61
CA SER A 105 -11.29 0.87 18.01
C SER A 105 -12.18 2.05 18.37
N ALA A 106 -13.40 2.03 17.84
CA ALA A 106 -14.37 3.09 18.08
C ALA A 106 -15.19 2.80 19.34
N ALA A 107 -14.66 1.94 20.18
CA ALA A 107 -15.32 1.55 21.42
C ALA A 107 -15.59 2.77 22.29
N ASP A 108 -16.87 3.00 22.58
CA ASP A 108 -17.28 4.14 23.39
C ASP A 108 -16.98 3.89 24.86
N THR A 109 -16.71 2.64 25.19
CA THR A 109 -16.39 2.24 26.55
C THR A 109 -15.15 2.99 27.05
N GLY A 110 -15.32 3.75 28.11
CA GLY A 110 -14.25 4.55 28.64
C GLY A 110 -14.46 6.02 28.35
N SER A 111 -15.52 6.31 27.57
CA SER A 111 -15.89 7.67 27.22
C SER A 111 -14.77 8.36 26.43
N GLU A 112 -14.05 7.58 25.63
CA GLU A 112 -12.96 8.11 24.84
C GLU A 112 -13.39 8.35 23.38
N ALA A 113 -13.74 7.28 22.68
CA ALA A 113 -14.16 7.37 21.29
C ALA A 113 -15.53 8.03 21.16
N LYS A 114 -16.35 7.88 22.19
CA LYS A 114 -17.70 8.46 22.24
C LYS A 114 -18.57 7.92 21.10
N MET A 1 34.17 27.94 -22.93
CA MET A 1 32.78 28.42 -23.11
C MET A 1 31.81 27.43 -22.54
N ALA A 2 30.58 27.87 -22.32
CA ALA A 2 29.54 27.02 -21.79
C ALA A 2 28.21 27.36 -22.42
N GLU A 3 27.80 26.53 -23.38
CA GLU A 3 26.54 26.74 -24.09
C GLU A 3 25.36 26.48 -23.16
N ALA A 4 25.51 25.46 -22.31
CA ALA A 4 24.48 25.07 -21.35
C ALA A 4 23.10 24.95 -21.99
N MET A 5 22.90 23.89 -22.74
CA MET A 5 21.63 23.68 -23.43
C MET A 5 20.59 23.06 -22.50
N ASP A 6 19.32 23.30 -22.79
CA ASP A 6 18.22 22.83 -21.95
C ASP A 6 17.94 21.35 -22.15
N LEU A 7 17.68 20.66 -21.06
CA LEU A 7 17.31 19.26 -21.11
C LEU A 7 15.80 19.14 -21.00
N GLY A 8 15.22 19.98 -20.16
CA GLY A 8 13.78 20.00 -19.98
C GLY A 8 13.26 18.82 -19.21
N LYS A 9 13.12 17.69 -19.90
CA LYS A 9 12.58 16.48 -19.32
C LYS A 9 11.18 16.74 -18.76
N ASP A 10 10.27 17.08 -19.66
CA ASP A 10 8.90 17.39 -19.30
C ASP A 10 8.18 16.15 -18.79
N PRO A 11 7.30 16.30 -17.79
CA PRO A 11 6.53 15.19 -17.22
C PRO A 11 5.61 14.54 -18.24
N ASN A 12 6.14 13.52 -18.92
CA ASN A 12 5.37 12.77 -19.91
C ASN A 12 5.12 11.36 -19.42
N GLY A 13 5.39 11.12 -18.14
CA GLY A 13 5.24 9.80 -17.58
C GLY A 13 3.79 9.38 -17.42
N PRO A 14 3.54 8.12 -17.03
CA PRO A 14 2.19 7.59 -16.84
C PRO A 14 1.53 8.09 -15.55
N THR A 15 0.47 7.41 -15.14
CA THR A 15 -0.27 7.77 -13.94
C THR A 15 0.43 7.28 -12.66
N HIS A 16 1.70 6.98 -12.75
CA HIS A 16 2.42 6.48 -11.60
C HIS A 16 3.54 7.43 -11.22
N SER A 17 3.46 7.95 -10.03
CA SER A 17 4.48 8.83 -9.51
C SER A 17 5.46 8.00 -8.69
N SER A 18 6.72 8.41 -8.67
CA SER A 18 7.72 7.69 -7.91
C SER A 18 7.50 7.89 -6.41
N THR A 19 6.67 8.88 -6.08
CA THR A 19 6.32 9.17 -4.72
C THR A 19 4.81 9.05 -4.51
N LEU A 20 4.16 8.26 -5.38
CA LEU A 20 2.71 8.07 -5.32
C LEU A 20 2.35 7.19 -4.13
N PHE A 21 3.25 6.28 -3.81
CA PHE A 21 3.07 5.34 -2.72
C PHE A 21 3.99 5.70 -1.56
N VAL A 22 4.60 6.86 -1.65
CA VAL A 22 5.54 7.33 -0.66
C VAL A 22 4.88 8.30 0.32
N ARG A 23 5.23 8.19 1.59
CA ARG A 23 4.68 9.06 2.62
C ARG A 23 5.14 10.50 2.41
N ASP A 24 4.38 11.46 2.93
CA ASP A 24 4.67 12.90 2.77
C ASP A 24 6.11 13.24 3.17
N ASP A 25 6.63 12.55 4.18
CA ASP A 25 8.00 12.80 4.67
C ASP A 25 9.06 12.30 3.68
N GLY A 26 8.62 11.55 2.67
CA GLY A 26 9.55 11.02 1.70
C GLY A 26 9.94 9.58 2.00
N SER A 27 9.35 9.03 3.04
CA SER A 27 9.64 7.68 3.46
C SER A 27 8.77 6.66 2.71
N SER A 28 9.40 5.61 2.24
CA SER A 28 8.69 4.54 1.58
C SER A 28 8.29 3.52 2.62
N MET A 29 7.04 3.09 2.60
CA MET A 29 6.55 2.16 3.59
C MET A 29 6.54 0.74 3.06
N SER A 30 6.60 -0.23 3.96
CA SER A 30 6.57 -1.63 3.58
C SER A 30 5.17 -2.18 3.79
N PHE A 31 4.63 -2.81 2.76
CA PHE A 31 3.29 -3.35 2.82
C PHE A 31 3.32 -4.87 2.69
N TYR A 32 2.71 -5.53 3.64
CA TYR A 32 2.65 -6.97 3.66
C TYR A 32 1.37 -7.47 2.99
N VAL A 33 1.55 -8.28 1.98
CA VAL A 33 0.43 -8.83 1.25
C VAL A 33 0.11 -10.24 1.73
N ARG A 34 -1.13 -10.44 2.15
CA ARG A 34 -1.58 -11.76 2.59
C ARG A 34 -1.62 -12.71 1.41
N PRO A 35 -1.31 -14.00 1.63
CA PRO A 35 -1.37 -15.02 0.59
C PRO A 35 -2.77 -15.09 -0.04
N SER A 36 -2.90 -14.43 -1.17
CA SER A 36 -4.14 -14.34 -1.88
C SER A 36 -3.84 -14.07 -3.35
N PRO A 37 -4.69 -14.55 -4.28
CA PRO A 37 -4.48 -14.35 -5.73
C PRO A 37 -4.42 -12.88 -6.14
N ALA A 38 -4.80 -12.00 -5.23
CA ALA A 38 -4.82 -10.57 -5.50
C ALA A 38 -3.46 -9.92 -5.23
N LYS A 39 -2.57 -10.64 -4.54
CA LYS A 39 -1.26 -10.09 -4.18
C LYS A 39 -0.48 -9.64 -5.40
N ARG A 40 -0.67 -10.32 -6.52
CA ARG A 40 0.03 -10.00 -7.76
C ARG A 40 -0.37 -8.60 -8.26
N ARG A 41 -1.66 -8.28 -8.19
CA ARG A 41 -2.16 -6.98 -8.61
C ARG A 41 -1.62 -5.89 -7.73
N LEU A 42 -1.47 -6.20 -6.46
CA LEU A 42 -0.99 -5.25 -5.48
C LEU A 42 0.50 -4.98 -5.67
N SER A 43 1.27 -6.06 -5.78
CA SER A 43 2.73 -5.98 -5.88
C SER A 43 3.19 -5.04 -7.00
N THR A 44 2.64 -5.22 -8.20
CA THR A 44 3.05 -4.42 -9.35
C THR A 44 2.70 -2.93 -9.18
N LEU A 45 1.59 -2.64 -8.53
CA LEU A 45 1.17 -1.26 -8.33
C LEU A 45 1.98 -0.58 -7.24
N ILE A 46 2.25 -1.31 -6.16
CA ILE A 46 3.01 -0.76 -5.03
C ILE A 46 4.41 -0.32 -5.45
N LEU A 47 5.15 -1.22 -6.06
CA LEU A 47 6.52 -0.95 -6.49
C LEU A 47 6.57 0.14 -7.56
N HIS A 48 5.56 0.21 -8.41
CA HIS A 48 5.50 1.24 -9.45
C HIS A 48 5.10 2.59 -8.89
N GLY A 49 4.58 2.58 -7.67
CA GLY A 49 4.19 3.83 -7.03
C GLY A 49 5.27 4.34 -6.08
N GLY A 50 6.27 3.51 -5.84
CA GLY A 50 7.34 3.90 -4.95
C GLY A 50 7.24 3.27 -3.58
N GLY A 51 6.52 2.17 -3.48
CA GLY A 51 6.38 1.48 -2.21
C GLY A 51 7.19 0.20 -2.17
N THR A 52 7.18 -0.46 -1.03
CA THR A 52 7.90 -1.71 -0.86
C THR A 52 6.95 -2.81 -0.39
N VAL A 53 7.05 -3.99 -0.98
CA VAL A 53 6.14 -5.09 -0.65
C VAL A 53 6.85 -6.20 0.11
N CYS A 54 6.22 -6.66 1.17
CA CYS A 54 6.74 -7.74 1.97
C CYS A 54 5.89 -8.99 1.76
N ARG A 55 6.54 -10.10 1.49
CA ARG A 55 5.84 -11.36 1.25
C ARG A 55 5.46 -12.03 2.56
N VAL A 56 6.16 -11.68 3.63
CA VAL A 56 5.88 -12.19 4.95
C VAL A 56 5.53 -11.05 5.88
N GLN A 57 4.82 -11.36 6.96
CA GLN A 57 4.39 -10.35 7.90
C GLN A 57 5.59 -9.78 8.66
N GLU A 58 6.11 -8.67 8.16
CA GLU A 58 7.25 -8.04 8.76
C GLU A 58 6.84 -7.08 9.85
N PRO A 59 7.64 -7.01 10.90
CA PRO A 59 7.40 -6.09 12.01
C PRO A 59 7.56 -4.65 11.55
N GLY A 60 6.45 -3.92 11.56
CA GLY A 60 6.47 -2.54 11.13
C GLY A 60 5.88 -2.38 9.75
N ALA A 61 5.55 -3.50 9.12
CA ALA A 61 4.94 -3.48 7.80
C ALA A 61 3.43 -3.37 7.91
N VAL A 62 2.82 -2.76 6.92
CA VAL A 62 1.38 -2.59 6.89
C VAL A 62 0.72 -3.86 6.37
N LEU A 63 -0.19 -4.41 7.13
CA LEU A 63 -0.88 -5.65 6.75
C LEU A 63 -2.03 -5.35 5.78
N LEU A 64 -2.05 -6.03 4.65
CA LEU A 64 -3.07 -5.83 3.63
C LEU A 64 -3.95 -7.05 3.44
N ALA A 65 -5.25 -6.81 3.24
CA ALA A 65 -6.21 -7.87 3.00
C ALA A 65 -7.29 -7.39 2.04
N GLN A 66 -7.90 -8.32 1.34
CA GLN A 66 -8.96 -8.01 0.40
C GLN A 66 -10.27 -7.76 1.12
N PRO A 67 -11.01 -6.73 0.70
CA PRO A 67 -12.30 -6.39 1.30
C PRO A 67 -13.43 -7.32 0.82
N GLY A 68 -14.66 -6.81 0.83
CA GLY A 68 -15.79 -7.60 0.41
C GLY A 68 -16.61 -8.07 1.59
N GLU A 69 -16.00 -8.13 2.75
CA GLU A 69 -16.67 -8.53 3.97
C GLU A 69 -16.45 -7.48 5.05
N ALA A 70 -17.28 -7.49 6.07
CA ALA A 70 -17.14 -6.55 7.17
C ALA A 70 -16.69 -7.27 8.43
N LEU A 71 -16.60 -8.58 8.35
CA LEU A 71 -16.19 -9.39 9.49
C LEU A 71 -14.69 -9.36 9.67
N ALA A 72 -14.25 -8.78 10.76
CA ALA A 72 -12.84 -8.69 11.06
C ALA A 72 -12.36 -9.94 11.78
N GLU A 73 -12.08 -10.97 11.02
CA GLU A 73 -11.58 -12.22 11.56
C GLU A 73 -10.07 -12.27 11.46
N ALA A 74 -9.51 -11.19 10.96
CA ALA A 74 -8.08 -11.06 10.79
C ALA A 74 -7.39 -10.92 12.14
N SER A 75 -6.07 -11.06 12.14
CA SER A 75 -5.28 -10.96 13.37
C SER A 75 -5.47 -9.62 14.06
N GLY A 76 -5.38 -8.54 13.29
CA GLY A 76 -5.52 -7.23 13.86
C GLY A 76 -5.57 -6.16 12.80
N ASP A 77 -4.55 -5.31 12.76
CA ASP A 77 -4.49 -4.21 11.82
C ASP A 77 -4.44 -4.71 10.40
N PHE A 78 -5.38 -4.27 9.60
CA PHE A 78 -5.42 -4.65 8.19
C PHE A 78 -6.01 -3.54 7.35
N ILE A 79 -5.34 -3.24 6.25
CA ILE A 79 -5.77 -2.21 5.33
C ILE A 79 -6.44 -2.84 4.10
N SER A 80 -7.41 -2.13 3.54
CA SER A 80 -8.10 -2.58 2.35
C SER A 80 -7.21 -2.40 1.13
N THR A 81 -7.18 -3.42 0.28
CA THR A 81 -6.39 -3.40 -0.94
C THR A 81 -6.82 -2.28 -1.89
N GLN A 82 -8.06 -1.79 -1.72
CA GLN A 82 -8.60 -0.72 -2.55
C GLN A 82 -7.67 0.49 -2.60
N TYR A 83 -6.92 0.69 -1.54
CA TYR A 83 -5.97 1.81 -1.45
C TYR A 83 -5.03 1.84 -2.66
N ILE A 84 -4.71 0.64 -3.18
CA ILE A 84 -3.82 0.50 -4.32
C ILE A 84 -4.33 1.30 -5.52
N LEU A 85 -5.59 1.10 -5.85
CA LEU A 85 -6.18 1.76 -6.98
C LEU A 85 -6.53 3.20 -6.66
N ASP A 86 -7.05 3.41 -5.46
CA ASP A 86 -7.51 4.72 -5.04
C ASP A 86 -6.38 5.75 -5.10
N CYS A 87 -5.18 5.35 -4.67
CA CYS A 87 -4.01 6.22 -4.69
C CYS A 87 -3.63 6.62 -6.11
N VAL A 88 -3.55 5.63 -7.00
CA VAL A 88 -3.14 5.90 -8.37
C VAL A 88 -4.25 6.59 -9.19
N GLU A 89 -5.51 6.30 -8.89
CA GLU A 89 -6.62 6.94 -9.58
C GLU A 89 -6.70 8.42 -9.22
N ARG A 90 -6.42 8.73 -7.97
CA ARG A 90 -6.38 10.11 -7.52
C ARG A 90 -5.05 10.76 -7.90
N ASN A 91 -4.04 9.92 -8.13
CA ASN A 91 -2.69 10.38 -8.50
C ASN A 91 -2.07 11.21 -7.40
N GLU A 92 -2.33 10.85 -6.17
CA GLU A 92 -1.77 11.54 -5.02
C GLU A 92 -1.62 10.59 -3.86
N ARG A 93 -0.92 11.03 -2.84
CA ARG A 93 -0.75 10.22 -1.66
C ARG A 93 -1.94 10.43 -0.73
N LEU A 94 -2.65 9.37 -0.49
CA LEU A 94 -3.87 9.42 0.32
C LEU A 94 -3.66 8.80 1.69
N GLU A 95 -4.52 9.17 2.63
CA GLU A 95 -4.43 8.69 4.01
C GLU A 95 -4.64 7.19 4.11
N LEU A 96 -3.56 6.49 4.42
CA LEU A 96 -3.55 5.04 4.53
C LEU A 96 -4.55 4.55 5.60
N GLU A 97 -4.52 5.19 6.75
CA GLU A 97 -5.38 4.83 7.89
C GLU A 97 -6.87 4.85 7.55
N ALA A 98 -7.24 5.59 6.51
CA ALA A 98 -8.64 5.68 6.11
C ALA A 98 -9.13 4.39 5.47
N TYR A 99 -8.20 3.58 4.99
CA TYR A 99 -8.54 2.33 4.31
C TYR A 99 -8.50 1.15 5.28
N ARG A 100 -8.58 1.43 6.57
CA ARG A 100 -8.50 0.38 7.59
C ARG A 100 -9.73 -0.52 7.59
N LEU A 101 -9.48 -1.82 7.62
CA LEU A 101 -10.53 -2.81 7.71
C LEU A 101 -10.54 -3.39 9.11
N GLY A 102 -9.37 -3.85 9.55
CA GLY A 102 -9.24 -4.43 10.84
C GLY A 102 -8.75 -3.44 11.87
N PRO A 103 -9.44 -3.33 13.01
CA PRO A 103 -9.07 -2.41 14.09
C PRO A 103 -7.81 -2.90 14.81
N ALA A 104 -7.33 -2.10 15.75
CA ALA A 104 -6.14 -2.43 16.49
C ALA A 104 -6.43 -3.50 17.54
N SER A 105 -6.62 -4.73 17.09
CA SER A 105 -6.83 -5.85 17.98
C SER A 105 -5.49 -6.37 18.46
N ALA A 106 -5.06 -5.85 19.60
CA ALA A 106 -3.77 -6.24 20.16
C ALA A 106 -3.94 -7.18 21.33
N ALA A 107 -3.46 -8.40 21.16
CA ALA A 107 -3.52 -9.39 22.22
C ALA A 107 -2.16 -10.07 22.39
N ASP A 108 -1.26 -9.40 23.07
CA ASP A 108 0.07 -9.92 23.30
C ASP A 108 0.18 -10.52 24.69
N THR A 109 -0.57 -9.96 25.61
CA THR A 109 -0.58 -10.43 26.98
C THR A 109 -1.98 -10.23 27.57
N GLY A 110 -2.21 -10.76 28.75
CA GLY A 110 -3.49 -10.62 29.40
C GLY A 110 -3.40 -10.78 30.89
N SER A 111 -2.20 -10.59 31.42
CA SER A 111 -1.97 -10.71 32.84
C SER A 111 -0.64 -10.06 33.21
N GLU A 112 -0.23 -10.23 34.45
CA GLU A 112 1.02 -9.66 34.93
C GLU A 112 1.61 -10.53 36.03
N ALA A 113 2.87 -10.90 35.88
CA ALA A 113 3.55 -11.72 36.87
C ALA A 113 4.99 -11.25 37.05
N LYS A 114 5.29 -10.72 38.22
CA LYS A 114 6.61 -10.23 38.53
C LYS A 114 7.17 -10.90 39.78
N MET A 1 31.37 22.39 -34.40
CA MET A 1 30.52 23.36 -33.68
C MET A 1 29.95 22.73 -32.41
N ALA A 2 30.31 23.30 -31.27
CA ALA A 2 29.84 22.81 -29.99
C ALA A 2 28.49 23.43 -29.66
N GLU A 3 27.44 22.73 -29.99
CA GLU A 3 26.08 23.18 -29.74
C GLU A 3 25.23 22.01 -29.27
N ALA A 4 24.68 22.13 -28.08
CA ALA A 4 23.88 21.06 -27.49
C ALA A 4 22.48 21.03 -28.08
N MET A 5 21.89 19.85 -28.10
CA MET A 5 20.55 19.66 -28.66
C MET A 5 19.49 19.90 -27.60
N ASP A 6 18.40 20.51 -28.01
CA ASP A 6 17.26 20.76 -27.12
C ASP A 6 16.43 19.50 -26.95
N LEU A 7 16.01 19.25 -25.74
CA LEU A 7 15.20 18.08 -25.44
C LEU A 7 14.23 18.40 -24.33
N GLY A 8 12.94 18.32 -24.65
CA GLY A 8 11.92 18.60 -23.68
C GLY A 8 11.60 17.39 -22.83
N LYS A 9 11.59 17.58 -21.52
CA LYS A 9 11.28 16.50 -20.61
C LYS A 9 9.78 16.40 -20.40
N ASP A 10 9.09 16.00 -21.45
CA ASP A 10 7.65 15.84 -21.41
C ASP A 10 7.27 14.53 -20.75
N PRO A 11 6.15 14.49 -20.00
CA PRO A 11 5.67 13.26 -19.38
C PRO A 11 5.31 12.20 -20.41
N ASN A 12 6.21 11.25 -20.58
CA ASN A 12 6.02 10.18 -21.55
C ASN A 12 5.73 8.87 -20.84
N GLY A 13 5.72 8.93 -19.52
CA GLY A 13 5.46 7.76 -18.72
C GLY A 13 3.99 7.57 -18.42
N PRO A 14 3.66 6.79 -17.38
CA PRO A 14 2.29 6.53 -17.00
C PRO A 14 1.75 7.56 -16.02
N THR A 15 0.45 7.49 -15.75
CA THR A 15 -0.20 8.40 -14.83
C THR A 15 0.03 7.96 -13.38
N HIS A 16 0.50 6.74 -13.22
CA HIS A 16 0.77 6.21 -11.88
C HIS A 16 2.02 6.85 -11.36
N SER A 17 1.86 7.60 -10.30
CA SER A 17 2.93 8.32 -9.68
C SER A 17 3.96 7.39 -9.06
N SER A 18 5.22 7.56 -9.47
CA SER A 18 6.32 6.77 -8.94
C SER A 18 6.74 7.28 -7.56
N THR A 19 6.08 8.33 -7.12
CA THR A 19 6.31 8.93 -5.82
C THR A 19 5.07 8.81 -4.95
N LEU A 20 4.12 8.00 -5.42
CA LEU A 20 2.84 7.82 -4.74
C LEU A 20 3.02 7.06 -3.42
N PHE A 21 3.91 6.09 -3.43
CA PHE A 21 4.19 5.28 -2.25
C PHE A 21 5.48 5.74 -1.58
N VAL A 22 5.86 6.98 -1.83
CA VAL A 22 7.07 7.54 -1.26
C VAL A 22 6.72 8.61 -0.26
N ARG A 23 7.26 8.48 0.94
CA ARG A 23 7.00 9.45 2.00
C ARG A 23 7.72 10.75 1.67
N ASP A 24 7.26 11.86 2.24
CA ASP A 24 7.86 13.17 1.97
C ASP A 24 9.36 13.19 2.32
N ASP A 25 9.74 12.38 3.30
CA ASP A 25 11.14 12.27 3.73
C ASP A 25 11.99 11.50 2.69
N GLY A 26 11.32 10.90 1.71
CA GLY A 26 12.01 10.15 0.68
C GLY A 26 12.00 8.66 0.97
N SER A 27 11.56 8.31 2.16
CA SER A 27 11.52 6.92 2.58
C SER A 27 10.34 6.20 1.92
N SER A 28 10.58 5.00 1.45
CA SER A 28 9.55 4.20 0.83
C SER A 28 8.78 3.43 1.91
N MET A 29 7.48 3.36 1.76
CA MET A 29 6.65 2.67 2.72
C MET A 29 6.41 1.22 2.33
N SER A 30 6.44 0.33 3.30
CA SER A 30 6.26 -1.09 3.07
C SER A 30 4.87 -1.55 3.47
N PHE A 31 4.26 -2.38 2.64
CA PHE A 31 2.93 -2.88 2.89
C PHE A 31 2.90 -4.41 2.80
N TYR A 32 2.36 -5.04 3.83
CA TYR A 32 2.30 -6.49 3.93
C TYR A 32 1.03 -7.04 3.30
N VAL A 33 1.20 -7.92 2.34
CA VAL A 33 0.09 -8.53 1.63
C VAL A 33 -0.16 -9.96 2.10
N ARG A 34 -1.40 -10.23 2.53
CA ARG A 34 -1.77 -11.59 2.97
C ARG A 34 -1.60 -12.59 1.83
N PRO A 35 -1.18 -13.83 2.14
CA PRO A 35 -0.98 -14.89 1.13
C PRO A 35 -2.23 -15.10 0.27
N SER A 36 -2.12 -14.73 -0.99
CA SER A 36 -3.23 -14.84 -1.93
C SER A 36 -2.72 -14.62 -3.35
N PRO A 37 -3.37 -15.23 -4.36
CA PRO A 37 -2.97 -15.09 -5.77
C PRO A 37 -3.10 -13.64 -6.25
N ALA A 38 -3.91 -12.86 -5.55
CA ALA A 38 -4.14 -11.47 -5.92
C ALA A 38 -2.97 -10.58 -5.51
N LYS A 39 -2.02 -11.17 -4.78
CA LYS A 39 -0.80 -10.48 -4.33
C LYS A 39 -0.05 -9.88 -5.53
N ARG A 40 -0.13 -10.59 -6.67
CA ARG A 40 0.57 -10.18 -7.89
C ARG A 40 0.16 -8.78 -8.32
N ARG A 41 -1.14 -8.54 -8.44
CA ARG A 41 -1.67 -7.24 -8.88
C ARG A 41 -1.25 -6.13 -7.92
N LEU A 42 -1.24 -6.44 -6.64
CA LEU A 42 -0.92 -5.46 -5.62
C LEU A 42 0.57 -5.11 -5.67
N SER A 43 1.41 -6.14 -5.73
CA SER A 43 2.86 -5.97 -5.72
C SER A 43 3.35 -5.00 -6.81
N THR A 44 2.90 -5.22 -8.04
CA THR A 44 3.34 -4.40 -9.16
C THR A 44 2.94 -2.92 -8.99
N LEU A 45 1.74 -2.68 -8.47
CA LEU A 45 1.27 -1.32 -8.26
C LEU A 45 2.03 -0.64 -7.14
N ILE A 46 2.30 -1.38 -6.08
CA ILE A 46 3.04 -0.87 -4.94
C ILE A 46 4.45 -0.45 -5.35
N LEU A 47 5.11 -1.31 -6.10
CA LEU A 47 6.46 -1.03 -6.57
C LEU A 47 6.48 0.11 -7.58
N HIS A 48 5.43 0.22 -8.38
CA HIS A 48 5.34 1.33 -9.34
C HIS A 48 5.15 2.64 -8.61
N GLY A 49 4.42 2.59 -7.50
CA GLY A 49 4.19 3.77 -6.70
C GLY A 49 5.44 4.24 -5.99
N GLY A 50 6.46 3.38 -5.93
CA GLY A 50 7.70 3.74 -5.29
C GLY A 50 7.81 3.18 -3.90
N GLY A 51 6.97 2.20 -3.59
CA GLY A 51 6.99 1.59 -2.28
C GLY A 51 7.62 0.22 -2.29
N THR A 52 7.37 -0.53 -1.25
CA THR A 52 7.89 -1.87 -1.14
C THR A 52 6.81 -2.82 -0.63
N VAL A 53 6.69 -3.97 -1.25
CA VAL A 53 5.69 -4.93 -0.84
C VAL A 53 6.32 -6.00 0.04
N CYS A 54 5.66 -6.34 1.10
CA CYS A 54 6.13 -7.34 2.02
C CYS A 54 5.30 -8.61 1.90
N ARG A 55 5.94 -9.70 1.52
CA ARG A 55 5.28 -10.98 1.39
C ARG A 55 5.09 -11.58 2.77
N VAL A 56 5.95 -11.20 3.67
CA VAL A 56 5.90 -11.62 5.04
C VAL A 56 5.72 -10.41 5.92
N GLN A 57 5.22 -10.61 7.12
CA GLN A 57 4.95 -9.51 8.01
C GLN A 57 6.25 -8.86 8.48
N GLU A 58 6.55 -7.69 7.96
CA GLU A 58 7.74 -6.96 8.33
C GLU A 58 7.44 -5.99 9.46
N PRO A 59 8.44 -5.75 10.34
CA PRO A 59 8.30 -4.83 11.46
C PRO A 59 8.03 -3.39 11.01
N GLY A 60 6.82 -2.93 11.21
CA GLY A 60 6.47 -1.57 10.82
C GLY A 60 5.70 -1.53 9.52
N ALA A 61 5.54 -2.68 8.89
CA ALA A 61 4.80 -2.76 7.64
C ALA A 61 3.32 -2.77 7.91
N VAL A 62 2.56 -2.13 7.04
CA VAL A 62 1.12 -2.07 7.18
C VAL A 62 0.50 -3.39 6.75
N LEU A 63 -0.46 -3.87 7.52
CA LEU A 63 -1.10 -5.13 7.22
C LEU A 63 -2.24 -4.95 6.21
N LEU A 64 -2.10 -5.59 5.05
CA LEU A 64 -3.09 -5.51 3.99
C LEU A 64 -3.79 -6.83 3.79
N ALA A 65 -5.08 -6.76 3.54
CA ALA A 65 -5.85 -7.95 3.34
C ALA A 65 -6.88 -7.77 2.24
N GLN A 66 -6.95 -8.73 1.35
CA GLN A 66 -7.96 -8.75 0.34
C GLN A 66 -9.29 -9.02 0.99
N PRO A 67 -10.31 -8.21 0.68
CA PRO A 67 -11.62 -8.31 1.31
C PRO A 67 -12.39 -9.57 0.89
N GLY A 68 -13.69 -9.51 1.04
CA GLY A 68 -14.52 -10.65 0.77
C GLY A 68 -15.04 -11.26 2.06
N GLU A 69 -14.33 -11.01 3.14
CA GLU A 69 -14.76 -11.41 4.47
C GLU A 69 -14.63 -10.21 5.41
N ALA A 70 -15.33 -10.23 6.53
CA ALA A 70 -15.29 -9.13 7.46
C ALA A 70 -15.34 -9.60 8.91
N LEU A 71 -14.92 -10.84 9.13
CA LEU A 71 -14.95 -11.40 10.48
C LEU A 71 -13.52 -11.72 10.95
N ALA A 72 -13.40 -12.63 11.91
CA ALA A 72 -12.11 -12.95 12.54
C ALA A 72 -11.22 -13.88 11.68
N GLU A 73 -11.07 -13.56 10.40
CA GLU A 73 -10.18 -14.32 9.55
C GLU A 73 -8.83 -13.64 9.42
N ALA A 74 -8.76 -12.41 9.86
CA ALA A 74 -7.53 -11.65 9.82
C ALA A 74 -6.94 -11.53 11.22
N SER A 75 -5.61 -11.55 11.30
CA SER A 75 -4.89 -11.50 12.57
C SER A 75 -5.31 -10.30 13.41
N GLY A 76 -5.21 -9.12 12.84
CA GLY A 76 -5.56 -7.92 13.54
C GLY A 76 -6.20 -6.92 12.62
N ASP A 77 -5.93 -5.65 12.84
CA ASP A 77 -6.47 -4.63 11.96
C ASP A 77 -5.76 -4.67 10.63
N PHE A 78 -6.52 -4.81 9.59
CA PHE A 78 -5.98 -4.89 8.26
C PHE A 78 -6.56 -3.79 7.39
N ILE A 79 -5.79 -3.38 6.40
CA ILE A 79 -6.22 -2.34 5.48
C ILE A 79 -6.77 -2.98 4.20
N SER A 80 -7.75 -2.32 3.61
CA SER A 80 -8.34 -2.78 2.37
C SER A 80 -7.38 -2.54 1.21
N THR A 81 -7.29 -3.53 0.33
CA THR A 81 -6.43 -3.46 -0.84
C THR A 81 -6.86 -2.36 -1.80
N GLN A 82 -8.12 -1.97 -1.69
CA GLN A 82 -8.70 -0.91 -2.50
C GLN A 82 -7.85 0.37 -2.46
N TYR A 83 -7.12 0.55 -1.38
CA TYR A 83 -6.25 1.70 -1.19
C TYR A 83 -5.28 1.85 -2.36
N ILE A 84 -4.85 0.72 -2.93
CA ILE A 84 -3.90 0.73 -4.03
C ILE A 84 -4.42 1.57 -5.19
N LEU A 85 -5.65 1.32 -5.59
CA LEU A 85 -6.24 1.99 -6.71
C LEU A 85 -6.70 3.40 -6.33
N ASP A 86 -7.31 3.52 -5.17
CA ASP A 86 -7.88 4.79 -4.73
C ASP A 86 -6.79 5.83 -4.51
N CYS A 87 -5.66 5.41 -3.96
CA CYS A 87 -4.55 6.32 -3.72
C CYS A 87 -3.91 6.79 -5.02
N VAL A 88 -3.67 5.87 -5.94
CA VAL A 88 -3.03 6.22 -7.19
C VAL A 88 -3.99 6.95 -8.13
N GLU A 89 -5.27 6.59 -8.08
CA GLU A 89 -6.29 7.24 -8.91
C GLU A 89 -6.36 8.73 -8.60
N ARG A 90 -6.23 9.05 -7.33
CA ARG A 90 -6.29 10.44 -6.87
C ARG A 90 -4.93 11.15 -7.04
N ASN A 91 -3.86 10.34 -7.17
CA ASN A 91 -2.49 10.87 -7.34
C ASN A 91 -2.10 11.76 -6.16
N GLU A 92 -2.51 11.35 -4.96
CA GLU A 92 -2.21 12.12 -3.77
C GLU A 92 -2.11 11.22 -2.56
N ARG A 93 -1.58 11.76 -1.47
CA ARG A 93 -1.46 11.01 -0.24
C ARG A 93 -2.80 10.97 0.47
N LEU A 94 -3.37 9.81 0.57
CA LEU A 94 -4.63 9.65 1.25
C LEU A 94 -4.42 8.95 2.57
N GLU A 95 -5.29 9.23 3.52
CA GLU A 95 -5.17 8.67 4.85
C GLU A 95 -5.39 7.18 4.86
N LEU A 96 -4.32 6.45 5.10
CA LEU A 96 -4.33 4.99 5.13
C LEU A 96 -5.37 4.45 6.11
N GLU A 97 -5.45 5.09 7.27
CA GLU A 97 -6.38 4.72 8.34
C GLU A 97 -7.85 4.66 7.86
N ALA A 98 -8.16 5.39 6.80
CA ALA A 98 -9.51 5.43 6.26
C ALA A 98 -9.85 4.16 5.51
N TYR A 99 -8.83 3.41 5.12
CA TYR A 99 -9.02 2.18 4.36
C TYR A 99 -9.05 0.96 5.28
N ARG A 100 -9.27 1.19 6.56
CA ARG A 100 -9.31 0.10 7.52
C ARG A 100 -10.46 -0.86 7.21
N LEU A 101 -10.13 -2.15 7.16
CA LEU A 101 -11.11 -3.18 6.86
C LEU A 101 -11.99 -3.46 8.10
N GLY A 102 -12.97 -4.34 7.93
CA GLY A 102 -13.88 -4.69 9.03
C GLY A 102 -13.17 -5.22 10.27
N PRO A 103 -13.86 -5.26 11.42
CA PRO A 103 -13.29 -5.73 12.69
C PRO A 103 -12.84 -7.18 12.63
N ALA A 104 -11.54 -7.37 12.72
CA ALA A 104 -10.96 -8.69 12.69
C ALA A 104 -10.09 -8.94 13.91
N SER A 105 -10.51 -9.86 14.75
CA SER A 105 -9.76 -10.18 15.94
C SER A 105 -9.55 -11.68 16.03
N ALA A 106 -8.57 -12.18 15.31
CA ALA A 106 -8.25 -13.59 15.32
C ALA A 106 -7.05 -13.86 16.21
N ALA A 107 -6.84 -15.11 16.54
CA ALA A 107 -5.73 -15.50 17.38
C ALA A 107 -4.53 -15.89 16.55
N ASP A 108 -3.47 -15.10 16.62
CA ASP A 108 -2.24 -15.37 15.90
C ASP A 108 -1.42 -16.41 16.64
N THR A 109 -1.52 -16.37 17.97
CA THR A 109 -0.82 -17.29 18.85
C THR A 109 0.70 -17.14 18.71
N GLY A 110 1.24 -16.13 19.36
CA GLY A 110 2.66 -15.89 19.32
C GLY A 110 3.33 -16.27 20.61
N SER A 111 4.50 -16.86 20.50
CA SER A 111 5.24 -17.28 21.67
C SER A 111 6.74 -17.05 21.45
N GLU A 112 7.25 -16.03 22.08
CA GLU A 112 8.64 -15.67 21.95
C GLU A 112 9.50 -16.46 22.92
N ALA A 113 10.63 -16.93 22.45
CA ALA A 113 11.57 -17.67 23.28
C ALA A 113 12.85 -16.89 23.43
N LYS A 114 13.03 -15.90 22.57
CA LYS A 114 14.21 -15.06 22.59
C LYS A 114 13.85 -13.69 23.14
N MET A 1 19.97 36.49 -16.38
CA MET A 1 20.67 37.75 -16.73
C MET A 1 22.16 37.52 -16.76
N ALA A 2 22.83 37.76 -15.65
CA ALA A 2 24.24 37.52 -15.54
C ALA A 2 24.47 36.03 -15.32
N GLU A 3 23.58 35.44 -14.55
CA GLU A 3 23.61 34.03 -14.28
C GLU A 3 22.69 33.30 -15.24
N ALA A 4 23.00 32.06 -15.50
CA ALA A 4 22.19 31.25 -16.37
C ALA A 4 21.63 30.08 -15.59
N MET A 5 20.45 30.26 -15.04
CA MET A 5 19.82 29.21 -14.27
C MET A 5 18.83 28.44 -15.13
N ASP A 6 19.04 27.14 -15.23
CA ASP A 6 18.16 26.30 -16.00
C ASP A 6 16.83 26.12 -15.27
N LEU A 7 15.77 26.57 -15.89
CA LEU A 7 14.46 26.48 -15.28
C LEU A 7 13.86 25.10 -15.47
N GLY A 8 13.13 24.65 -14.48
CA GLY A 8 12.48 23.37 -14.56
C GLY A 8 10.98 23.53 -14.63
N LYS A 9 10.36 22.86 -15.58
CA LYS A 9 8.93 22.94 -15.75
C LYS A 9 8.24 22.11 -14.69
N ASP A 10 7.17 22.67 -14.12
CA ASP A 10 6.39 22.00 -13.09
C ASP A 10 5.93 20.63 -13.58
N PRO A 11 5.90 19.60 -12.71
CA PRO A 11 5.49 18.25 -13.07
C PRO A 11 4.11 18.23 -13.71
N ASN A 12 4.09 18.05 -15.01
CA ASN A 12 2.85 18.03 -15.78
C ASN A 12 2.46 16.61 -16.13
N GLY A 13 3.00 15.66 -15.38
CA GLY A 13 2.67 14.27 -15.59
C GLY A 13 1.23 13.96 -15.24
N PRO A 14 0.81 12.70 -15.38
CA PRO A 14 -0.56 12.30 -15.11
C PRO A 14 -0.78 11.90 -13.64
N THR A 15 -1.91 11.24 -13.37
CA THR A 15 -2.23 10.79 -12.02
C THR A 15 -1.33 9.63 -11.62
N HIS A 16 -0.99 8.81 -12.59
CA HIS A 16 -0.13 7.67 -12.36
C HIS A 16 1.30 8.15 -12.18
N SER A 17 1.87 7.91 -11.02
CA SER A 17 3.19 8.39 -10.72
C SER A 17 4.09 7.29 -10.17
N SER A 18 5.38 7.45 -10.40
CA SER A 18 6.39 6.51 -9.92
C SER A 18 6.78 6.86 -8.48
N THR A 19 6.27 7.99 -8.00
CA THR A 19 6.55 8.45 -6.64
C THR A 19 5.25 8.59 -5.85
N LEU A 20 4.20 7.93 -6.32
CA LEU A 20 2.88 8.02 -5.70
C LEU A 20 2.84 7.24 -4.38
N PHE A 21 3.47 6.09 -4.35
CA PHE A 21 3.43 5.24 -3.19
C PHE A 21 4.45 5.65 -2.15
N VAL A 22 5.35 6.51 -2.54
CA VAL A 22 6.35 7.03 -1.62
C VAL A 22 5.67 7.97 -0.64
N ARG A 23 6.03 7.88 0.62
CA ARG A 23 5.44 8.74 1.63
C ARG A 23 5.97 10.15 1.48
N ASP A 24 5.19 11.13 1.91
CA ASP A 24 5.58 12.55 1.82
C ASP A 24 6.80 12.83 2.70
N ASP A 25 7.12 11.88 3.56
CA ASP A 25 8.28 11.96 4.44
C ASP A 25 9.56 11.62 3.64
N GLY A 26 9.36 11.10 2.43
CA GLY A 26 10.48 10.74 1.56
C GLY A 26 10.84 9.27 1.68
N SER A 27 10.39 8.65 2.75
CA SER A 27 10.67 7.25 2.99
C SER A 27 9.62 6.33 2.34
N SER A 28 10.06 5.18 1.85
CA SER A 28 9.16 4.21 1.28
C SER A 28 8.67 3.26 2.37
N MET A 29 7.35 3.20 2.55
CA MET A 29 6.77 2.33 3.56
C MET A 29 6.58 0.93 3.00
N SER A 30 6.76 -0.07 3.86
CA SER A 30 6.60 -1.44 3.45
C SER A 30 5.20 -1.95 3.78
N PHE A 31 4.58 -2.58 2.81
CA PHE A 31 3.25 -3.10 2.98
C PHE A 31 3.25 -4.61 2.83
N TYR A 32 2.77 -5.29 3.85
CA TYR A 32 2.71 -6.72 3.87
C TYR A 32 1.42 -7.22 3.25
N VAL A 33 1.56 -8.00 2.20
CA VAL A 33 0.42 -8.54 1.51
C VAL A 33 0.23 -10.02 1.85
N ARG A 34 -0.98 -10.36 2.24
CA ARG A 34 -1.32 -11.73 2.56
C ARG A 34 -1.27 -12.59 1.30
N PRO A 35 -0.83 -13.87 1.43
CA PRO A 35 -0.79 -14.80 0.30
C PRO A 35 -2.18 -14.97 -0.32
N SER A 36 -2.40 -14.30 -1.43
CA SER A 36 -3.69 -14.30 -2.10
C SER A 36 -3.49 -13.98 -3.58
N PRO A 37 -4.51 -14.23 -4.44
CA PRO A 37 -4.42 -13.94 -5.88
C PRO A 37 -4.08 -12.47 -6.17
N ALA A 38 -4.67 -11.57 -5.39
CA ALA A 38 -4.45 -10.14 -5.56
C ALA A 38 -3.03 -9.73 -5.17
N LYS A 39 -2.35 -10.57 -4.40
CA LYS A 39 -0.99 -10.29 -3.93
C LYS A 39 -0.04 -9.94 -5.07
N ARG A 40 -0.15 -10.66 -6.17
CA ARG A 40 0.69 -10.44 -7.33
C ARG A 40 0.39 -9.08 -7.97
N ARG A 41 -0.89 -8.74 -8.03
CA ARG A 41 -1.33 -7.50 -8.65
C ARG A 41 -0.95 -6.30 -7.78
N LEU A 42 -1.04 -6.47 -6.49
CA LEU A 42 -0.72 -5.41 -5.54
C LEU A 42 0.79 -5.13 -5.55
N SER A 43 1.58 -6.20 -5.46
CA SER A 43 3.04 -6.09 -5.39
C SER A 43 3.63 -5.23 -6.52
N THR A 44 3.20 -5.49 -7.75
CA THR A 44 3.73 -4.76 -8.90
C THR A 44 3.35 -3.27 -8.85
N LEU A 45 2.15 -2.98 -8.37
CA LEU A 45 1.68 -1.60 -8.30
C LEU A 45 2.35 -0.86 -7.16
N ILE A 46 2.55 -1.54 -6.05
CA ILE A 46 3.22 -0.96 -4.89
C ILE A 46 4.65 -0.55 -5.24
N LEU A 47 5.37 -1.47 -5.85
CA LEU A 47 6.75 -1.23 -6.22
C LEU A 47 6.89 -0.15 -7.28
N HIS A 48 6.01 -0.17 -8.28
CA HIS A 48 6.08 0.81 -9.37
C HIS A 48 5.76 2.21 -8.84
N GLY A 49 4.99 2.28 -7.79
CA GLY A 49 4.64 3.57 -7.20
C GLY A 49 5.73 4.09 -6.28
N GLY A 50 6.77 3.29 -6.08
CA GLY A 50 7.87 3.70 -5.22
C GLY A 50 7.76 3.16 -3.80
N GLY A 51 6.95 2.13 -3.62
CA GLY A 51 6.79 1.55 -2.31
C GLY A 51 7.51 0.23 -2.18
N THR A 52 7.34 -0.42 -1.04
CA THR A 52 7.96 -1.71 -0.78
C THR A 52 6.90 -2.71 -0.34
N VAL A 53 6.98 -3.92 -0.86
CA VAL A 53 6.02 -4.95 -0.52
C VAL A 53 6.68 -6.06 0.30
N CYS A 54 5.96 -6.59 1.25
CA CYS A 54 6.47 -7.66 2.08
C CYS A 54 5.63 -8.90 1.91
N ARG A 55 6.28 -10.05 1.79
CA ARG A 55 5.59 -11.33 1.61
C ARG A 55 5.25 -11.93 2.97
N VAL A 56 5.97 -11.49 3.97
CA VAL A 56 5.76 -11.94 5.33
C VAL A 56 5.52 -10.74 6.23
N GLN A 57 4.94 -10.97 7.40
CA GLN A 57 4.61 -9.90 8.30
C GLN A 57 5.86 -9.28 8.91
N GLU A 58 6.31 -8.19 8.32
CA GLU A 58 7.49 -7.48 8.79
C GLU A 58 7.13 -6.58 9.96
N PRO A 59 8.09 -6.38 10.86
CA PRO A 59 7.90 -5.53 12.04
C PRO A 59 7.63 -4.08 11.66
N GLY A 60 6.40 -3.65 11.84
CA GLY A 60 6.05 -2.28 11.55
C GLY A 60 5.46 -2.12 10.16
N ALA A 61 5.29 -3.23 9.46
CA ALA A 61 4.74 -3.21 8.13
C ALA A 61 3.22 -3.24 8.19
N VAL A 62 2.60 -2.58 7.24
CA VAL A 62 1.14 -2.51 7.16
C VAL A 62 0.59 -3.83 6.61
N LEU A 63 -0.50 -4.31 7.19
CA LEU A 63 -1.09 -5.58 6.78
C LEU A 63 -2.19 -5.35 5.73
N LEU A 64 -2.13 -6.13 4.64
CA LEU A 64 -3.12 -6.02 3.55
C LEU A 64 -3.89 -7.32 3.35
N ALA A 65 -5.18 -7.18 3.06
CA ALA A 65 -6.05 -8.34 2.82
C ALA A 65 -7.13 -8.01 1.81
N GLN A 66 -7.61 -9.02 1.10
CA GLN A 66 -8.65 -8.84 0.10
C GLN A 66 -10.01 -8.68 0.75
N PRO A 67 -10.72 -7.60 0.43
CA PRO A 67 -12.06 -7.39 0.93
C PRO A 67 -13.09 -8.16 0.08
N GLY A 68 -13.54 -7.56 -1.02
CA GLY A 68 -14.47 -8.22 -1.93
C GLY A 68 -15.91 -8.11 -1.48
N GLU A 69 -16.10 -7.91 -0.19
CA GLU A 69 -17.42 -7.82 0.40
C GLU A 69 -17.36 -6.92 1.62
N ALA A 70 -18.51 -6.41 2.02
CA ALA A 70 -18.59 -5.55 3.18
C ALA A 70 -18.68 -6.38 4.45
N LEU A 71 -17.56 -6.91 4.87
CA LEU A 71 -17.48 -7.73 6.07
C LEU A 71 -16.06 -7.71 6.59
N ALA A 72 -15.91 -7.92 7.89
CA ALA A 72 -14.59 -7.97 8.50
C ALA A 72 -13.88 -9.26 8.12
N GLU A 73 -13.29 -9.25 6.93
CA GLU A 73 -12.57 -10.39 6.43
C GLU A 73 -11.17 -10.43 7.05
N ALA A 74 -10.79 -9.33 7.66
CA ALA A 74 -9.51 -9.21 8.29
C ALA A 74 -9.42 -10.06 9.54
N SER A 75 -8.40 -10.89 9.62
CA SER A 75 -8.18 -11.74 10.79
C SER A 75 -7.75 -10.89 11.98
N GLY A 76 -7.25 -9.71 11.68
CA GLY A 76 -6.84 -8.77 12.70
C GLY A 76 -6.91 -7.38 12.18
N ASP A 77 -5.82 -6.64 12.27
CA ASP A 77 -5.78 -5.31 11.72
C ASP A 77 -5.28 -5.38 10.30
N PHE A 78 -6.06 -4.88 9.37
CA PHE A 78 -5.73 -4.96 7.96
C PHE A 78 -6.25 -3.77 7.19
N ILE A 79 -5.59 -3.48 6.09
CA ILE A 79 -5.97 -2.40 5.20
C ILE A 79 -6.62 -2.99 3.94
N SER A 80 -7.57 -2.26 3.39
CA SER A 80 -8.24 -2.67 2.18
C SER A 80 -7.31 -2.47 0.97
N THR A 81 -7.24 -3.48 0.11
CA THR A 81 -6.40 -3.44 -1.09
C THR A 81 -6.79 -2.27 -2.00
N GLN A 82 -8.04 -1.81 -1.85
CA GLN A 82 -8.57 -0.67 -2.61
C GLN A 82 -7.67 0.56 -2.51
N TYR A 83 -6.92 0.65 -1.42
CA TYR A 83 -6.02 1.79 -1.20
C TYR A 83 -5.05 1.98 -2.35
N ILE A 84 -4.64 0.87 -2.96
CA ILE A 84 -3.69 0.92 -4.07
C ILE A 84 -4.25 1.79 -5.21
N LEU A 85 -5.48 1.51 -5.58
CA LEU A 85 -6.12 2.20 -6.70
C LEU A 85 -6.59 3.58 -6.31
N ASP A 86 -7.08 3.72 -5.08
CA ASP A 86 -7.63 4.98 -4.61
C ASP A 86 -6.55 6.06 -4.51
N CYS A 87 -5.40 5.67 -3.96
CA CYS A 87 -4.28 6.58 -3.81
C CYS A 87 -3.76 7.09 -5.16
N VAL A 88 -3.60 6.17 -6.11
CA VAL A 88 -3.07 6.54 -7.41
C VAL A 88 -4.12 7.28 -8.25
N GLU A 89 -5.38 6.93 -8.03
CA GLU A 89 -6.50 7.55 -8.72
C GLU A 89 -6.54 9.06 -8.46
N ARG A 90 -6.37 9.44 -7.20
CA ARG A 90 -6.41 10.84 -6.81
C ARG A 90 -5.02 11.47 -6.84
N ASN A 91 -4.01 10.65 -7.20
CA ASN A 91 -2.59 11.08 -7.31
C ASN A 91 -2.13 11.93 -6.12
N GLU A 92 -2.69 11.64 -4.96
CA GLU A 92 -2.39 12.38 -3.75
C GLU A 92 -2.21 11.42 -2.60
N ARG A 93 -1.44 11.84 -1.60
CA ARG A 93 -1.20 11.01 -0.44
C ARG A 93 -2.43 11.03 0.44
N LEU A 94 -3.13 9.92 0.48
CA LEU A 94 -4.35 9.82 1.25
C LEU A 94 -4.12 9.07 2.55
N GLU A 95 -5.02 9.28 3.51
CA GLU A 95 -4.92 8.68 4.83
C GLU A 95 -4.95 7.15 4.76
N LEU A 96 -3.86 6.53 5.17
CA LEU A 96 -3.74 5.07 5.18
C LEU A 96 -4.78 4.46 6.13
N GLU A 97 -5.02 5.13 7.25
CA GLU A 97 -5.99 4.67 8.25
C GLU A 97 -7.41 4.65 7.69
N ALA A 98 -7.66 5.46 6.68
CA ALA A 98 -8.97 5.57 6.07
C ALA A 98 -9.32 4.33 5.27
N TYR A 99 -8.34 3.48 5.06
CA TYR A 99 -8.55 2.26 4.31
C TYR A 99 -8.56 1.05 5.24
N ARG A 100 -8.69 1.30 6.54
CA ARG A 100 -8.66 0.23 7.52
C ARG A 100 -9.88 -0.67 7.39
N LEU A 101 -9.63 -1.91 7.03
CA LEU A 101 -10.66 -2.90 6.82
C LEU A 101 -10.96 -3.65 8.11
N GLY A 102 -9.95 -3.79 8.95
CA GLY A 102 -10.13 -4.51 10.19
C GLY A 102 -10.70 -3.63 11.29
N PRO A 103 -11.82 -4.04 11.90
CA PRO A 103 -12.43 -3.31 12.98
C PRO A 103 -11.80 -3.67 14.31
N ALA A 104 -11.68 -2.69 15.18
CA ALA A 104 -11.08 -2.86 16.50
C ALA A 104 -9.66 -3.35 16.37
N SER A 105 -8.81 -2.48 15.88
CA SER A 105 -7.41 -2.80 15.66
C SER A 105 -6.64 -2.92 16.97
N ALA A 106 -5.53 -3.63 16.90
CA ALA A 106 -4.68 -3.82 18.05
C ALA A 106 -3.71 -2.65 18.19
N ALA A 107 -2.88 -2.70 19.23
CA ALA A 107 -1.92 -1.63 19.47
C ALA A 107 -0.74 -1.72 18.50
N ASP A 108 -0.93 -1.12 17.33
CA ASP A 108 0.12 -1.07 16.30
C ASP A 108 1.34 -0.33 16.83
N THR A 109 1.09 0.65 17.67
CA THR A 109 2.15 1.41 18.28
C THR A 109 1.83 1.66 19.74
N GLY A 110 2.84 1.59 20.59
CA GLY A 110 2.64 1.80 22.00
C GLY A 110 2.65 3.27 22.37
N SER A 111 1.50 3.91 22.25
CA SER A 111 1.37 5.32 22.59
C SER A 111 1.55 5.53 24.08
N GLU A 112 1.19 4.53 24.87
CA GLU A 112 1.35 4.59 26.30
C GLU A 112 2.10 3.35 26.80
N ALA A 113 3.11 3.56 27.61
CA ALA A 113 3.90 2.47 28.15
C ALA A 113 4.30 2.76 29.58
N LYS A 114 4.32 1.73 30.40
CA LYS A 114 4.72 1.86 31.81
C LYS A 114 6.23 1.95 31.92
N MET A 1 28.72 1.02 -36.27
CA MET A 1 29.15 2.43 -36.25
C MET A 1 27.98 3.36 -35.93
N ALA A 2 26.84 2.80 -35.56
CA ALA A 2 25.68 3.59 -35.19
C ALA A 2 25.80 4.02 -33.74
N GLU A 3 26.50 5.10 -33.52
CA GLU A 3 26.73 5.60 -32.19
C GLU A 3 25.50 6.30 -31.67
N ALA A 4 25.19 6.06 -30.42
CA ALA A 4 24.02 6.65 -29.81
C ALA A 4 24.35 7.29 -28.49
N MET A 5 23.87 8.48 -28.30
CA MET A 5 24.07 9.21 -27.06
C MET A 5 22.77 9.30 -26.32
N ASP A 6 22.82 9.38 -25.00
CA ASP A 6 21.61 9.53 -24.22
C ASP A 6 20.98 10.87 -24.50
N LEU A 7 19.82 10.84 -25.14
CA LEU A 7 19.12 12.05 -25.52
C LEU A 7 18.71 12.83 -24.30
N GLY A 8 17.96 12.18 -23.45
CA GLY A 8 17.45 12.82 -22.26
C GLY A 8 16.05 13.31 -22.51
N LYS A 9 15.20 12.39 -22.92
CA LYS A 9 13.83 12.70 -23.27
C LYS A 9 13.00 13.04 -22.05
N ASP A 10 11.88 13.70 -22.28
CA ASP A 10 10.99 14.09 -21.22
C ASP A 10 10.21 12.87 -20.73
N PRO A 11 9.88 12.83 -19.42
CA PRO A 11 9.15 11.72 -18.81
C PRO A 11 7.86 11.38 -19.56
N ASN A 12 7.90 10.27 -20.27
CA ASN A 12 6.75 9.83 -21.06
C ASN A 12 6.13 8.59 -20.44
N GLY A 13 6.44 8.37 -19.17
CA GLY A 13 5.91 7.22 -18.45
C GLY A 13 4.40 7.27 -18.29
N PRO A 14 3.79 6.18 -17.79
CA PRO A 14 2.34 6.09 -17.61
C PRO A 14 1.84 6.92 -16.41
N THR A 15 0.58 6.71 -16.06
CA THR A 15 -0.05 7.43 -14.95
C THR A 15 0.56 7.02 -13.61
N HIS A 16 1.16 5.84 -13.58
CA HIS A 16 1.74 5.32 -12.35
C HIS A 16 2.93 6.15 -11.95
N SER A 17 2.82 6.75 -10.80
CA SER A 17 3.85 7.61 -10.27
C SER A 17 4.73 6.88 -9.28
N SER A 18 6.05 7.07 -9.40
CA SER A 18 7.00 6.39 -8.52
C SER A 18 7.19 7.15 -7.20
N THR A 19 6.49 8.27 -7.08
CA THR A 19 6.51 9.06 -5.86
C THR A 19 5.15 8.95 -5.17
N LEU A 20 4.32 8.06 -5.69
CA LEU A 20 2.97 7.87 -5.21
C LEU A 20 2.96 7.19 -3.84
N PHE A 21 3.78 6.18 -3.69
CA PHE A 21 3.87 5.42 -2.46
C PHE A 21 4.95 5.97 -1.53
N VAL A 22 5.50 7.11 -1.89
CA VAL A 22 6.51 7.75 -1.07
C VAL A 22 5.86 8.83 -0.21
N ARG A 23 6.10 8.77 1.08
CA ARG A 23 5.51 9.72 2.01
C ARG A 23 6.22 11.07 1.87
N ASP A 24 5.60 12.13 2.38
CA ASP A 24 6.20 13.48 2.31
C ASP A 24 7.46 13.58 3.16
N ASP A 25 7.65 12.60 4.03
CA ASP A 25 8.84 12.53 4.87
C ASP A 25 10.03 11.99 4.06
N GLY A 26 9.74 11.49 2.86
CA GLY A 26 10.78 10.98 2.00
C GLY A 26 10.94 9.48 2.12
N SER A 27 10.26 8.90 3.09
CA SER A 27 10.35 7.48 3.33
C SER A 27 9.36 6.70 2.47
N SER A 28 9.83 5.64 1.86
CA SER A 28 9.00 4.76 1.09
C SER A 28 8.47 3.66 2.01
N MET A 29 7.16 3.65 2.20
CA MET A 29 6.53 2.71 3.15
C MET A 29 6.56 1.28 2.63
N SER A 30 6.50 0.32 3.55
CA SER A 30 6.48 -1.09 3.21
C SER A 30 5.09 -1.67 3.50
N PHE A 31 4.57 -2.41 2.56
CA PHE A 31 3.24 -2.98 2.69
C PHE A 31 3.29 -4.50 2.54
N TYR A 32 2.69 -5.20 3.49
CA TYR A 32 2.67 -6.65 3.51
C TYR A 32 1.38 -7.18 2.90
N VAL A 33 1.52 -8.01 1.89
CA VAL A 33 0.37 -8.59 1.22
C VAL A 33 0.20 -10.06 1.62
N ARG A 34 -1.00 -10.42 2.00
CA ARG A 34 -1.31 -11.79 2.36
C ARG A 34 -1.39 -12.68 1.12
N PRO A 35 -1.19 -14.01 1.29
CA PRO A 35 -1.30 -14.96 0.19
C PRO A 35 -2.68 -14.94 -0.43
N SER A 36 -2.80 -14.29 -1.57
CA SER A 36 -4.07 -14.18 -2.28
C SER A 36 -3.80 -13.97 -3.77
N PRO A 37 -4.71 -14.43 -4.63
CA PRO A 37 -4.57 -14.26 -6.09
C PRO A 37 -4.51 -12.78 -6.50
N ALA A 38 -4.98 -11.90 -5.63
CA ALA A 38 -5.01 -10.47 -5.91
C ALA A 38 -3.71 -9.80 -5.50
N LYS A 39 -2.85 -10.50 -4.75
CA LYS A 39 -1.58 -9.90 -4.28
C LYS A 39 -0.70 -9.48 -5.46
N ARG A 40 -0.79 -10.23 -6.55
CA ARG A 40 0.02 -9.97 -7.74
C ARG A 40 -0.33 -8.60 -8.34
N ARG A 41 -1.58 -8.22 -8.20
CA ARG A 41 -2.05 -6.93 -8.70
C ARG A 41 -1.56 -5.81 -7.78
N LEU A 42 -1.48 -6.12 -6.50
CA LEU A 42 -1.07 -5.15 -5.50
C LEU A 42 0.45 -4.91 -5.55
N SER A 43 1.21 -6.00 -5.54
CA SER A 43 2.68 -5.95 -5.50
C SER A 43 3.28 -5.05 -6.59
N THR A 44 2.78 -5.19 -7.81
CA THR A 44 3.29 -4.41 -8.93
C THR A 44 2.96 -2.92 -8.76
N LEU A 45 1.77 -2.63 -8.28
CA LEU A 45 1.33 -1.25 -8.07
C LEU A 45 2.12 -0.59 -6.95
N ILE A 46 2.34 -1.34 -5.88
CA ILE A 46 3.07 -0.84 -4.72
C ILE A 46 4.49 -0.40 -5.10
N LEU A 47 5.17 -1.24 -5.84
CA LEU A 47 6.54 -0.96 -6.22
C LEU A 47 6.64 0.10 -7.30
N HIS A 48 5.74 0.07 -8.27
CA HIS A 48 5.74 1.10 -9.31
C HIS A 48 5.29 2.42 -8.72
N GLY A 49 4.64 2.34 -7.55
CA GLY A 49 4.23 3.52 -6.85
C GLY A 49 5.38 4.11 -6.05
N GLY A 50 6.38 3.30 -5.77
CA GLY A 50 7.54 3.78 -5.04
C GLY A 50 7.71 3.16 -3.69
N GLY A 51 6.84 2.21 -3.36
CA GLY A 51 6.92 1.57 -2.07
C GLY A 51 7.52 0.19 -2.16
N THR A 52 7.71 -0.45 -1.03
CA THR A 52 8.28 -1.78 -0.98
C THR A 52 7.23 -2.77 -0.48
N VAL A 53 7.15 -3.92 -1.12
CA VAL A 53 6.17 -4.91 -0.74
C VAL A 53 6.83 -6.02 0.09
N CYS A 54 6.17 -6.41 1.14
CA CYS A 54 6.67 -7.44 2.01
C CYS A 54 5.87 -8.72 1.80
N ARG A 55 6.58 -9.83 1.61
CA ARG A 55 5.93 -11.11 1.40
C ARG A 55 5.53 -11.71 2.73
N VAL A 56 6.10 -11.17 3.79
CA VAL A 56 5.81 -11.60 5.14
C VAL A 56 5.54 -10.39 6.02
N GLN A 57 4.87 -10.60 7.14
CA GLN A 57 4.53 -9.53 8.04
C GLN A 57 5.77 -9.01 8.75
N GLU A 58 6.31 -7.92 8.24
CA GLU A 58 7.50 -7.31 8.80
C GLU A 58 7.13 -6.26 9.85
N PRO A 59 8.05 -5.98 10.77
CA PRO A 59 7.84 -4.97 11.82
C PRO A 59 7.74 -3.57 11.22
N GLY A 60 6.53 -3.05 11.16
CA GLY A 60 6.31 -1.75 10.60
C GLY A 60 5.71 -1.82 9.22
N ALA A 61 5.44 -3.03 8.76
CA ALA A 61 4.83 -3.23 7.47
C ALA A 61 3.32 -3.26 7.62
N VAL A 62 2.64 -2.56 6.75
CA VAL A 62 1.19 -2.48 6.79
C VAL A 62 0.58 -3.80 6.35
N LEU A 63 -0.42 -4.27 7.08
CA LEU A 63 -1.06 -5.53 6.77
C LEU A 63 -2.17 -5.35 5.74
N LEU A 64 -2.01 -6.00 4.59
CA LEU A 64 -3.00 -5.93 3.53
C LEU A 64 -3.68 -7.26 3.29
N ALA A 65 -4.97 -7.20 3.05
CA ALA A 65 -5.78 -8.37 2.81
C ALA A 65 -6.96 -8.01 1.96
N GLN A 66 -7.58 -9.01 1.38
CA GLN A 66 -8.75 -8.80 0.55
C GLN A 66 -9.85 -8.09 1.35
N PRO A 67 -10.62 -7.21 0.69
CA PRO A 67 -11.68 -6.41 1.35
C PRO A 67 -12.86 -7.26 1.80
N GLY A 68 -12.84 -8.53 1.43
CA GLY A 68 -13.91 -9.41 1.77
C GLY A 68 -14.89 -9.57 0.64
N GLU A 69 -14.71 -8.75 -0.39
CA GLU A 69 -15.56 -8.78 -1.58
C GLU A 69 -15.51 -10.14 -2.22
N ALA A 70 -14.36 -10.74 -2.17
CA ALA A 70 -14.15 -12.05 -2.71
C ALA A 70 -13.95 -13.03 -1.57
N LEU A 71 -12.79 -12.99 -0.97
CA LEU A 71 -12.48 -13.82 0.18
C LEU A 71 -12.10 -12.94 1.37
N ALA A 72 -12.35 -13.42 2.57
CA ALA A 72 -12.00 -12.68 3.77
C ALA A 72 -10.64 -13.12 4.28
N GLU A 73 -9.62 -12.33 3.97
CA GLU A 73 -8.26 -12.64 4.37
C GLU A 73 -7.86 -11.90 5.63
N ALA A 74 -8.78 -11.15 6.20
CA ALA A 74 -8.47 -10.39 7.39
C ALA A 74 -8.66 -11.22 8.65
N SER A 75 -7.59 -11.40 9.38
CA SER A 75 -7.64 -12.10 10.64
C SER A 75 -7.93 -11.12 11.76
N GLY A 76 -7.22 -10.00 11.75
CA GLY A 76 -7.43 -8.94 12.71
C GLY A 76 -7.54 -7.61 12.02
N ASP A 77 -6.61 -6.72 12.29
CA ASP A 77 -6.59 -5.42 11.64
C ASP A 77 -5.90 -5.51 10.29
N PHE A 78 -6.59 -5.08 9.26
CA PHE A 78 -6.06 -5.11 7.90
C PHE A 78 -6.55 -3.90 7.13
N ILE A 79 -5.80 -3.54 6.11
CA ILE A 79 -6.15 -2.44 5.25
C ILE A 79 -6.80 -2.97 3.97
N SER A 80 -7.79 -2.26 3.47
CA SER A 80 -8.47 -2.65 2.23
C SER A 80 -7.54 -2.46 1.03
N THR A 81 -7.52 -3.47 0.15
CA THR A 81 -6.68 -3.45 -1.05
C THR A 81 -7.03 -2.25 -1.95
N GLN A 82 -8.26 -1.75 -1.81
CA GLN A 82 -8.76 -0.64 -2.60
C GLN A 82 -7.82 0.58 -2.54
N TYR A 83 -7.08 0.70 -1.46
CA TYR A 83 -6.16 1.80 -1.26
C TYR A 83 -5.18 1.92 -2.44
N ILE A 84 -4.81 0.78 -3.01
CA ILE A 84 -3.89 0.73 -4.13
C ILE A 84 -4.39 1.59 -5.29
N LEU A 85 -5.64 1.34 -5.66
CA LEU A 85 -6.24 2.02 -6.79
C LEU A 85 -6.66 3.44 -6.43
N ASP A 86 -7.19 3.60 -5.23
CA ASP A 86 -7.70 4.91 -4.78
C ASP A 86 -6.56 5.93 -4.69
N CYS A 87 -5.42 5.49 -4.20
CA CYS A 87 -4.26 6.35 -4.08
C CYS A 87 -3.69 6.74 -5.46
N VAL A 88 -3.49 5.76 -6.33
CA VAL A 88 -2.91 6.04 -7.64
C VAL A 88 -3.90 6.81 -8.53
N GLU A 89 -5.19 6.52 -8.37
CA GLU A 89 -6.24 7.19 -9.14
C GLU A 89 -6.18 8.70 -8.92
N ARG A 90 -6.08 9.10 -7.66
CA ARG A 90 -6.04 10.51 -7.29
C ARG A 90 -4.60 11.02 -7.34
N ASN A 91 -3.67 10.12 -7.66
CA ASN A 91 -2.23 10.44 -7.74
C ASN A 91 -1.74 11.05 -6.42
N GLU A 92 -2.28 10.56 -5.33
CA GLU A 92 -1.90 11.04 -4.03
C GLU A 92 -2.07 9.95 -2.99
N ARG A 93 -1.12 9.86 -2.08
CA ARG A 93 -1.21 8.88 -1.01
C ARG A 93 -2.22 9.35 0.01
N LEU A 94 -3.36 8.69 0.03
CA LEU A 94 -4.43 9.05 0.92
C LEU A 94 -4.27 8.35 2.25
N GLU A 95 -4.88 8.91 3.28
CA GLU A 95 -4.77 8.39 4.65
C GLU A 95 -5.04 6.90 4.72
N LEU A 96 -3.98 6.15 4.97
CA LEU A 96 -4.03 4.70 5.06
C LEU A 96 -5.02 4.25 6.13
N GLU A 97 -4.99 4.94 7.27
CA GLU A 97 -5.85 4.60 8.41
C GLU A 97 -7.34 4.69 8.06
N ALA A 98 -7.65 5.39 6.99
CA ALA A 98 -9.02 5.52 6.54
C ALA A 98 -9.49 4.26 5.82
N TYR A 99 -8.54 3.50 5.29
CA TYR A 99 -8.84 2.28 4.56
C TYR A 99 -8.88 1.07 5.49
N ARG A 100 -8.97 1.34 6.79
CA ARG A 100 -8.99 0.26 7.78
C ARG A 100 -10.18 -0.66 7.57
N LEU A 101 -9.89 -1.90 7.28
CA LEU A 101 -10.89 -2.92 7.05
C LEU A 101 -11.19 -3.68 8.32
N GLY A 102 -10.19 -3.81 9.16
CA GLY A 102 -10.34 -4.52 10.40
C GLY A 102 -10.34 -3.60 11.59
N PRO A 103 -10.80 -4.08 12.75
CA PRO A 103 -10.82 -3.29 13.97
C PRO A 103 -9.44 -3.24 14.63
N ALA A 104 -8.99 -2.03 14.93
CA ALA A 104 -7.69 -1.83 15.56
C ALA A 104 -7.69 -2.37 16.99
N SER A 105 -7.12 -3.54 17.16
CA SER A 105 -7.06 -4.18 18.45
C SER A 105 -5.74 -3.88 19.16
N ALA A 106 -4.70 -3.63 18.38
CA ALA A 106 -3.39 -3.34 18.92
C ALA A 106 -3.33 -1.90 19.42
N ALA A 107 -2.61 -1.70 20.53
CA ALA A 107 -2.46 -0.40 21.16
C ALA A 107 -3.80 0.22 21.51
N ASP A 108 -4.36 -0.22 22.62
CA ASP A 108 -5.65 0.28 23.08
C ASP A 108 -5.52 1.69 23.64
N THR A 109 -4.37 1.98 24.23
CA THR A 109 -4.12 3.26 24.82
C THR A 109 -2.62 3.55 24.86
N GLY A 110 -2.26 4.82 24.90
CA GLY A 110 -0.88 5.20 24.97
C GLY A 110 -0.30 5.50 23.60
N SER A 111 -0.72 6.60 23.01
CA SER A 111 -0.20 7.02 21.73
C SER A 111 1.13 7.75 21.90
N GLU A 112 1.20 8.56 22.94
CA GLU A 112 2.40 9.28 23.27
C GLU A 112 2.51 9.44 24.78
N ALA A 113 3.69 9.20 25.30
CA ALA A 113 3.92 9.31 26.73
C ALA A 113 4.57 10.62 27.07
N LYS A 114 3.81 11.49 27.74
CA LYS A 114 4.27 12.81 28.14
C LYS A 114 4.68 13.64 26.93
N MET A 1 24.14 -9.52 -27.22
CA MET A 1 23.49 -8.29 -26.71
C MET A 1 24.48 -7.15 -26.70
N ALA A 2 23.98 -5.94 -26.84
CA ALA A 2 24.81 -4.76 -26.80
C ALA A 2 24.17 -3.72 -25.89
N GLU A 3 24.68 -3.64 -24.67
CA GLU A 3 24.13 -2.71 -23.69
C GLU A 3 24.62 -1.28 -23.94
N ALA A 4 23.86 -0.32 -23.45
CA ALA A 4 24.16 1.08 -23.63
C ALA A 4 23.60 1.88 -22.46
N MET A 5 23.63 3.19 -22.58
CA MET A 5 23.13 4.05 -21.52
C MET A 5 21.79 4.67 -21.92
N ASP A 6 20.76 4.39 -21.13
CA ASP A 6 19.44 4.94 -21.40
C ASP A 6 19.38 6.40 -21.00
N LEU A 7 19.05 7.24 -21.95
CA LEU A 7 18.98 8.67 -21.71
C LEU A 7 17.61 9.20 -22.08
N GLY A 8 17.20 10.26 -21.41
CA GLY A 8 15.91 10.85 -21.68
C GLY A 8 14.90 10.54 -20.61
N LYS A 9 14.44 11.57 -19.93
CA LYS A 9 13.47 11.42 -18.86
C LYS A 9 12.05 11.48 -19.41
N ASP A 10 11.87 10.90 -20.58
CA ASP A 10 10.58 10.85 -21.25
C ASP A 10 9.57 10.06 -20.41
N PRO A 11 8.28 10.41 -20.48
CA PRO A 11 7.24 9.72 -19.72
C PRO A 11 6.97 8.31 -20.25
N ASN A 12 7.80 7.38 -19.84
CA ASN A 12 7.67 5.99 -20.26
C ASN A 12 7.18 5.14 -19.09
N GLY A 13 7.17 5.74 -17.90
CA GLY A 13 6.73 5.05 -16.71
C GLY A 13 5.26 4.68 -16.74
N PRO A 14 4.78 3.97 -15.72
CA PRO A 14 3.38 3.54 -15.64
C PRO A 14 2.43 4.66 -15.22
N THR A 15 1.14 4.37 -15.26
CA THR A 15 0.11 5.34 -14.87
C THR A 15 0.20 5.63 -13.38
N HIS A 16 0.53 4.61 -12.62
CA HIS A 16 0.66 4.74 -11.18
C HIS A 16 1.92 5.52 -10.87
N SER A 17 1.76 6.67 -10.22
CA SER A 17 2.87 7.52 -9.87
C SER A 17 3.87 6.78 -8.99
N SER A 18 5.14 6.88 -9.35
CA SER A 18 6.18 6.20 -8.62
C SER A 18 6.60 6.98 -7.38
N THR A 19 5.97 8.12 -7.16
CA THR A 19 6.20 8.90 -5.98
C THR A 19 4.93 8.96 -5.14
N LEU A 20 3.94 8.15 -5.53
CA LEU A 20 2.65 8.12 -4.87
C LEU A 20 2.77 7.41 -3.51
N PHE A 21 3.50 6.32 -3.49
CA PHE A 21 3.70 5.53 -2.29
C PHE A 21 4.91 6.02 -1.51
N VAL A 22 5.47 7.14 -1.93
CA VAL A 22 6.64 7.70 -1.30
C VAL A 22 6.26 8.94 -0.51
N ARG A 23 6.77 9.05 0.70
CA ARG A 23 6.54 10.23 1.51
C ARG A 23 7.41 11.37 0.98
N ASP A 24 7.00 12.61 1.24
CA ASP A 24 7.75 13.78 0.77
C ASP A 24 9.15 13.83 1.38
N ASP A 25 9.35 13.03 2.40
CA ASP A 25 10.63 12.91 3.09
C ASP A 25 11.58 12.01 2.29
N GLY A 26 11.04 11.32 1.30
CA GLY A 26 11.82 10.41 0.49
C GLY A 26 11.76 9.00 1.01
N SER A 27 11.13 8.83 2.16
CA SER A 27 11.02 7.55 2.80
C SER A 27 9.84 6.74 2.25
N SER A 28 10.13 5.55 1.77
CA SER A 28 9.12 4.64 1.28
C SER A 28 8.63 3.72 2.39
N MET A 29 7.32 3.52 2.46
CA MET A 29 6.73 2.65 3.48
C MET A 29 6.67 1.21 3.00
N SER A 30 6.51 0.28 3.93
CA SER A 30 6.42 -1.14 3.60
C SER A 30 5.00 -1.65 3.80
N PHE A 31 4.48 -2.32 2.79
CA PHE A 31 3.14 -2.85 2.84
C PHE A 31 3.16 -4.36 2.64
N TYR A 32 2.57 -5.06 3.58
CA TYR A 32 2.49 -6.51 3.55
C TYR A 32 1.18 -6.96 2.94
N VAL A 33 1.27 -7.79 1.93
CA VAL A 33 0.10 -8.29 1.26
C VAL A 33 -0.02 -9.80 1.46
N ARG A 34 -1.22 -10.25 1.80
CA ARG A 34 -1.49 -11.67 2.02
C ARG A 34 -1.23 -12.49 0.77
N PRO A 35 -0.47 -13.61 0.89
CA PRO A 35 -0.17 -14.51 -0.22
C PRO A 35 -1.45 -15.04 -0.87
N SER A 36 -1.77 -14.47 -2.02
CA SER A 36 -2.96 -14.81 -2.76
C SER A 36 -2.76 -14.40 -4.22
N PRO A 37 -3.59 -14.90 -5.17
CA PRO A 37 -3.49 -14.54 -6.59
C PRO A 37 -3.51 -13.02 -6.82
N ALA A 38 -4.22 -12.30 -5.96
CA ALA A 38 -4.33 -10.85 -6.06
C ALA A 38 -3.05 -10.16 -5.59
N LYS A 39 -2.32 -10.81 -4.68
CA LYS A 39 -1.07 -10.28 -4.14
C LYS A 39 -0.10 -9.92 -5.25
N ARG A 40 -0.06 -10.77 -6.27
CA ARG A 40 0.83 -10.59 -7.41
C ARG A 40 0.59 -9.23 -8.09
N ARG A 41 -0.68 -8.88 -8.25
CA ARG A 41 -1.05 -7.62 -8.88
C ARG A 41 -0.75 -6.45 -7.96
N LEU A 42 -1.03 -6.63 -6.69
CA LEU A 42 -0.84 -5.57 -5.70
C LEU A 42 0.65 -5.27 -5.49
N SER A 43 1.45 -6.32 -5.36
CA SER A 43 2.89 -6.19 -5.11
C SER A 43 3.57 -5.32 -6.18
N THR A 44 3.30 -5.63 -7.43
CA THR A 44 3.93 -4.89 -8.52
C THR A 44 3.42 -3.44 -8.58
N LEU A 45 2.16 -3.22 -8.23
CA LEU A 45 1.59 -1.88 -8.24
C LEU A 45 2.16 -1.05 -7.08
N ILE A 46 2.37 -1.70 -5.94
CA ILE A 46 2.96 -1.03 -4.77
C ILE A 46 4.38 -0.57 -5.09
N LEU A 47 5.16 -1.45 -5.70
CA LEU A 47 6.54 -1.14 -6.05
C LEU A 47 6.60 -0.02 -7.08
N HIS A 48 5.67 -0.03 -8.04
CA HIS A 48 5.61 1.00 -9.06
C HIS A 48 5.06 2.30 -8.50
N GLY A 49 4.42 2.21 -7.33
CA GLY A 49 3.94 3.39 -6.65
C GLY A 49 5.04 4.05 -5.88
N GLY A 50 6.11 3.31 -5.65
CA GLY A 50 7.23 3.83 -4.91
C GLY A 50 7.36 3.23 -3.53
N GLY A 51 6.52 2.26 -3.22
CA GLY A 51 6.54 1.64 -1.93
C GLY A 51 7.26 0.32 -1.93
N THR A 52 7.38 -0.28 -0.77
CA THR A 52 8.03 -1.57 -0.64
C THR A 52 7.01 -2.61 -0.18
N VAL A 53 7.06 -3.79 -0.75
CA VAL A 53 6.11 -4.83 -0.42
C VAL A 53 6.77 -5.97 0.35
N CYS A 54 6.08 -6.46 1.36
CA CYS A 54 6.56 -7.57 2.16
C CYS A 54 5.76 -8.83 1.86
N ARG A 55 6.42 -9.98 1.86
CA ARG A 55 5.75 -11.25 1.59
C ARG A 55 5.15 -11.82 2.86
N VAL A 56 5.71 -11.43 4.00
CA VAL A 56 5.21 -11.86 5.29
C VAL A 56 5.01 -10.66 6.20
N GLN A 57 4.31 -10.87 7.30
CA GLN A 57 4.01 -9.79 8.23
C GLN A 57 5.28 -9.29 8.90
N GLU A 58 5.74 -8.13 8.47
CA GLU A 58 6.94 -7.53 9.02
C GLU A 58 6.60 -6.51 10.10
N PRO A 59 7.52 -6.29 11.04
CA PRO A 59 7.34 -5.30 12.11
C PRO A 59 7.29 -3.88 11.56
N GLY A 60 6.13 -3.28 11.65
CA GLY A 60 5.96 -1.92 11.16
C GLY A 60 5.40 -1.88 9.75
N ALA A 61 5.08 -3.05 9.22
CA ALA A 61 4.50 -3.14 7.90
C ALA A 61 2.99 -3.16 7.98
N VAL A 62 2.34 -2.58 6.99
CA VAL A 62 0.89 -2.52 6.92
C VAL A 62 0.33 -3.85 6.42
N LEU A 63 -0.81 -4.27 6.93
CA LEU A 63 -1.40 -5.54 6.53
C LEU A 63 -2.50 -5.33 5.47
N LEU A 64 -2.35 -6.01 4.33
CA LEU A 64 -3.30 -5.91 3.24
C LEU A 64 -3.94 -7.26 2.92
N ALA A 65 -5.23 -7.23 2.63
CA ALA A 65 -5.98 -8.44 2.29
C ALA A 65 -7.23 -8.08 1.51
N GLN A 66 -7.76 -9.03 0.75
CA GLN A 66 -8.97 -8.79 -0.01
C GLN A 66 -10.20 -9.02 0.86
N PRO A 67 -11.08 -8.01 0.93
CA PRO A 67 -12.29 -8.09 1.75
C PRO A 67 -13.39 -8.96 1.12
N GLY A 68 -13.88 -8.55 -0.03
CA GLY A 68 -14.97 -9.27 -0.68
C GLY A 68 -16.32 -8.77 -0.20
N GLU A 69 -16.32 -8.18 0.98
CA GLU A 69 -17.51 -7.63 1.59
C GLU A 69 -17.14 -6.34 2.33
N ALA A 70 -18.07 -5.82 3.12
CA ALA A 70 -17.82 -4.62 3.88
C ALA A 70 -17.17 -4.93 5.23
N LEU A 71 -17.26 -6.19 5.62
CA LEU A 71 -16.72 -6.63 6.90
C LEU A 71 -15.31 -7.21 6.73
N ALA A 72 -14.52 -7.14 7.78
CA ALA A 72 -13.18 -7.68 7.79
C ALA A 72 -13.20 -9.14 8.20
N GLU A 73 -12.87 -10.01 7.25
CA GLU A 73 -12.81 -11.45 7.52
C GLU A 73 -11.42 -11.81 8.02
N ALA A 74 -10.58 -10.79 8.14
CA ALA A 74 -9.21 -10.97 8.53
C ALA A 74 -9.05 -11.11 10.04
N SER A 75 -7.84 -11.44 10.45
CA SER A 75 -7.51 -11.64 11.84
C SER A 75 -7.08 -10.34 12.52
N GLY A 76 -5.97 -9.78 12.05
CA GLY A 76 -5.49 -8.55 12.61
C GLY A 76 -6.06 -7.37 11.87
N ASP A 77 -5.65 -6.15 12.22
CA ASP A 77 -6.14 -5.00 11.50
C ASP A 77 -5.59 -5.04 10.09
N PHE A 78 -6.49 -5.01 9.14
CA PHE A 78 -6.13 -5.12 7.75
C PHE A 78 -6.68 -3.96 6.95
N ILE A 79 -5.91 -3.52 5.99
CA ILE A 79 -6.30 -2.45 5.11
C ILE A 79 -6.90 -3.01 3.82
N SER A 80 -7.86 -2.30 3.26
CA SER A 80 -8.49 -2.71 2.02
C SER A 80 -7.54 -2.50 0.83
N THR A 81 -7.52 -3.47 -0.06
CA THR A 81 -6.69 -3.43 -1.27
C THR A 81 -7.05 -2.23 -2.15
N GLN A 82 -8.28 -1.73 -1.99
CA GLN A 82 -8.79 -0.59 -2.76
C GLN A 82 -7.85 0.62 -2.67
N TYR A 83 -7.14 0.72 -1.57
CA TYR A 83 -6.23 1.83 -1.34
C TYR A 83 -5.23 2.00 -2.48
N ILE A 84 -4.82 0.87 -3.09
CA ILE A 84 -3.88 0.91 -4.19
C ILE A 84 -4.39 1.79 -5.33
N LEU A 85 -5.63 1.54 -5.72
CA LEU A 85 -6.23 2.27 -6.82
C LEU A 85 -6.71 3.65 -6.41
N ASP A 86 -7.30 3.74 -5.23
CA ASP A 86 -7.90 4.99 -4.74
C ASP A 86 -6.83 6.05 -4.49
N CYS A 87 -5.73 5.64 -3.88
CA CYS A 87 -4.63 6.55 -3.57
C CYS A 87 -4.06 7.14 -4.84
N VAL A 88 -3.79 6.28 -5.79
CA VAL A 88 -3.20 6.67 -7.03
C VAL A 88 -4.19 7.45 -7.90
N GLU A 89 -5.47 7.08 -7.80
CA GLU A 89 -6.51 7.73 -8.59
C GLU A 89 -6.64 9.21 -8.24
N ARG A 90 -6.44 9.53 -6.96
CA ARG A 90 -6.52 10.92 -6.50
C ARG A 90 -5.17 11.62 -6.70
N ASN A 91 -4.14 10.82 -7.00
CA ASN A 91 -2.78 11.33 -7.21
C ASN A 91 -2.23 11.97 -5.94
N GLU A 92 -2.62 11.43 -4.80
CA GLU A 92 -2.19 11.96 -3.53
C GLU A 92 -2.05 10.85 -2.49
N ARG A 93 -1.09 11.01 -1.58
CA ARG A 93 -0.93 10.05 -0.51
C ARG A 93 -2.09 10.25 0.45
N LEU A 94 -3.00 9.31 0.45
CA LEU A 94 -4.22 9.42 1.23
C LEU A 94 -4.09 8.73 2.58
N GLU A 95 -4.95 9.12 3.50
CA GLU A 95 -4.97 8.56 4.85
C GLU A 95 -5.17 7.05 4.82
N LEU A 96 -4.13 6.34 5.22
CA LEU A 96 -4.13 4.89 5.21
C LEU A 96 -5.22 4.31 6.10
N GLU A 97 -5.35 4.88 7.29
CA GLU A 97 -6.36 4.43 8.27
C GLU A 97 -7.77 4.51 7.71
N ALA A 98 -7.98 5.34 6.71
CA ALA A 98 -9.30 5.50 6.10
C ALA A 98 -9.70 4.26 5.31
N TYR A 99 -8.73 3.42 5.01
CA TYR A 99 -8.95 2.20 4.26
C TYR A 99 -8.99 0.99 5.17
N ARG A 100 -9.10 1.22 6.47
CA ARG A 100 -9.13 0.12 7.42
C ARG A 100 -10.37 -0.73 7.23
N LEU A 101 -10.15 -2.00 6.99
CA LEU A 101 -11.23 -2.94 6.79
C LEU A 101 -11.83 -3.34 8.13
N GLY A 102 -10.97 -3.45 9.12
CA GLY A 102 -11.41 -3.80 10.45
C GLY A 102 -10.24 -3.86 11.42
N PRO A 103 -10.52 -3.98 12.73
CA PRO A 103 -9.49 -4.06 13.76
C PRO A 103 -8.94 -5.47 13.90
N ALA A 104 -8.14 -5.68 14.92
CA ALA A 104 -7.53 -6.97 15.17
C ALA A 104 -8.29 -7.76 16.22
N SER A 105 -8.49 -9.03 15.93
CA SER A 105 -9.12 -9.94 16.85
C SER A 105 -8.07 -10.88 17.44
N ALA A 106 -7.39 -11.61 16.55
CA ALA A 106 -6.31 -12.52 16.91
C ALA A 106 -5.65 -13.03 15.64
N ALA A 107 -4.37 -12.74 15.47
CA ALA A 107 -3.66 -13.16 14.28
C ALA A 107 -3.19 -14.60 14.39
N ASP A 108 -4.10 -15.52 14.11
CA ASP A 108 -3.79 -16.95 14.16
C ASP A 108 -3.55 -17.48 12.76
N THR A 109 -3.88 -16.67 11.77
CA THR A 109 -3.71 -17.06 10.38
C THR A 109 -2.48 -16.36 9.79
N GLY A 110 -1.56 -15.95 10.68
CA GLY A 110 -0.37 -15.23 10.27
C GLY A 110 0.39 -15.92 9.15
N SER A 111 0.69 -17.19 9.34
CA SER A 111 1.42 -17.96 8.34
C SER A 111 0.61 -19.19 7.92
N GLU A 112 0.15 -19.19 6.67
CA GLU A 112 -0.58 -20.33 6.14
C GLU A 112 0.39 -21.43 5.77
N ALA A 113 0.02 -22.67 6.07
CA ALA A 113 0.87 -23.83 5.80
C ALA A 113 2.12 -23.79 6.68
N LYS A 114 2.00 -24.33 7.87
CA LYS A 114 3.10 -24.34 8.80
C LYS A 114 3.45 -25.76 9.22
#